data_8FHJ
#
_entry.id   8FHJ
#
_cell.length_a   148.347
_cell.length_b   96.765
_cell.length_c   135.206
_cell.angle_alpha   90.00
_cell.angle_beta   116.41
_cell.angle_gamma   90.00
#
_symmetry.space_group_name_H-M   'C 1 2 1'
#
loop_
_entity.id
_entity.type
_entity.pdbx_description
1 polymer Monooxygenase
2 non-polymer 'FLAVIN-ADENINE DINUCLEOTIDE'
3 non-polymer GLYCEROL
4 non-polymer 'BROMIDE ION'
5 non-polymer 'SODIUM ION'
6 water water
#
_entity_poly.entity_id   1
_entity_poly.type   'polypeptide(L)'
_entity_poly.pdbx_seq_one_letter_code
;MSVERVPVLIVGAGYAGLSAATLLAWRGVPCRLVERRASTSRLPKAHGINRRSMEVLRVVPGLEDALFAASRAGANESTL
IIAESVTSPPIETLVTKISLDATPVSPSRICTAGQDRVEPVLLRFARENGADVRFSTTLERFSQRDDGVDAILRDEASGQ
ETTVLADYMIAADGAGGTIRDVGGVKMEGPGVLADTISVLFEADLDSILPGGGFALYYLRNPAFSGAFVTCDEPNHGQIN
IEYDSTRDQASDFDEERCEALVRQSLGVADLAVKILDIRPWQMAALLADRMSFGRVFLAGDCAHITPPVGGLGGQTAIQD
AADLAWKLALVVKGQAAPTLLDSYEIERRPVARIAIARSIANYVERLLPDRQDIRIREDEYGLLETAMGYRYRSDAIIAD
EFDDGACVEDPLRPSGAPGTRLAHVWLRRGEETISSHDLIGRDFMLFTGPDGGDWIEAARRIALRSKAPLGVCRLGFDVD
DPEGLFLPRLRISPEGALLVRPDGYIAWRSRGRSPDPFATLEASFARVRGFDTGQSSGSHAAAFADASGSGHHHHHH
;
_entity_poly.pdbx_strand_id   A,B,C
#
# COMPACT_ATOMS: atom_id res chain seq x y z
N SER A 2 43.98 30.14 -22.78
CA SER A 2 43.78 29.14 -23.83
C SER A 2 43.60 27.78 -23.18
N VAL A 3 42.35 27.36 -22.96
CA VAL A 3 42.03 26.10 -22.31
C VAL A 3 41.21 25.24 -23.26
N GLU A 4 41.56 23.95 -23.34
CA GLU A 4 40.82 22.98 -24.13
C GLU A 4 39.36 22.95 -23.70
N ARG A 5 38.47 22.93 -24.68
CA ARG A 5 37.03 22.87 -24.45
C ARG A 5 36.46 21.64 -25.15
N VAL A 6 35.52 20.97 -24.50
CA VAL A 6 34.91 19.74 -24.99
C VAL A 6 33.42 19.71 -24.63
N PRO A 7 32.54 19.24 -25.53
CA PRO A 7 31.11 19.15 -25.16
C PRO A 7 30.81 18.26 -23.95
N VAL A 8 31.31 17.01 -23.96
CA VAL A 8 31.09 16.08 -22.85
C VAL A 8 32.44 15.47 -22.46
N LEU A 9 32.71 15.44 -21.16
CA LEU A 9 33.87 14.75 -20.60
C LEU A 9 33.41 13.52 -19.82
N ILE A 10 33.95 12.37 -20.17
CA ILE A 10 33.62 11.11 -19.50
C ILE A 10 34.79 10.69 -18.62
N VAL A 11 34.50 10.31 -17.39
CA VAL A 11 35.52 9.88 -16.45
C VAL A 11 35.32 8.38 -16.20
N GLY A 12 36.26 7.55 -16.65
CA GLY A 12 36.22 6.12 -16.39
C GLY A 12 35.88 5.31 -17.63
N ALA A 13 36.57 4.18 -17.80
CA ALA A 13 36.45 3.39 -19.02
C ALA A 13 36.04 1.94 -18.74
N GLY A 14 35.05 1.76 -17.87
CA GLY A 14 34.38 0.49 -17.73
C GLY A 14 33.20 0.44 -18.68
N TYR A 15 32.27 -0.48 -18.40
CA TYR A 15 31.06 -0.60 -19.22
C TYR A 15 30.40 0.75 -19.43
N ALA A 16 30.10 1.46 -18.34
CA ALA A 16 29.38 2.73 -18.45
C ALA A 16 30.11 3.71 -19.35
N GLY A 17 31.38 3.99 -19.04
CA GLY A 17 32.08 5.07 -19.71
C GLY A 17 32.33 4.81 -21.18
N LEU A 18 32.73 3.56 -21.51
CA LEU A 18 33.06 3.26 -22.89
C LEU A 18 31.81 3.18 -23.75
N SER A 19 30.71 2.66 -23.17
CA SER A 19 29.40 2.75 -23.82
C SER A 19 29.01 4.20 -24.05
N ALA A 20 29.20 5.06 -23.06
CA ALA A 20 28.77 6.45 -23.24
C ALA A 20 29.54 7.10 -24.37
N ALA A 21 30.86 6.88 -24.43
CA ALA A 21 31.70 7.43 -25.49
C ALA A 21 31.36 6.82 -26.85
N THR A 22 31.14 5.50 -26.90
CA THR A 22 30.82 4.88 -28.20
C THR A 22 29.56 5.49 -28.79
N LEU A 23 28.53 5.65 -27.96
CA LEU A 23 27.26 6.16 -28.42
C LEU A 23 27.31 7.67 -28.63
N LEU A 24 27.99 8.42 -27.75
CA LEU A 24 28.07 9.87 -27.93
C LEU A 24 28.76 10.21 -29.25
N ALA A 25 29.86 9.50 -29.53
CA ALA A 25 30.59 9.71 -30.77
C ALA A 25 29.75 9.36 -31.99
N TRP A 26 29.15 8.17 -31.99
CA TRP A 26 28.29 7.77 -33.10
C TRP A 26 27.20 8.81 -33.35
N ARG A 27 26.60 9.34 -32.28
CA ARG A 27 25.59 10.40 -32.36
C ARG A 27 26.20 11.78 -32.64
N GLY A 28 27.43 11.85 -33.13
CA GLY A 28 27.99 13.11 -33.57
C GLY A 28 28.52 14.05 -32.50
N VAL A 29 28.56 13.62 -31.25
CA VAL A 29 29.01 14.49 -30.15
C VAL A 29 30.49 14.23 -29.89
N PRO A 30 31.36 15.23 -30.07
CA PRO A 30 32.76 15.05 -29.70
C PRO A 30 32.88 14.97 -28.18
N CYS A 31 33.61 13.96 -27.72
CA CYS A 31 33.75 13.75 -26.29
C CYS A 31 35.17 13.29 -26.01
N ARG A 32 35.54 13.41 -24.75
CA ARG A 32 36.80 12.91 -24.23
C ARG A 32 36.48 12.03 -23.04
N LEU A 33 37.08 10.84 -23.02
CA LEU A 33 36.97 9.91 -21.91
C LEU A 33 38.36 9.79 -21.30
N VAL A 34 38.47 10.08 -20.00
CA VAL A 34 39.72 9.87 -19.29
C VAL A 34 39.59 8.60 -18.47
N GLU A 35 40.73 7.94 -18.23
CA GLU A 35 40.76 6.69 -17.49
C GLU A 35 42.12 6.58 -16.81
N ARG A 36 42.10 6.26 -15.50
CA ARG A 36 43.32 6.18 -14.69
C ARG A 36 44.26 5.08 -15.19
N ARG A 37 43.72 3.90 -15.48
CA ARG A 37 44.55 2.76 -15.87
C ARG A 37 45.17 2.99 -17.23
N ALA A 38 46.16 2.16 -17.57
CA ALA A 38 46.92 2.37 -18.79
C ALA A 38 46.21 1.85 -20.03
N SER A 39 45.38 0.84 -19.88
CA SER A 39 44.68 0.25 -21.01
C SER A 39 43.40 -0.38 -20.48
N THR A 40 42.69 -1.06 -21.38
CA THR A 40 41.53 -1.86 -21.00
C THR A 40 41.92 -3.15 -20.28
N SER A 41 43.13 -3.68 -20.51
CA SER A 41 43.54 -4.98 -19.98
C SER A 41 43.47 -5.04 -18.47
N ARG A 42 42.43 -5.65 -17.94
CA ARG A 42 42.37 -6.04 -16.55
C ARG A 42 41.69 -7.40 -16.52
N LEU A 43 41.75 -8.05 -15.38
CA LEU A 43 41.08 -9.34 -15.36
C LEU A 43 39.56 -9.13 -15.22
N PRO A 44 38.76 -9.98 -15.87
CA PRO A 44 37.32 -9.67 -16.03
C PRO A 44 36.47 -10.15 -14.88
N LYS A 45 35.48 -9.32 -14.51
CA LYS A 45 34.45 -9.75 -13.57
C LYS A 45 33.16 -10.14 -14.27
N ALA A 46 32.61 -9.26 -15.11
CA ALA A 46 31.38 -9.50 -15.83
C ALA A 46 31.56 -10.53 -16.95
N HIS A 47 30.48 -11.24 -17.23
CA HIS A 47 30.35 -12.11 -18.41
C HIS A 47 28.94 -11.94 -18.94
N GLY A 48 28.82 -11.61 -20.21
CA GLY A 48 27.55 -11.54 -20.91
C GLY A 48 27.08 -10.12 -21.20
N ILE A 49 26.33 -9.98 -22.30
CA ILE A 49 25.56 -8.79 -22.66
C ILE A 49 24.13 -9.25 -22.97
N ASN A 50 23.16 -8.85 -22.15
CA ASN A 50 21.79 -9.28 -22.35
C ASN A 50 21.18 -8.58 -23.58
N ARG A 51 19.92 -8.92 -23.89
CA ARG A 51 19.28 -8.49 -25.13
C ARG A 51 18.96 -7.00 -25.15
N ARG A 52 18.64 -6.41 -23.98
CA ARG A 52 18.38 -4.97 -23.91
C ARG A 52 19.65 -4.17 -24.09
N SER A 53 20.74 -4.60 -23.43
CA SER A 53 22.03 -3.95 -23.61
C SER A 53 22.51 -4.08 -25.04
N MET A 54 22.28 -5.24 -25.67
CA MET A 54 22.65 -5.37 -27.07
C MET A 54 21.76 -4.51 -27.97
N GLU A 55 20.61 -4.08 -27.46
CA GLU A 55 19.70 -3.29 -28.29
C GLU A 55 20.14 -1.84 -28.38
N VAL A 56 20.64 -1.29 -27.27
CA VAL A 56 21.16 0.07 -27.28
C VAL A 56 22.54 0.13 -27.94
N LEU A 57 23.30 -0.97 -27.96
CA LEU A 57 24.61 -1.00 -28.59
C LEU A 57 24.56 -1.23 -30.09
N ARG A 58 23.50 -1.87 -30.62
CA ARG A 58 23.47 -2.25 -32.05
C ARG A 58 23.16 -1.08 -32.97
N VAL A 59 22.74 0.07 -32.44
CA VAL A 59 22.55 1.25 -33.26
C VAL A 59 23.87 1.70 -33.86
N VAL A 60 24.99 1.22 -33.32
CA VAL A 60 26.32 1.53 -33.87
C VAL A 60 26.63 0.49 -34.93
N PRO A 61 26.71 0.89 -36.20
CA PRO A 61 27.09 -0.04 -37.28
C PRO A 61 28.32 -0.87 -36.93
N GLY A 62 28.20 -2.20 -37.05
CA GLY A 62 29.29 -3.11 -36.83
C GLY A 62 29.50 -3.53 -35.38
N LEU A 63 28.97 -2.78 -34.42
CA LEU A 63 29.29 -3.05 -33.03
C LEU A 63 28.74 -4.39 -32.54
N GLU A 64 27.54 -4.79 -33.01
CA GLU A 64 26.92 -6.01 -32.49
C GLU A 64 27.61 -7.27 -33.01
N ASP A 65 27.94 -7.32 -34.30
CA ASP A 65 28.65 -8.48 -34.84
C ASP A 65 29.99 -8.66 -34.12
N ALA A 66 30.72 -7.55 -33.98
CA ALA A 66 32.03 -7.57 -33.35
C ALA A 66 31.98 -8.19 -31.96
N LEU A 67 30.98 -7.81 -31.15
CA LEU A 67 30.89 -8.35 -29.79
C LEU A 67 30.67 -9.86 -29.82
N PHE A 68 29.82 -10.32 -30.73
CA PHE A 68 29.61 -11.77 -30.83
C PHE A 68 30.86 -12.46 -31.32
N ALA A 69 31.63 -11.80 -32.18
CA ALA A 69 32.85 -12.40 -32.72
C ALA A 69 33.93 -12.52 -31.65
N ALA A 70 33.93 -11.63 -30.67
CA ALA A 70 34.95 -11.62 -29.64
C ALA A 70 34.69 -12.62 -28.53
N SER A 71 33.57 -13.33 -28.56
CA SER A 71 33.22 -14.29 -27.52
C SER A 71 33.61 -15.71 -27.91
N ARG A 72 34.04 -16.49 -26.92
CA ARG A 72 34.39 -17.87 -27.20
C ARG A 72 33.16 -18.74 -27.51
N ALA A 73 32.00 -18.44 -26.91
CA ALA A 73 30.82 -19.30 -26.95
C ALA A 73 29.74 -18.85 -27.94
N GLY A 74 29.53 -17.55 -28.14
CA GLY A 74 28.57 -17.14 -29.15
C GLY A 74 27.10 -17.14 -28.70
N ALA A 75 26.23 -16.86 -29.67
CA ALA A 75 24.86 -16.42 -29.37
C ALA A 75 24.03 -17.49 -28.67
N ASN A 76 23.41 -17.09 -27.55
CA ASN A 76 22.49 -17.91 -26.77
C ASN A 76 23.14 -19.15 -26.16
N GLU A 77 24.48 -19.24 -26.16
CA GLU A 77 25.14 -20.48 -25.73
C GLU A 77 25.49 -20.42 -24.24
N SER A 78 24.44 -20.32 -23.42
CA SER A 78 24.55 -20.00 -22.00
C SER A 78 23.78 -21.01 -21.15
N THR A 79 24.44 -21.53 -20.12
CA THR A 79 23.90 -22.59 -19.25
C THR A 79 24.10 -22.21 -17.80
N LEU A 80 23.00 -22.22 -17.01
CA LEU A 80 23.02 -21.80 -15.61
C LEU A 80 22.53 -22.93 -14.72
N ILE A 81 23.36 -23.34 -13.77
CA ILE A 81 23.09 -24.54 -12.96
C ILE A 81 23.40 -24.23 -11.49
N ILE A 82 22.62 -24.81 -10.58
CA ILE A 82 22.89 -24.75 -9.14
C ILE A 82 23.23 -26.15 -8.66
N ALA A 83 24.39 -26.34 -8.05
CA ALA A 83 24.79 -27.65 -7.52
C ALA A 83 25.75 -27.48 -6.34
N GLU A 84 26.28 -28.60 -5.85
CA GLU A 84 27.24 -28.60 -4.74
C GLU A 84 28.68 -28.57 -5.22
N SER A 85 28.91 -28.80 -6.52
CA SER A 85 30.19 -28.64 -7.20
C SER A 85 29.88 -28.78 -8.68
N VAL A 86 30.81 -28.35 -9.53
CA VAL A 86 30.49 -28.34 -10.96
C VAL A 86 30.39 -29.75 -11.54
N THR A 87 30.78 -30.77 -10.79
CA THR A 87 30.57 -32.14 -11.23
C THR A 87 29.60 -32.89 -10.31
N SER A 88 28.85 -32.18 -9.50
CA SER A 88 27.80 -32.80 -8.71
C SER A 88 26.48 -32.72 -9.46
N PRO A 89 25.57 -33.69 -9.22
CA PRO A 89 24.28 -33.67 -9.89
C PRO A 89 23.57 -32.35 -9.67
N PRO A 90 22.94 -31.80 -10.71
CA PRO A 90 22.29 -30.48 -10.58
C PRO A 90 21.27 -30.46 -9.45
N ILE A 91 21.20 -29.34 -8.75
CA ILE A 91 20.11 -29.09 -7.82
C ILE A 91 18.96 -28.36 -8.53
N GLU A 92 19.29 -27.52 -9.50
CA GLU A 92 18.30 -26.94 -10.40
C GLU A 92 19.02 -26.59 -11.69
N THR A 93 18.25 -26.13 -12.67
CA THR A 93 18.78 -25.60 -13.92
C THR A 93 17.90 -24.45 -14.37
N LEU A 94 18.53 -23.29 -14.62
CA LEU A 94 17.82 -22.02 -14.81
C LEU A 94 17.78 -21.54 -16.25
N VAL A 95 18.80 -21.84 -17.05
CA VAL A 95 18.96 -21.24 -18.37
C VAL A 95 19.69 -22.24 -19.27
N THR A 96 19.18 -22.39 -20.49
CA THR A 96 19.84 -23.20 -21.51
C THR A 96 19.78 -22.46 -22.84
N LYS A 97 20.52 -22.96 -23.82
CA LYS A 97 20.40 -22.41 -25.17
C LYS A 97 19.00 -22.60 -25.72
N ILE A 98 18.32 -23.70 -25.33
CA ILE A 98 16.93 -23.95 -25.73
C ILE A 98 15.97 -23.01 -25.01
N SER A 99 16.29 -22.61 -23.78
CA SER A 99 15.47 -21.65 -23.04
C SER A 99 15.54 -20.25 -23.65
N LEU A 100 16.74 -19.82 -24.06
CA LEU A 100 16.93 -18.49 -24.63
C LEU A 100 16.54 -18.44 -26.11
N ASP A 101 16.64 -19.58 -26.82
CA ASP A 101 16.14 -19.64 -28.20
C ASP A 101 14.62 -19.66 -28.23
N ALA A 102 13.97 -19.99 -27.12
CA ALA A 102 12.52 -20.06 -27.03
C ALA A 102 11.89 -18.73 -26.60
N THR A 103 12.64 -17.62 -26.70
CA THR A 103 12.15 -16.32 -26.27
C THR A 103 12.59 -15.27 -27.27
N PRO A 104 11.88 -15.16 -28.40
CA PRO A 104 12.26 -14.21 -29.46
C PRO A 104 11.82 -12.78 -29.18
N VAL A 105 12.15 -12.29 -27.99
CA VAL A 105 11.68 -10.98 -27.55
C VAL A 105 12.41 -9.82 -28.21
N SER A 106 13.54 -10.06 -28.86
CA SER A 106 14.44 -8.98 -29.25
C SER A 106 15.04 -9.26 -30.61
N PRO A 107 15.47 -8.22 -31.33
CA PRO A 107 16.24 -8.47 -32.56
C PRO A 107 17.56 -9.15 -32.27
N SER A 108 18.04 -9.10 -31.04
CA SER A 108 19.33 -9.65 -30.65
C SER A 108 19.15 -10.90 -29.79
N ARG A 109 20.23 -11.68 -29.68
CA ARG A 109 20.31 -12.80 -28.78
C ARG A 109 21.30 -12.47 -27.65
N ILE A 110 21.54 -13.44 -26.77
CA ILE A 110 22.50 -13.26 -25.69
C ILE A 110 23.90 -13.47 -26.23
N CYS A 111 24.79 -12.54 -25.90
CA CYS A 111 26.23 -12.63 -26.18
C CYS A 111 26.94 -12.95 -24.87
N THR A 112 27.80 -13.96 -24.89
CA THR A 112 28.43 -14.45 -23.67
C THR A 112 29.82 -13.87 -23.41
N ALA A 113 30.26 -12.89 -24.20
CA ALA A 113 31.62 -12.36 -24.11
C ALA A 113 31.91 -11.76 -22.75
N GLY A 114 33.12 -11.94 -22.28
CA GLY A 114 33.49 -11.43 -20.98
C GLY A 114 33.82 -9.97 -21.02
N GLN A 115 33.97 -9.39 -19.82
CA GLN A 115 34.43 -8.02 -19.69
C GLN A 115 35.74 -7.81 -20.43
N ASP A 116 36.72 -8.69 -20.19
CA ASP A 116 38.04 -8.53 -20.79
C ASP A 116 37.99 -8.58 -22.30
N ARG A 117 36.93 -9.15 -22.87
CA ARG A 117 36.66 -9.17 -24.30
C ARG A 117 35.78 -7.99 -24.75
N VAL A 118 34.77 -7.63 -23.96
CA VAL A 118 33.84 -6.60 -24.38
C VAL A 118 34.53 -5.23 -24.43
N GLU A 119 35.28 -4.87 -23.37
CA GLU A 119 35.80 -3.50 -23.28
C GLU A 119 36.76 -3.11 -24.41
N PRO A 120 37.69 -3.97 -24.88
CA PRO A 120 38.47 -3.59 -26.06
C PRO A 120 37.59 -3.29 -27.30
N VAL A 121 36.52 -4.07 -27.52
CA VAL A 121 35.65 -3.81 -28.67
C VAL A 121 34.96 -2.44 -28.53
N LEU A 122 34.42 -2.14 -27.35
CA LEU A 122 33.82 -0.84 -27.14
C LEU A 122 34.83 0.28 -27.36
N LEU A 123 36.08 0.10 -26.87
CA LEU A 123 37.13 1.08 -27.13
C LEU A 123 37.38 1.24 -28.61
N ARG A 124 37.51 0.12 -29.31
CA ARG A 124 37.61 0.13 -30.77
C ARG A 124 36.55 1.04 -31.40
N PHE A 125 35.26 0.76 -31.14
CA PHE A 125 34.22 1.49 -31.84
C PHE A 125 34.09 2.93 -31.34
N ALA A 126 34.38 3.21 -30.06
CA ALA A 126 34.37 4.59 -29.63
C ALA A 126 35.34 5.41 -30.46
N ARG A 127 36.61 4.98 -30.48
CA ARG A 127 37.63 5.70 -31.23
C ARG A 127 37.26 5.79 -32.71
N GLU A 128 36.81 4.66 -33.28
CA GLU A 128 36.37 4.66 -34.68
C GLU A 128 35.30 5.72 -34.93
N ASN A 129 34.36 5.87 -34.01
CA ASN A 129 33.32 6.86 -34.21
C ASN A 129 33.75 8.26 -33.75
N GLY A 130 35.03 8.48 -33.50
CA GLY A 130 35.55 9.80 -33.20
C GLY A 130 35.71 10.16 -31.73
N ALA A 131 35.60 9.21 -30.81
CA ALA A 131 35.80 9.51 -29.40
C ALA A 131 37.28 9.69 -29.10
N ASP A 132 37.58 10.49 -28.07
CA ASP A 132 38.95 10.84 -27.66
C ASP A 132 39.21 10.18 -26.32
N VAL A 133 39.69 8.93 -26.36
CA VAL A 133 39.86 8.11 -25.16
C VAL A 133 41.32 8.16 -24.73
N ARG A 134 41.59 8.83 -23.61
CA ARG A 134 42.94 9.02 -23.11
C ARG A 134 43.15 8.18 -21.85
N PHE A 135 43.86 7.06 -21.99
CA PHE A 135 44.24 6.28 -20.83
C PHE A 135 45.39 6.94 -20.08
N SER A 136 45.72 6.38 -18.91
CA SER A 136 46.72 6.94 -18.01
C SER A 136 46.45 8.41 -17.66
N THR A 137 45.16 8.78 -17.57
CA THR A 137 44.76 10.15 -17.25
C THR A 137 43.64 10.12 -16.21
N THR A 138 43.78 10.96 -15.19
CA THR A 138 42.92 10.92 -14.02
C THR A 138 42.24 12.27 -13.82
N LEU A 139 40.92 12.25 -13.59
CA LEU A 139 40.27 13.46 -13.11
C LEU A 139 40.70 13.66 -11.67
N GLU A 140 41.53 14.66 -11.43
CA GLU A 140 42.03 14.85 -10.08
C GLU A 140 41.02 15.65 -9.24
N ARG A 141 40.37 16.64 -9.85
CA ARG A 141 39.43 17.52 -9.16
C ARG A 141 38.64 18.29 -10.20
N PHE A 142 37.54 18.89 -9.74
CA PHE A 142 36.67 19.64 -10.65
C PHE A 142 35.76 20.56 -9.85
N SER A 143 35.21 21.54 -10.57
CA SER A 143 34.30 22.54 -10.03
C SER A 143 33.32 22.92 -11.12
N GLN A 144 32.02 22.92 -10.81
CA GLN A 144 31.04 23.38 -11.78
C GLN A 144 31.00 24.90 -11.78
N ARG A 145 31.13 25.50 -12.96
CA ARG A 145 30.94 26.93 -13.14
C ARG A 145 29.50 27.19 -13.57
N ASP A 146 29.22 28.42 -13.99
CA ASP A 146 27.91 28.78 -14.52
C ASP A 146 27.70 28.12 -15.89
N ASP A 147 28.75 28.15 -16.71
CA ASP A 147 28.68 27.74 -18.11
C ASP A 147 29.57 26.55 -18.39
N GLY A 148 29.62 25.60 -17.46
CA GLY A 148 30.37 24.38 -17.68
C GLY A 148 31.05 23.85 -16.45
N VAL A 149 31.84 22.79 -16.62
CA VAL A 149 32.57 22.13 -15.56
C VAL A 149 34.06 22.30 -15.82
N ASP A 150 34.77 22.85 -14.83
CA ASP A 150 36.23 23.06 -14.90
C ASP A 150 36.92 21.81 -14.36
N ALA A 151 37.54 21.03 -15.24
CA ALA A 151 38.14 19.77 -14.86
C ALA A 151 39.66 19.89 -14.87
N ILE A 152 40.30 19.35 -13.85
CA ILE A 152 41.75 19.27 -13.77
C ILE A 152 42.14 17.81 -14.02
N LEU A 153 42.64 17.55 -15.21
CA LEU A 153 43.16 16.24 -15.57
C LEU A 153 44.61 16.12 -15.10
N ARG A 154 45.08 14.88 -14.95
CA ARG A 154 46.42 14.65 -14.46
C ARG A 154 47.01 13.40 -15.10
N ASP A 155 48.28 13.50 -15.50
CA ASP A 155 48.99 12.37 -16.12
C ASP A 155 49.60 11.49 -15.05
N GLU A 156 49.31 10.18 -15.13
CA GLU A 156 49.83 9.21 -14.19
C GLU A 156 51.31 8.94 -14.39
N ALA A 157 51.84 9.29 -15.56
CA ALA A 157 53.25 9.03 -15.83
C ALA A 157 54.12 10.18 -15.33
N SER A 158 53.61 11.41 -15.37
CA SER A 158 54.41 12.58 -15.04
C SER A 158 53.91 13.35 -13.84
N GLY A 159 52.67 13.15 -13.41
CA GLY A 159 52.09 14.06 -12.46
C GLY A 159 51.72 15.39 -13.07
N GLN A 160 51.89 15.56 -14.38
CA GLN A 160 51.52 16.80 -15.04
C GLN A 160 50.01 16.98 -15.10
N GLU A 161 49.57 18.22 -14.93
CA GLU A 161 48.15 18.53 -14.87
C GLU A 161 47.72 19.44 -16.01
N THR A 162 46.41 19.44 -16.27
CA THR A 162 45.84 20.08 -17.43
C THR A 162 44.41 20.47 -17.08
N THR A 163 43.88 21.50 -17.73
CA THR A 163 42.50 21.91 -17.55
C THR A 163 41.72 21.66 -18.82
N VAL A 164 40.50 21.15 -18.67
CA VAL A 164 39.54 21.03 -19.76
C VAL A 164 38.21 21.59 -19.26
N LEU A 165 37.52 22.31 -20.12
CA LEU A 165 36.17 22.80 -19.82
C LEU A 165 35.18 21.96 -20.61
N ALA A 166 34.17 21.45 -19.93
CA ALA A 166 33.17 20.60 -20.55
C ALA A 166 31.79 21.19 -20.30
N ASP A 167 30.90 21.04 -21.27
CA ASP A 167 29.51 21.43 -21.05
C ASP A 167 28.87 20.53 -19.99
N TYR A 168 29.11 19.22 -20.09
CA TYR A 168 28.58 18.23 -19.15
C TYR A 168 29.68 17.22 -18.85
N MET A 169 29.62 16.60 -17.67
CA MET A 169 30.55 15.53 -17.33
C MET A 169 29.77 14.29 -16.91
N ILE A 170 30.05 13.17 -17.57
CA ILE A 170 29.53 11.87 -17.13
C ILE A 170 30.53 11.28 -16.13
N ALA A 171 30.11 11.16 -14.87
CA ALA A 171 30.85 10.44 -13.85
C ALA A 171 30.62 8.94 -14.03
N ALA A 172 31.59 8.24 -14.58
CA ALA A 172 31.49 6.78 -14.70
C ALA A 172 32.59 6.10 -13.91
N ASP A 173 32.83 6.55 -12.68
CA ASP A 173 34.05 6.18 -11.97
C ASP A 173 33.91 4.98 -11.05
N GLY A 174 32.80 4.22 -11.14
CA GLY A 174 32.71 2.90 -10.55
C GLY A 174 32.25 2.90 -9.11
N ALA A 175 32.19 1.68 -8.55
CA ALA A 175 31.52 1.48 -7.27
C ALA A 175 32.09 2.39 -6.19
N GLY A 176 33.41 2.64 -6.23
CA GLY A 176 34.12 3.46 -5.28
C GLY A 176 34.27 4.91 -5.65
N GLY A 177 33.95 5.27 -6.90
CA GLY A 177 34.10 6.63 -7.40
C GLY A 177 33.80 7.71 -6.39
N THR A 178 34.63 8.75 -6.35
CA THR A 178 34.44 9.83 -5.40
C THR A 178 33.85 11.06 -6.04
N ILE A 179 33.62 11.06 -7.36
CA ILE A 179 32.94 12.19 -7.96
C ILE A 179 31.60 12.46 -7.27
N ARG A 180 30.88 11.39 -6.94
CA ARG A 180 29.56 11.58 -6.34
C ARG A 180 29.63 12.30 -5.00
N ASP A 181 30.73 12.10 -4.24
CA ASP A 181 30.87 12.78 -2.97
C ASP A 181 31.00 14.28 -3.13
N VAL A 182 31.35 14.76 -4.33
CA VAL A 182 31.40 16.19 -4.55
C VAL A 182 30.00 16.77 -4.52
N GLY A 183 29.01 15.98 -4.93
CA GLY A 183 27.63 16.41 -5.02
C GLY A 183 26.80 16.12 -3.79
N GLY A 184 27.41 15.62 -2.72
CA GLY A 184 26.63 15.26 -1.56
C GLY A 184 25.82 14.00 -1.75
N VAL A 185 26.08 13.24 -2.80
CA VAL A 185 25.32 12.03 -3.07
C VAL A 185 25.55 11.02 -1.95
N LYS A 186 24.46 10.57 -1.33
CA LYS A 186 24.52 9.55 -0.29
C LYS A 186 24.07 8.22 -0.86
N MET A 187 24.90 7.19 -0.71
CA MET A 187 24.50 5.85 -1.16
C MET A 187 23.73 5.18 -0.04
N GLU A 188 22.55 4.67 -0.37
CA GLU A 188 21.64 4.10 0.60
C GLU A 188 21.33 2.65 0.21
N GLY A 189 21.00 1.85 1.20
CA GLY A 189 20.57 0.52 0.93
C GLY A 189 21.07 -0.45 1.96
N PRO A 190 20.92 -1.75 1.67
CA PRO A 190 21.46 -2.77 2.58
C PRO A 190 22.95 -2.61 2.86
N GLY A 191 23.74 -2.15 1.90
CA GLY A 191 25.18 -2.07 2.07
C GLY A 191 25.97 -3.31 1.69
N VAL A 192 27.11 -3.53 2.33
CA VAL A 192 27.88 -4.72 2.01
C VAL A 192 27.12 -5.94 2.55
N LEU A 193 26.93 -6.94 1.69
CA LEU A 193 26.20 -8.15 2.08
C LEU A 193 27.11 -9.34 2.33
N ALA A 194 28.21 -9.46 1.57
CA ALA A 194 29.12 -10.58 1.71
C ALA A 194 30.55 -10.11 1.46
N ASP A 195 31.50 -10.84 2.04
CA ASP A 195 32.91 -10.74 1.70
C ASP A 195 33.29 -11.94 0.84
N THR A 196 33.93 -11.69 -0.29
CA THR A 196 34.22 -12.75 -1.24
C THR A 196 35.72 -12.77 -1.57
N ILE A 197 36.13 -13.85 -2.24
CA ILE A 197 37.47 -13.99 -2.77
C ILE A 197 37.35 -14.59 -4.18
N SER A 198 37.92 -13.92 -5.16
CA SER A 198 37.85 -14.33 -6.56
C SER A 198 39.17 -14.96 -6.97
N VAL A 199 39.11 -16.16 -7.52
CA VAL A 199 40.29 -16.88 -7.93
C VAL A 199 40.19 -17.13 -9.42
N LEU A 200 41.18 -16.67 -10.17
CA LEU A 200 41.27 -16.95 -11.60
C LEU A 200 42.33 -18.03 -11.78
N PHE A 201 41.98 -19.10 -12.49
CA PHE A 201 42.84 -20.27 -12.54
C PHE A 201 42.86 -20.81 -13.96
N GLU A 202 43.71 -21.81 -14.15
CA GLU A 202 43.84 -22.49 -15.43
C GLU A 202 43.93 -23.97 -15.11
N ALA A 203 43.07 -24.76 -15.76
CA ALA A 203 43.05 -26.18 -15.52
C ALA A 203 42.52 -26.85 -16.78
N ASP A 204 42.45 -28.18 -16.74
CA ASP A 204 41.88 -28.96 -17.82
C ASP A 204 40.36 -28.89 -17.71
N LEU A 205 39.82 -27.74 -18.13
CA LEU A 205 38.38 -27.53 -18.09
C LEU A 205 37.64 -28.31 -19.16
N ASP A 206 38.32 -28.66 -20.26
CA ASP A 206 37.70 -29.43 -21.33
C ASP A 206 37.42 -30.86 -20.91
N SER A 207 38.20 -31.40 -19.96
CA SER A 207 37.94 -32.76 -19.48
C SER A 207 36.62 -32.85 -18.72
N ILE A 208 36.36 -31.90 -17.80
CA ILE A 208 35.23 -32.02 -16.87
C ILE A 208 34.03 -31.18 -17.27
N LEU A 209 34.10 -30.47 -18.39
CA LEU A 209 32.95 -29.68 -18.86
C LEU A 209 32.54 -30.21 -20.23
N PRO A 210 31.30 -30.69 -20.40
CA PRO A 210 30.93 -31.33 -21.66
C PRO A 210 30.78 -30.34 -22.81
N GLY A 211 29.84 -29.40 -22.67
CA GLY A 211 29.66 -28.40 -23.69
C GLY A 211 30.89 -27.51 -23.85
N GLY A 212 31.01 -26.92 -25.03
CA GLY A 212 32.05 -25.96 -25.33
C GLY A 212 31.61 -24.51 -25.24
N GLY A 213 30.38 -24.26 -24.79
CA GLY A 213 29.87 -22.91 -24.64
C GLY A 213 30.14 -22.33 -23.26
N PHE A 214 29.32 -21.35 -22.89
CA PHE A 214 29.48 -20.63 -21.63
C PHE A 214 28.75 -21.33 -20.50
N ALA A 215 29.41 -21.45 -19.34
CA ALA A 215 28.86 -22.17 -18.21
C ALA A 215 29.02 -21.37 -16.92
N LEU A 216 27.93 -21.30 -16.14
CA LEU A 216 27.90 -20.63 -14.84
C LEU A 216 27.26 -21.56 -13.81
N TYR A 217 28.03 -21.98 -12.81
CA TYR A 217 27.55 -22.87 -11.77
C TYR A 217 27.44 -22.12 -10.45
N TYR A 218 26.23 -21.98 -9.92
CA TYR A 218 26.08 -21.47 -8.56
C TYR A 218 26.26 -22.64 -7.60
N LEU A 219 27.05 -22.42 -6.56
CA LEU A 219 27.61 -23.49 -5.75
C LEU A 219 27.09 -23.41 -4.32
N ARG A 220 26.42 -24.48 -3.88
CA ARG A 220 25.94 -24.56 -2.49
C ARG A 220 26.63 -25.72 -1.80
N ASN A 221 27.91 -25.52 -1.49
CA ASN A 221 28.70 -26.50 -0.75
C ASN A 221 28.30 -26.45 0.72
N PRO A 222 28.59 -27.50 1.48
CA PRO A 222 28.43 -27.40 2.95
C PRO A 222 29.48 -26.53 3.57
N ALA A 223 30.65 -26.41 2.93
CA ALA A 223 31.75 -25.63 3.45
C ALA A 223 31.64 -24.15 3.10
N PHE A 224 31.09 -23.84 1.92
CA PHE A 224 31.13 -22.48 1.40
C PHE A 224 30.06 -22.29 0.33
N SER A 225 29.72 -21.03 0.06
CA SER A 225 28.91 -20.70 -1.11
C SER A 225 29.71 -19.77 -2.03
N GLY A 226 29.43 -19.89 -3.34
CA GLY A 226 30.08 -19.12 -4.39
C GLY A 226 29.58 -19.40 -5.79
N ALA A 227 30.45 -19.25 -6.78
CA ALA A 227 30.08 -19.54 -8.15
C ALA A 227 31.34 -19.82 -8.97
N PHE A 228 31.21 -20.72 -9.94
CA PHE A 228 32.24 -20.97 -10.94
C PHE A 228 31.77 -20.44 -12.29
N VAL A 229 32.67 -19.81 -13.05
CA VAL A 229 32.33 -19.36 -14.40
C VAL A 229 33.42 -19.82 -15.38
N THR A 230 33.05 -19.94 -16.65
CA THR A 230 34.00 -20.24 -17.72
C THR A 230 34.43 -18.93 -18.37
N CYS A 231 35.73 -18.78 -18.60
CA CYS A 231 36.23 -17.57 -19.22
C CYS A 231 36.44 -17.78 -20.72
N ASP A 232 36.59 -16.66 -21.44
CA ASP A 232 36.68 -16.71 -22.90
C ASP A 232 38.02 -17.28 -23.38
N GLU A 233 39.10 -17.09 -22.61
CA GLU A 233 40.34 -17.82 -22.88
C GLU A 233 40.13 -19.28 -22.51
N PRO A 234 40.28 -20.22 -23.44
CA PRO A 234 39.89 -21.61 -23.14
C PRO A 234 40.76 -22.23 -22.06
N ASN A 235 40.16 -23.17 -21.32
CA ASN A 235 40.76 -23.81 -20.14
C ASN A 235 41.08 -22.81 -19.04
N HIS A 236 40.40 -21.67 -19.05
CA HIS A 236 40.48 -20.68 -17.98
C HIS A 236 39.11 -20.57 -17.33
N GLY A 237 39.10 -20.58 -16.00
CA GLY A 237 37.87 -20.45 -15.24
C GLY A 237 38.07 -19.53 -14.06
N GLN A 238 36.96 -19.23 -13.39
CA GLN A 238 36.93 -18.22 -12.35
C GLN A 238 35.95 -18.70 -11.28
N ILE A 239 36.37 -18.66 -10.02
CA ILE A 239 35.50 -19.00 -8.91
C ILE A 239 35.44 -17.81 -7.97
N ASN A 240 34.22 -17.42 -7.57
CA ASN A 240 34.01 -16.29 -6.65
C ASN A 240 33.38 -16.86 -5.39
N ILE A 241 34.19 -17.12 -4.38
CA ILE A 241 33.74 -17.83 -3.18
C ILE A 241 33.53 -16.84 -2.05
N GLU A 242 32.35 -16.86 -1.45
CA GLU A 242 32.06 -16.11 -0.25
C GLU A 242 32.80 -16.70 0.94
N TYR A 243 33.19 -15.84 1.88
CA TYR A 243 33.83 -16.31 3.10
C TYR A 243 33.41 -15.41 4.25
N ASP A 244 33.52 -15.95 5.46
CA ASP A 244 33.14 -15.25 6.68
C ASP A 244 34.33 -14.45 7.17
N SER A 245 34.17 -13.12 7.22
CA SER A 245 35.31 -12.27 7.59
C SER A 245 35.65 -12.39 9.07
N THR A 246 34.74 -12.93 9.88
CA THR A 246 35.02 -13.14 11.30
C THR A 246 35.75 -14.45 11.56
N ARG A 247 35.79 -15.37 10.59
CA ARG A 247 36.47 -16.66 10.72
C ARG A 247 37.73 -16.72 9.88
N ASP A 248 37.71 -16.16 8.68
CA ASP A 248 38.90 -16.05 7.85
C ASP A 248 38.99 -14.62 7.35
N GLN A 249 40.19 -14.25 6.92
CA GLN A 249 40.43 -12.93 6.37
C GLN A 249 41.02 -13.08 4.97
N ALA A 250 40.98 -11.97 4.22
CA ALA A 250 41.46 -11.99 2.84
C ALA A 250 42.85 -12.62 2.74
N SER A 251 43.79 -12.17 3.57
CA SER A 251 45.16 -12.65 3.51
C SER A 251 45.28 -14.16 3.67
N ASP A 252 44.28 -14.83 4.23
CA ASP A 252 44.41 -16.27 4.48
C ASP A 252 44.31 -17.11 3.21
N PHE A 253 43.97 -16.51 2.06
CA PHE A 253 43.73 -17.28 0.84
C PHE A 253 44.97 -17.19 -0.06
N ASP A 254 45.94 -18.05 0.22
CA ASP A 254 47.15 -18.11 -0.60
C ASP A 254 46.97 -19.14 -1.72
N GLU A 255 47.98 -19.24 -2.60
CA GLU A 255 47.88 -20.14 -3.74
C GLU A 255 47.46 -21.53 -3.33
N GLU A 256 48.04 -22.06 -2.25
CA GLU A 256 47.76 -23.42 -1.85
C GLU A 256 46.29 -23.56 -1.44
N ARG A 257 45.79 -22.64 -0.62
CA ARG A 257 44.40 -22.75 -0.18
C ARG A 257 43.44 -22.53 -1.35
N CYS A 258 43.75 -21.58 -2.23
CA CYS A 258 42.89 -21.38 -3.38
C CYS A 258 42.93 -22.56 -4.34
N GLU A 259 44.05 -23.28 -4.40
CA GLU A 259 44.09 -24.54 -5.15
C GLU A 259 43.13 -25.55 -4.56
N ALA A 260 43.06 -25.60 -3.22
CA ALA A 260 42.10 -26.48 -2.56
C ALA A 260 40.67 -26.03 -2.84
N LEU A 261 40.43 -24.71 -2.84
CA LEU A 261 39.10 -24.20 -3.10
C LEU A 261 38.65 -24.49 -4.53
N VAL A 262 39.55 -24.32 -5.50
CA VAL A 262 39.22 -24.62 -6.88
C VAL A 262 38.83 -26.08 -7.02
N ARG A 263 39.49 -26.98 -6.28
CA ARG A 263 39.17 -28.40 -6.41
C ARG A 263 37.89 -28.77 -5.69
N GLN A 264 37.65 -28.18 -4.52
CA GLN A 264 36.37 -28.32 -3.85
C GLN A 264 35.23 -27.87 -4.76
N SER A 265 35.28 -26.60 -5.19
CA SER A 265 34.15 -26.06 -5.94
C SER A 265 33.97 -26.75 -7.29
N LEU A 266 35.02 -27.38 -7.81
CA LEU A 266 34.91 -28.16 -9.04
C LEU A 266 34.53 -29.62 -8.78
N GLY A 267 34.86 -30.17 -7.61
CA GLY A 267 34.52 -31.54 -7.28
C GLY A 267 35.57 -32.57 -7.60
N VAL A 268 36.62 -32.21 -8.33
CA VAL A 268 37.70 -33.13 -8.67
C VAL A 268 38.85 -32.85 -7.72
N ALA A 269 39.18 -33.83 -6.87
CA ALA A 269 40.20 -33.65 -5.85
C ALA A 269 41.59 -34.07 -6.31
N ASP A 270 41.77 -34.33 -7.61
CA ASP A 270 43.09 -34.64 -8.15
C ASP A 270 43.54 -33.67 -9.23
N LEU A 271 42.79 -32.61 -9.49
CA LEU A 271 43.06 -31.78 -10.67
C LEU A 271 44.20 -30.79 -10.41
N ALA A 272 45.12 -30.71 -11.37
CA ALA A 272 46.18 -29.71 -11.29
C ALA A 272 45.61 -28.34 -11.61
N VAL A 273 45.80 -27.40 -10.68
CA VAL A 273 45.25 -26.04 -10.78
C VAL A 273 46.39 -25.05 -10.67
N LYS A 274 46.52 -24.17 -11.68
CA LYS A 274 47.50 -23.09 -11.64
C LYS A 274 46.75 -21.78 -11.43
N ILE A 275 46.90 -21.22 -10.22
CA ILE A 275 46.20 -20.01 -9.79
C ILE A 275 46.85 -18.80 -10.45
N LEU A 276 46.13 -18.16 -11.36
CA LEU A 276 46.67 -17.03 -12.12
C LEU A 276 46.48 -15.70 -11.38
N ASP A 277 45.34 -15.51 -10.71
CA ASP A 277 45.18 -14.33 -9.88
C ASP A 277 44.32 -14.67 -8.67
N ILE A 278 44.49 -13.90 -7.60
CA ILE A 278 43.64 -13.95 -6.42
C ILE A 278 43.23 -12.53 -6.08
N ARG A 279 41.96 -12.34 -5.73
CA ARG A 279 41.43 -11.00 -5.50
C ARG A 279 40.37 -11.09 -4.42
N PRO A 280 40.47 -10.32 -3.35
CA PRO A 280 39.33 -10.16 -2.46
C PRO A 280 38.39 -9.08 -2.97
N TRP A 281 37.11 -9.30 -2.72
CA TRP A 281 36.08 -8.37 -3.17
C TRP A 281 34.87 -8.48 -2.25
N GLN A 282 33.98 -7.50 -2.38
CA GLN A 282 32.77 -7.43 -1.58
C GLN A 282 31.56 -7.53 -2.50
N MET A 283 30.50 -8.10 -1.95
CA MET A 283 29.18 -8.12 -2.55
C MET A 283 28.35 -7.07 -1.82
N ALA A 284 27.83 -6.08 -2.54
CA ALA A 284 27.12 -4.99 -1.88
C ALA A 284 25.87 -4.59 -2.64
N ALA A 285 24.98 -3.87 -1.94
CA ALA A 285 23.73 -3.37 -2.49
C ALA A 285 23.59 -1.91 -2.06
N LEU A 286 23.68 -0.97 -3.00
CA LEU A 286 23.62 0.44 -2.65
C LEU A 286 23.07 1.20 -3.84
N LEU A 287 22.32 2.26 -3.56
CA LEU A 287 21.75 3.11 -4.59
C LEU A 287 21.99 4.56 -4.19
N ALA A 288 22.17 5.42 -5.19
CA ALA A 288 22.39 6.83 -4.91
C ALA A 288 21.06 7.55 -4.71
N ASP A 289 21.07 8.57 -3.85
CA ASP A 289 19.86 9.37 -3.72
C ASP A 289 19.61 10.22 -4.99
N ARG A 290 20.66 10.79 -5.56
CA ARG A 290 20.59 11.52 -6.83
C ARG A 290 21.47 10.81 -7.84
N MET A 291 21.06 10.81 -9.11
CA MET A 291 21.94 10.32 -10.16
C MET A 291 22.49 11.45 -11.05
N SER A 292 22.14 12.70 -10.76
CA SER A 292 22.74 13.85 -11.41
C SER A 292 22.83 14.98 -10.41
N PHE A 293 23.81 15.88 -10.63
CA PHE A 293 23.87 17.15 -9.92
C PHE A 293 24.54 18.17 -10.83
N GLY A 294 23.83 19.24 -11.13
CA GLY A 294 24.37 20.23 -12.05
C GLY A 294 24.59 19.60 -13.40
N ARG A 295 25.77 19.81 -13.95
CA ARG A 295 26.15 19.28 -15.25
C ARG A 295 26.86 17.94 -15.14
N VAL A 296 26.89 17.35 -13.94
CA VAL A 296 27.50 16.06 -13.67
C VAL A 296 26.41 15.00 -13.60
N PHE A 297 26.65 13.85 -14.24
CA PHE A 297 25.72 12.73 -14.24
C PHE A 297 26.44 11.44 -13.85
N LEU A 298 25.82 10.67 -12.93
CA LEU A 298 26.36 9.41 -12.42
C LEU A 298 25.78 8.25 -13.24
N ALA A 299 26.66 7.45 -13.83
CA ALA A 299 26.27 6.32 -14.68
C ALA A 299 27.05 5.08 -14.30
N GLY A 300 26.35 3.95 -14.13
CA GLY A 300 26.99 2.70 -13.78
C GLY A 300 27.15 2.45 -12.29
N ASP A 301 28.18 1.69 -11.93
CA ASP A 301 28.41 1.28 -10.53
C ASP A 301 28.60 2.45 -9.59
N CYS A 302 28.95 3.62 -10.11
CA CYS A 302 29.07 4.73 -9.18
C CYS A 302 27.71 5.21 -8.73
N ALA A 303 26.64 4.86 -9.46
CA ALA A 303 25.28 5.26 -9.12
C ALA A 303 24.47 4.14 -8.49
N HIS A 304 24.94 2.89 -8.56
CA HIS A 304 24.16 1.76 -8.09
C HIS A 304 25.01 0.50 -8.01
N ILE A 305 25.30 0.08 -6.79
CA ILE A 305 26.09 -1.12 -6.56
C ILE A 305 25.11 -2.26 -6.28
N THR A 306 25.07 -3.26 -7.17
CA THR A 306 24.17 -4.40 -7.09
C THR A 306 24.97 -5.68 -6.85
N PRO A 307 24.43 -6.63 -6.09
CA PRO A 307 25.10 -7.92 -5.90
C PRO A 307 25.24 -8.64 -7.23
N PRO A 308 26.38 -9.23 -7.49
CA PRO A 308 26.66 -9.83 -8.80
C PRO A 308 26.10 -11.24 -8.96
N VAL A 309 24.79 -11.38 -8.76
CA VAL A 309 24.06 -12.64 -8.99
C VAL A 309 22.91 -12.29 -9.92
N GLY A 310 23.09 -12.53 -11.22
CA GLY A 310 22.10 -12.17 -12.21
C GLY A 310 22.72 -11.38 -13.33
N GLY A 311 23.87 -10.78 -13.08
CA GLY A 311 24.55 -10.03 -14.11
C GLY A 311 23.75 -8.85 -14.61
N LEU A 312 23.23 -8.05 -13.68
CA LEU A 312 22.50 -6.84 -14.03
C LEU A 312 23.31 -5.57 -13.86
N GLY A 313 24.40 -5.61 -13.07
CA GLY A 313 25.13 -4.38 -12.78
C GLY A 313 25.78 -3.77 -14.00
N GLY A 314 26.40 -4.60 -14.86
CA GLY A 314 27.01 -4.10 -16.07
C GLY A 314 26.02 -3.79 -17.18
N GLN A 315 24.85 -4.45 -17.15
CA GLN A 315 23.80 -4.17 -18.13
C GLN A 315 23.12 -2.84 -17.83
N THR A 316 22.91 -2.53 -16.54
CA THR A 316 22.39 -1.22 -16.18
C THR A 316 23.35 -0.12 -16.60
N ALA A 317 24.65 -0.31 -16.33
CA ALA A 317 25.66 0.68 -16.71
C ALA A 317 25.58 1.05 -18.19
N ILE A 318 25.60 0.02 -19.06
CA ILE A 318 25.46 0.22 -20.50
C ILE A 318 24.22 1.04 -20.82
N GLN A 319 23.09 0.70 -20.18
CA GLN A 319 21.81 1.34 -20.46
C GLN A 319 21.69 2.71 -19.81
N ASP A 320 22.29 2.92 -18.64
CA ASP A 320 22.53 4.28 -18.15
C ASP A 320 23.27 5.11 -19.20
N ALA A 321 24.34 4.55 -19.78
CA ALA A 321 25.17 5.30 -20.70
C ALA A 321 24.41 5.66 -21.95
N ALA A 322 23.52 4.76 -22.42
CA ALA A 322 22.82 5.00 -23.69
C ALA A 322 21.72 6.04 -23.51
N ASP A 323 21.11 6.07 -22.33
CA ASP A 323 20.21 7.15 -21.97
C ASP A 323 20.90 8.50 -21.96
N LEU A 324 22.11 8.57 -21.38
CA LEU A 324 22.82 9.85 -21.40
C LEU A 324 23.22 10.22 -22.82
N ALA A 325 23.70 9.26 -23.61
CA ALA A 325 24.27 9.59 -24.91
C ALA A 325 23.25 10.31 -25.79
N TRP A 326 22.00 9.84 -25.83
CA TRP A 326 21.05 10.47 -26.74
C TRP A 326 20.49 11.77 -26.18
N LYS A 327 20.30 11.86 -24.87
CA LYS A 327 19.80 13.12 -24.33
C LYS A 327 20.85 14.22 -24.40
N LEU A 328 22.10 13.88 -24.05
CA LEU A 328 23.21 14.82 -24.20
C LEU A 328 23.40 15.23 -25.65
N ALA A 329 23.32 14.27 -26.57
CA ALA A 329 23.48 14.58 -27.99
C ALA A 329 22.47 15.63 -28.43
N LEU A 330 21.19 15.47 -28.08
CA LEU A 330 20.22 16.51 -28.40
C LEU A 330 20.56 17.83 -27.73
N VAL A 331 20.85 17.81 -26.42
CA VAL A 331 20.97 19.07 -25.69
C VAL A 331 22.18 19.88 -26.15
N VAL A 332 23.30 19.22 -26.44
CA VAL A 332 24.45 19.97 -26.94
C VAL A 332 24.24 20.39 -28.38
N LYS A 333 23.28 19.79 -29.09
CA LYS A 333 22.98 20.17 -30.47
C LYS A 333 21.91 21.26 -30.58
N GLY A 334 21.51 21.86 -29.46
CA GLY A 334 20.39 22.78 -29.45
C GLY A 334 19.04 22.17 -29.80
N GLN A 335 18.97 20.84 -29.89
CA GLN A 335 17.74 20.16 -30.32
C GLN A 335 16.83 19.77 -29.15
N ALA A 336 17.28 20.00 -27.92
CA ALA A 336 16.44 19.83 -26.74
C ALA A 336 16.81 20.89 -25.73
N ALA A 337 15.84 21.25 -24.90
CA ALA A 337 16.13 22.11 -23.78
C ALA A 337 16.90 21.30 -22.74
N PRO A 338 17.76 21.95 -21.94
CA PRO A 338 18.56 21.18 -20.99
C PRO A 338 17.73 20.57 -19.88
N THR A 339 16.47 21.00 -19.74
CA THR A 339 15.55 20.36 -18.79
C THR A 339 15.43 18.87 -19.07
N LEU A 340 15.60 18.45 -20.32
CA LEU A 340 15.48 17.04 -20.67
C LEU A 340 16.41 16.19 -19.81
N LEU A 341 17.59 16.70 -19.48
CA LEU A 341 18.51 15.96 -18.64
C LEU A 341 17.95 15.72 -17.23
N ASP A 342 16.95 16.48 -16.79
CA ASP A 342 16.32 16.16 -15.51
C ASP A 342 15.63 14.80 -15.54
N SER A 343 15.26 14.32 -16.72
CA SER A 343 14.65 13.02 -16.83
C SER A 343 15.63 11.87 -16.64
N TYR A 344 16.95 12.14 -16.71
CA TYR A 344 17.93 11.06 -16.55
C TYR A 344 17.67 10.26 -15.27
N GLU A 345 17.81 10.88 -14.09
CA GLU A 345 17.69 10.13 -12.85
C GLU A 345 16.27 9.75 -12.51
N ILE A 346 15.25 10.51 -12.96
CA ILE A 346 13.91 10.04 -12.62
C ILE A 346 13.54 8.82 -13.46
N GLU A 347 13.99 8.72 -14.70
CA GLU A 347 13.75 7.47 -15.42
C GLU A 347 14.70 6.34 -14.98
N ARG A 348 15.98 6.67 -14.72
CA ARG A 348 16.99 5.63 -14.54
C ARG A 348 17.07 5.09 -13.12
N ARG A 349 16.92 5.95 -12.11
CA ARG A 349 17.00 5.47 -10.74
C ARG A 349 15.99 4.35 -10.40
N PRO A 350 14.72 4.39 -10.84
CA PRO A 350 13.84 3.24 -10.53
C PRO A 350 14.30 1.94 -11.18
N VAL A 351 14.80 2.03 -12.41
CA VAL A 351 15.35 0.88 -13.11
C VAL A 351 16.45 0.21 -12.27
N ALA A 352 17.26 1.03 -11.58
CA ALA A 352 18.33 0.50 -10.75
C ALA A 352 17.78 -0.04 -9.44
N ARG A 353 16.79 0.65 -8.86
CA ARG A 353 16.08 0.15 -7.69
C ARG A 353 15.59 -1.29 -7.90
N ILE A 354 15.00 -1.60 -9.04
CA ILE A 354 14.46 -2.96 -9.12
C ILE A 354 15.58 -3.95 -9.37
N ALA A 355 16.65 -3.51 -10.05
CA ALA A 355 17.76 -4.41 -10.34
C ALA A 355 18.49 -4.78 -9.07
N ILE A 356 18.66 -3.83 -8.15
CA ILE A 356 19.19 -4.15 -6.84
C ILE A 356 18.32 -5.18 -6.14
N ALA A 357 16.98 -5.02 -6.20
CA ALA A 357 16.08 -5.98 -5.55
C ALA A 357 16.11 -7.32 -6.26
N ARG A 358 16.17 -7.30 -7.59
CA ARG A 358 16.27 -8.55 -8.35
C ARG A 358 17.53 -9.33 -7.99
N SER A 359 18.69 -8.64 -7.90
CA SER A 359 19.98 -9.31 -7.68
C SER A 359 20.07 -9.90 -6.28
N ILE A 360 19.63 -9.14 -5.26
CA ILE A 360 19.42 -9.69 -3.92
C ILE A 360 18.57 -10.94 -3.96
N ALA A 361 17.49 -10.93 -4.77
CA ALA A 361 16.61 -12.10 -4.80
C ALA A 361 17.28 -13.27 -5.51
N ASN A 362 17.93 -13.02 -6.65
CA ASN A 362 18.72 -14.09 -7.24
C ASN A 362 19.73 -14.66 -6.23
N TYR A 363 20.34 -13.79 -5.42
CA TYR A 363 21.39 -14.22 -4.49
C TYR A 363 20.83 -15.16 -3.43
N VAL A 364 19.77 -14.72 -2.76
CA VAL A 364 19.10 -15.56 -1.77
C VAL A 364 18.61 -16.85 -2.40
N GLU A 365 17.83 -16.74 -3.49
CA GLU A 365 17.26 -17.94 -4.09
C GLU A 365 18.36 -18.89 -4.55
N ARG A 366 19.45 -18.37 -5.12
CA ARG A 366 20.49 -19.22 -5.70
C ARG A 366 21.47 -19.73 -4.66
N LEU A 367 21.99 -18.86 -3.79
CA LEU A 367 23.13 -19.24 -2.95
C LEU A 367 22.78 -19.38 -1.47
N LEU A 368 21.99 -18.47 -0.90
CA LEU A 368 21.68 -18.50 0.53
C LEU A 368 20.18 -18.42 0.72
N PRO A 369 19.47 -19.54 0.53
CA PRO A 369 18.01 -19.53 0.76
C PRO A 369 17.63 -19.29 2.21
N ASP A 370 18.60 -19.36 3.12
CA ASP A 370 18.36 -19.15 4.54
C ASP A 370 18.24 -17.68 4.91
N ARG A 371 18.52 -16.77 4.00
CA ARG A 371 18.64 -15.35 4.34
C ARG A 371 17.50 -14.59 3.68
N GLN A 372 16.28 -15.03 3.95
CA GLN A 372 15.11 -14.43 3.34
C GLN A 372 14.92 -12.98 3.78
N ASP A 373 15.58 -12.57 4.86
CA ASP A 373 15.35 -11.27 5.47
C ASP A 373 15.93 -10.10 4.67
N ILE A 374 17.01 -10.31 3.91
CA ILE A 374 17.58 -9.20 3.14
C ILE A 374 16.78 -8.81 1.92
N ARG A 375 15.76 -9.60 1.54
CA ARG A 375 15.07 -9.33 0.29
C ARG A 375 14.27 -8.03 0.37
N ILE A 376 14.05 -7.40 -0.78
CA ILE A 376 13.25 -6.19 -0.90
C ILE A 376 12.07 -6.53 -1.80
N ARG A 377 11.07 -7.21 -1.23
CA ARG A 377 10.10 -7.95 -2.04
C ARG A 377 9.14 -7.02 -2.79
N GLU A 378 8.92 -5.82 -2.27
CA GLU A 378 8.10 -4.86 -2.98
C GLU A 378 8.68 -4.51 -4.35
N ASP A 379 10.00 -4.48 -4.49
CA ASP A 379 10.64 -4.09 -5.75
C ASP A 379 11.11 -5.28 -6.60
N GLU A 380 10.80 -6.52 -6.21
CA GLU A 380 11.20 -7.70 -6.98
C GLU A 380 10.17 -7.96 -8.07
N TYR A 381 10.65 -8.15 -9.31
CA TYR A 381 9.83 -8.45 -10.47
C TYR A 381 10.40 -9.66 -11.22
N GLY A 382 9.80 -10.04 -12.34
CA GLY A 382 10.30 -11.17 -13.09
C GLY A 382 11.71 -10.94 -13.61
N LEU A 383 12.37 -12.04 -13.99
CA LEU A 383 13.71 -11.93 -14.55
C LEU A 383 13.71 -11.16 -15.87
N LEU A 384 12.78 -11.46 -16.76
CA LEU A 384 12.71 -10.73 -18.03
C LEU A 384 11.97 -9.40 -17.93
N GLU A 385 11.13 -9.21 -16.92
CA GLU A 385 10.59 -7.87 -16.68
C GLU A 385 11.68 -6.94 -16.17
N THR A 386 12.56 -7.44 -15.30
CA THR A 386 13.59 -6.60 -14.72
C THR A 386 14.62 -6.16 -15.76
N ALA A 387 15.07 -7.08 -16.63
CA ALA A 387 16.12 -6.75 -17.59
C ALA A 387 15.63 -5.89 -18.73
N MET A 388 14.31 -5.95 -19.04
CA MET A 388 13.79 -5.58 -20.36
C MET A 388 12.43 -4.92 -20.34
N GLY A 389 11.59 -5.18 -19.35
CA GLY A 389 10.27 -4.59 -19.33
C GLY A 389 10.08 -3.47 -18.33
N TYR A 390 11.16 -2.85 -17.88
CA TYR A 390 10.98 -1.73 -16.97
C TYR A 390 10.30 -0.57 -17.71
N ARG A 391 9.59 0.26 -16.97
CA ARG A 391 8.92 1.40 -17.58
C ARG A 391 9.54 2.70 -17.08
N TYR A 392 9.30 3.77 -17.83
CA TYR A 392 9.84 5.10 -17.55
C TYR A 392 8.69 6.07 -17.33
N ARG A 393 8.75 6.84 -16.26
CA ARG A 393 7.78 7.91 -16.02
C ARG A 393 8.55 9.18 -15.71
N SER A 394 8.42 10.18 -16.58
CA SER A 394 9.09 11.46 -16.37
C SER A 394 8.40 12.47 -17.26
N ASP A 395 8.87 13.72 -17.20
CA ASP A 395 8.38 14.73 -18.13
C ASP A 395 8.96 14.59 -19.51
N ALA A 396 9.76 13.56 -19.76
CA ALA A 396 10.19 13.24 -21.11
C ALA A 396 9.21 12.31 -21.79
N ILE A 397 8.07 12.07 -21.16
CA ILE A 397 7.11 11.04 -21.55
C ILE A 397 5.72 11.57 -21.26
N ILE A 398 4.91 11.71 -22.30
CA ILE A 398 3.50 12.08 -22.16
C ILE A 398 2.77 10.82 -21.73
N ALA A 399 2.52 10.69 -20.43
CA ALA A 399 1.90 9.49 -19.90
C ALA A 399 0.42 9.44 -20.27
N ASP A 400 -0.02 8.28 -20.78
CA ASP A 400 -1.43 8.07 -21.05
C ASP A 400 -2.22 8.12 -19.76
N GLU A 401 -3.33 8.86 -19.78
CA GLU A 401 -4.05 9.12 -18.56
C GLU A 401 -4.65 7.84 -18.00
N PHE A 402 -4.86 7.83 -16.68
CA PHE A 402 -5.28 6.66 -15.93
C PHE A 402 -4.15 5.61 -15.85
N ASP A 403 -2.91 6.13 -15.81
CA ASP A 403 -1.71 5.36 -15.51
C ASP A 403 -1.86 4.65 -14.16
N ASP A 404 -1.65 3.34 -14.16
CA ASP A 404 -1.76 2.51 -12.96
C ASP A 404 -0.48 2.48 -12.12
N GLY A 405 0.60 3.11 -12.59
CA GLY A 405 1.82 3.17 -11.82
C GLY A 405 2.68 1.93 -11.86
N ALA A 406 2.44 1.05 -12.84
CA ALA A 406 3.16 -0.21 -12.93
C ALA A 406 4.64 0.02 -13.25
N CYS A 407 5.53 -0.61 -12.46
CA CYS A 407 6.96 -0.38 -12.65
C CYS A 407 7.52 -1.18 -13.82
N VAL A 408 6.95 -2.35 -14.13
CA VAL A 408 7.36 -3.11 -15.30
C VAL A 408 6.13 -3.41 -16.16
N GLU A 409 6.40 -3.91 -17.36
CA GLU A 409 5.37 -4.47 -18.23
C GLU A 409 5.95 -5.74 -18.81
N ASP A 410 5.12 -6.75 -18.95
CA ASP A 410 5.60 -8.01 -19.52
C ASP A 410 6.06 -7.73 -20.94
N PRO A 411 7.32 -8.00 -21.30
CA PRO A 411 7.70 -7.87 -22.72
C PRO A 411 6.90 -8.80 -23.63
N LEU A 412 6.42 -9.93 -23.11
CA LEU A 412 5.65 -10.86 -23.91
C LEU A 412 4.23 -10.38 -24.21
N ARG A 413 3.67 -9.54 -23.35
CA ARG A 413 2.31 -9.01 -23.51
C ARG A 413 2.37 -7.49 -23.62
N PRO A 414 2.84 -6.95 -24.75
CA PRO A 414 3.00 -5.50 -24.85
C PRO A 414 1.68 -4.77 -25.06
N SER A 415 1.58 -3.59 -24.44
CA SER A 415 0.38 -2.77 -24.50
C SER A 415 0.55 -1.48 -25.30
N GLY A 416 1.78 -1.11 -25.65
CA GLY A 416 1.96 0.14 -26.36
C GLY A 416 1.78 1.39 -25.54
N ALA A 417 1.67 1.30 -24.22
CA ALA A 417 1.53 2.50 -23.41
C ALA A 417 2.83 3.31 -23.44
N PRO A 418 2.73 4.64 -23.35
CA PRO A 418 3.95 5.47 -23.33
C PRO A 418 4.82 5.14 -22.13
N GLY A 419 6.12 5.29 -22.29
CA GLY A 419 7.06 4.87 -21.26
C GLY A 419 7.35 3.39 -21.24
N THR A 420 6.94 2.65 -22.25
CA THR A 420 7.31 1.26 -22.42
C THR A 420 8.20 1.11 -23.64
N ARG A 421 8.96 0.02 -23.64
CA ARG A 421 9.84 -0.28 -24.76
C ARG A 421 9.01 -0.78 -25.94
N LEU A 422 9.12 -0.08 -27.07
CA LEU A 422 8.48 -0.48 -28.32
C LEU A 422 8.77 -1.95 -28.62
N ALA A 423 7.71 -2.70 -28.87
CA ALA A 423 7.85 -4.15 -28.99
C ALA A 423 8.70 -4.52 -30.21
N HIS A 424 9.36 -5.67 -30.10
CA HIS A 424 10.03 -6.27 -31.25
C HIS A 424 9.00 -6.99 -32.10
N VAL A 425 8.98 -6.68 -33.40
CA VAL A 425 8.05 -7.32 -34.33
C VAL A 425 8.74 -7.43 -35.68
N TRP A 426 8.78 -8.64 -36.23
CA TRP A 426 9.28 -8.86 -37.60
C TRP A 426 8.31 -8.23 -38.59
N LEU A 427 8.65 -7.04 -39.08
CA LEU A 427 7.89 -6.41 -40.15
C LEU A 427 8.50 -6.81 -41.48
N ARG A 428 7.96 -6.26 -42.58
CA ARG A 428 8.53 -6.52 -43.89
C ARG A 428 8.69 -5.23 -44.66
N ARG A 429 9.94 -4.93 -45.01
CA ARG A 429 10.31 -3.78 -45.83
C ARG A 429 10.35 -4.26 -47.28
N GLY A 430 9.15 -4.42 -47.85
CA GLY A 430 9.01 -4.95 -49.19
C GLY A 430 9.20 -6.45 -49.21
N GLU A 431 10.34 -6.91 -49.73
CA GLU A 431 10.72 -8.31 -49.65
C GLU A 431 11.67 -8.59 -48.50
N GLU A 432 12.47 -7.59 -48.13
CA GLU A 432 13.28 -7.70 -46.92
C GLU A 432 12.39 -7.88 -45.70
N THR A 433 12.86 -8.67 -44.74
CA THR A 433 12.18 -8.90 -43.47
C THR A 433 13.04 -8.30 -42.37
N ILE A 434 12.58 -7.20 -41.78
CA ILE A 434 13.34 -6.51 -40.75
C ILE A 434 12.61 -6.58 -39.42
N SER A 435 13.28 -6.13 -38.37
CA SER A 435 12.62 -5.94 -37.09
C SER A 435 12.12 -4.51 -36.97
N SER A 436 11.03 -4.33 -36.22
CA SER A 436 10.58 -2.99 -35.86
C SER A 436 11.71 -2.19 -35.24
N HIS A 437 12.61 -2.86 -34.51
CA HIS A 437 13.76 -2.21 -33.93
C HIS A 437 14.78 -1.74 -34.97
N ASP A 438 14.73 -2.28 -36.19
CA ASP A 438 15.66 -1.79 -37.20
C ASP A 438 15.30 -0.41 -37.73
N LEU A 439 14.11 0.09 -37.42
CA LEU A 439 13.64 1.39 -37.89
C LEU A 439 13.78 2.50 -36.86
N ILE A 440 14.25 2.18 -35.65
CA ILE A 440 14.36 3.14 -34.55
C ILE A 440 15.82 3.22 -34.14
N GLY A 441 16.13 4.20 -33.32
CA GLY A 441 17.45 4.23 -32.69
C GLY A 441 18.24 5.49 -32.95
N ARG A 442 18.17 6.01 -34.18
CA ARG A 442 18.88 7.21 -34.55
C ARG A 442 18.10 8.43 -34.05
N ASP A 443 17.12 8.89 -34.81
CA ASP A 443 16.30 10.03 -34.42
C ASP A 443 14.96 9.57 -33.86
N PHE A 444 14.25 10.51 -33.24
CA PHE A 444 12.84 10.33 -32.91
C PHE A 444 12.06 9.80 -34.12
N MET A 445 11.20 8.82 -33.88
CA MET A 445 10.43 8.15 -34.92
C MET A 445 8.95 8.32 -34.65
N LEU A 446 8.22 8.77 -35.67
CA LEU A 446 6.76 8.77 -35.66
C LEU A 446 6.26 7.65 -36.56
N PHE A 447 5.75 6.59 -35.94
CA PHE A 447 4.94 5.61 -36.65
C PHE A 447 3.49 6.08 -36.76
N THR A 448 2.85 5.76 -37.88
CA THR A 448 1.42 5.97 -38.05
C THR A 448 0.80 4.79 -38.79
N GLY A 449 -0.50 4.59 -38.56
CA GLY A 449 -1.29 3.61 -39.28
C GLY A 449 -1.55 4.04 -40.71
N PRO A 450 -1.93 3.08 -41.56
CA PRO A 450 -2.09 3.41 -42.99
C PRO A 450 -2.98 4.61 -43.27
N ASP A 451 -4.01 4.85 -42.45
CA ASP A 451 -4.86 6.02 -42.61
C ASP A 451 -4.39 7.22 -41.76
N GLY A 452 -3.17 7.17 -41.23
CA GLY A 452 -2.65 8.25 -40.39
C GLY A 452 -1.85 9.31 -41.11
N GLY A 453 -2.31 9.75 -42.29
CA GLY A 453 -1.59 10.74 -43.06
C GLY A 453 -1.71 12.15 -42.51
N ASP A 454 -2.74 12.44 -41.72
CA ASP A 454 -2.82 13.74 -41.07
C ASP A 454 -1.63 13.95 -40.13
N TRP A 455 -1.25 12.89 -39.39
CA TRP A 455 -0.06 12.94 -38.53
C TRP A 455 1.20 13.18 -39.35
N ILE A 456 1.39 12.36 -40.41
CA ILE A 456 2.58 12.44 -41.23
C ILE A 456 2.86 13.87 -41.65
N GLU A 457 1.88 14.51 -42.29
CA GLU A 457 2.13 15.86 -42.80
C GLU A 457 2.33 16.85 -41.66
N ALA A 458 1.64 16.65 -40.53
CA ALA A 458 1.95 17.44 -39.34
C ALA A 458 3.38 17.22 -38.93
N ALA A 459 3.79 15.96 -38.87
CA ALA A 459 5.17 15.61 -38.55
C ALA A 459 6.15 16.35 -39.45
N ARG A 460 5.89 16.33 -40.76
CA ARG A 460 6.84 16.91 -41.71
C ARG A 460 6.90 18.43 -41.54
N ARG A 461 5.75 19.07 -41.31
CA ARG A 461 5.75 20.50 -41.02
C ARG A 461 6.44 20.82 -39.68
N ILE A 462 6.26 19.97 -38.67
CA ILE A 462 6.96 20.13 -37.39
C ILE A 462 8.45 20.24 -37.64
N ALA A 463 9.02 19.22 -38.29
CA ALA A 463 10.46 19.04 -38.36
C ALA A 463 11.15 20.16 -39.11
N LEU A 464 10.45 20.79 -40.06
CA LEU A 464 10.97 21.95 -40.75
C LEU A 464 11.48 22.99 -39.75
N ARG A 465 10.65 23.33 -38.77
CA ARG A 465 11.00 24.32 -37.75
C ARG A 465 11.87 23.71 -36.63
N SER A 466 11.42 22.60 -36.06
CA SER A 466 12.03 22.07 -34.85
C SER A 466 13.50 21.81 -35.07
N LYS A 467 14.30 22.06 -34.03
CA LYS A 467 15.74 21.89 -34.17
C LYS A 467 16.10 20.40 -34.30
N ALA A 468 15.32 19.52 -33.68
CA ALA A 468 15.48 18.06 -33.66
C ALA A 468 14.80 17.42 -34.87
N PRO A 469 15.48 16.48 -35.54
CA PRO A 469 14.80 15.71 -36.59
C PRO A 469 13.65 14.90 -36.03
N LEU A 470 12.78 14.48 -36.95
CA LEU A 470 11.69 13.58 -36.64
C LEU A 470 11.52 12.70 -37.87
N GLY A 471 11.82 11.40 -37.72
CA GLY A 471 11.55 10.47 -38.79
C GLY A 471 10.11 9.96 -38.73
N VAL A 472 9.57 9.65 -39.90
CA VAL A 472 8.21 9.13 -40.03
C VAL A 472 8.26 7.77 -40.71
N CYS A 473 7.32 6.91 -40.34
CA CYS A 473 7.16 5.63 -41.03
C CYS A 473 5.70 5.24 -40.94
N ARG A 474 5.02 5.17 -42.09
CA ARG A 474 3.60 4.85 -42.16
C ARG A 474 3.42 3.37 -42.50
N LEU A 475 2.66 2.68 -41.66
CA LEU A 475 2.42 1.26 -41.87
C LEU A 475 1.64 1.01 -43.15
N GLY A 476 1.82 -0.19 -43.70
CA GLY A 476 1.28 -0.55 -44.99
C GLY A 476 1.82 0.21 -46.16
N PHE A 477 2.65 1.23 -45.94
CA PHE A 477 3.26 2.01 -47.02
C PHE A 477 4.77 1.82 -46.99
N ASP A 478 5.45 2.46 -46.02
CA ASP A 478 6.89 2.34 -45.87
C ASP A 478 7.30 0.92 -45.44
N VAL A 479 6.61 0.36 -44.44
CA VAL A 479 6.80 -1.03 -44.07
C VAL A 479 5.42 -1.68 -43.96
N ASP A 480 5.43 -3.01 -43.93
CA ASP A 480 4.21 -3.81 -43.91
C ASP A 480 4.22 -4.72 -42.69
N ASP A 481 3.04 -4.85 -42.07
CA ASP A 481 2.80 -5.59 -40.85
C ASP A 481 1.80 -6.67 -41.21
N PRO A 482 2.24 -7.74 -41.88
CA PRO A 482 1.27 -8.68 -42.46
C PRO A 482 0.37 -9.34 -41.42
N GLU A 483 0.87 -9.57 -40.22
CA GLU A 483 0.13 -10.30 -39.19
C GLU A 483 -0.34 -9.40 -38.05
N GLY A 484 -0.63 -8.13 -38.35
CA GLY A 484 -1.18 -7.18 -37.38
C GLY A 484 -0.59 -7.25 -35.98
N LEU A 485 0.71 -7.53 -35.86
CA LEU A 485 1.37 -7.72 -34.57
C LEU A 485 2.07 -6.47 -34.06
N PHE A 486 2.23 -5.45 -34.91
CA PHE A 486 2.82 -4.19 -34.49
C PHE A 486 1.72 -3.23 -34.07
N LEU A 487 1.41 -2.23 -34.90
CA LEU A 487 0.46 -1.18 -34.50
C LEU A 487 -0.85 -1.71 -33.90
N PRO A 488 -1.54 -2.72 -34.47
CA PRO A 488 -2.73 -3.27 -33.78
C PRO A 488 -2.45 -3.69 -32.35
N ARG A 489 -1.50 -4.60 -32.12
CA ARG A 489 -1.26 -5.07 -30.76
C ARG A 489 -0.88 -3.93 -29.83
N LEU A 490 -0.31 -2.85 -30.36
CA LEU A 490 -0.01 -1.67 -29.54
C LEU A 490 -1.23 -0.81 -29.31
N ARG A 491 -2.40 -1.28 -29.76
CA ARG A 491 -3.67 -0.58 -29.64
C ARG A 491 -3.55 0.84 -30.22
N ILE A 492 -3.10 0.88 -31.48
CA ILE A 492 -3.11 2.08 -32.31
C ILE A 492 -3.96 1.77 -33.54
N SER A 493 -5.03 2.54 -33.73
CA SER A 493 -5.93 2.35 -34.86
C SER A 493 -5.25 2.78 -36.16
N PRO A 494 -5.78 2.36 -37.32
CA PRO A 494 -5.21 2.80 -38.61
C PRO A 494 -5.08 4.31 -38.76
N GLU A 495 -5.74 5.11 -37.92
CA GLU A 495 -5.62 6.56 -37.94
C GLU A 495 -4.77 7.11 -36.80
N GLY A 496 -4.21 6.24 -35.97
CA GLY A 496 -3.44 6.67 -34.83
C GLY A 496 -2.00 7.00 -35.17
N ALA A 497 -1.21 7.17 -34.13
CA ALA A 497 0.21 7.47 -34.29
C ALA A 497 0.92 7.15 -32.98
N LEU A 498 2.25 7.17 -33.06
CA LEU A 498 3.09 6.59 -32.03
C LEU A 498 4.45 7.22 -32.18
N LEU A 499 4.88 7.95 -31.14
CA LEU A 499 6.17 8.65 -31.13
C LEU A 499 7.15 7.87 -30.28
N VAL A 500 8.23 7.39 -30.91
CA VAL A 500 9.25 6.60 -30.24
C VAL A 500 10.53 7.43 -30.12
N ARG A 501 11.12 7.41 -28.91
CA ARG A 501 12.38 8.11 -28.59
C ARG A 501 13.59 7.45 -29.23
N PRO A 502 14.75 8.13 -29.28
CA PRO A 502 15.96 7.48 -29.81
C PRO A 502 16.40 6.30 -28.99
N ASP A 503 15.93 6.15 -27.74
CA ASP A 503 16.24 4.97 -26.96
C ASP A 503 15.23 3.85 -27.14
N GLY A 504 14.28 3.99 -28.09
CA GLY A 504 13.30 2.96 -28.39
C GLY A 504 12.05 2.96 -27.51
N TYR A 505 11.99 3.83 -26.51
CA TYR A 505 10.84 3.91 -25.62
C TYR A 505 9.77 4.81 -26.22
N ILE A 506 8.51 4.45 -25.96
CA ILE A 506 7.35 5.18 -26.49
C ILE A 506 7.19 6.47 -25.68
N ALA A 507 7.10 7.59 -26.39
CA ALA A 507 6.99 8.89 -25.74
C ALA A 507 5.59 9.46 -25.72
N TRP A 508 4.72 8.97 -26.61
CA TRP A 508 3.39 9.52 -26.83
C TRP A 508 2.68 8.66 -27.85
N ARG A 509 1.36 8.48 -27.69
CA ARG A 509 0.53 7.79 -28.67
C ARG A 509 -0.81 8.47 -28.81
N SER A 510 -1.37 8.37 -30.00
CA SER A 510 -2.78 8.71 -30.24
C SER A 510 -3.45 7.48 -30.82
N ARG A 511 -4.52 7.00 -30.15
CA ARG A 511 -5.22 5.82 -30.63
C ARG A 511 -5.87 6.09 -31.98
N GLY A 512 -6.38 7.30 -32.17
CA GLY A 512 -6.95 7.63 -33.45
C GLY A 512 -6.66 9.06 -33.86
N ARG A 513 -7.55 9.64 -34.65
CA ARG A 513 -7.34 10.96 -35.21
C ARG A 513 -7.41 12.02 -34.11
N SER A 514 -6.94 13.21 -34.46
CA SER A 514 -7.05 14.36 -33.58
C SER A 514 -7.70 15.50 -34.34
N PRO A 515 -8.45 16.35 -33.66
CA PRO A 515 -9.09 17.48 -34.35
C PRO A 515 -8.10 18.53 -34.81
N ASP A 516 -6.95 18.65 -34.13
CA ASP A 516 -5.83 19.45 -34.61
C ASP A 516 -4.55 18.61 -34.40
N PRO A 517 -4.27 17.70 -35.33
CA PRO A 517 -3.09 16.83 -35.17
C PRO A 517 -1.76 17.56 -35.12
N PHE A 518 -1.61 18.67 -35.84
CA PHE A 518 -0.38 19.45 -35.77
C PHE A 518 -0.16 20.00 -34.37
N ALA A 519 -1.16 20.69 -33.81
CA ALA A 519 -0.98 21.31 -32.51
C ALA A 519 -0.68 20.29 -31.41
N THR A 520 -1.26 19.09 -31.51
CA THR A 520 -1.02 18.09 -30.47
C THR A 520 0.37 17.46 -30.64
N LEU A 521 0.76 17.17 -31.88
CA LEU A 521 2.09 16.65 -32.13
C LEU A 521 3.15 17.67 -31.79
N GLU A 522 2.96 18.91 -32.26
CA GLU A 522 3.93 19.96 -31.96
C GLU A 522 4.12 20.14 -30.47
N ALA A 523 3.00 20.18 -29.72
CA ALA A 523 3.09 20.31 -28.27
C ALA A 523 3.78 19.09 -27.64
N SER A 524 3.39 17.88 -28.07
CA SER A 524 3.98 16.66 -27.55
C SER A 524 5.49 16.62 -27.78
N PHE A 525 5.89 16.80 -29.04
CA PHE A 525 7.29 16.73 -29.41
C PHE A 525 8.11 17.79 -28.67
N ALA A 526 7.53 18.96 -28.43
CA ALA A 526 8.22 19.97 -27.64
C ALA A 526 8.36 19.54 -26.19
N ARG A 527 7.28 19.01 -25.60
CA ARG A 527 7.30 18.62 -24.19
C ARG A 527 8.24 17.44 -23.94
N VAL A 528 8.35 16.49 -24.88
CA VAL A 528 9.22 15.34 -24.65
C VAL A 528 10.70 15.65 -24.89
N ARG A 529 11.04 16.89 -25.22
CA ARG A 529 12.42 17.33 -25.35
C ARG A 529 12.77 18.43 -24.36
N GLY A 530 11.96 18.62 -23.32
CA GLY A 530 12.29 19.56 -22.26
C GLY A 530 11.71 20.95 -22.36
N PHE A 531 11.04 21.30 -23.47
CA PHE A 531 10.41 22.61 -23.60
C PHE A 531 9.04 22.58 -22.95
N ASP A 532 8.65 23.70 -22.34
CA ASP A 532 7.28 23.89 -21.88
C ASP A 532 6.77 25.26 -22.31
N SER B 2 -50.85 -21.89 5.96
CA SER B 2 -49.72 -22.73 6.36
C SER B 2 -48.47 -21.87 6.54
N VAL B 3 -47.75 -22.07 7.65
CA VAL B 3 -46.58 -21.24 7.97
C VAL B 3 -45.45 -22.12 8.49
N GLU B 4 -44.28 -22.02 7.84
CA GLU B 4 -43.06 -22.70 8.24
C GLU B 4 -41.93 -21.68 8.33
N ARG B 5 -40.87 -22.04 9.06
CA ARG B 5 -39.76 -21.11 9.25
C ARG B 5 -38.50 -21.68 8.61
N VAL B 6 -37.55 -20.81 8.31
CA VAL B 6 -36.31 -21.24 7.65
C VAL B 6 -35.18 -20.25 7.97
N PRO B 7 -33.95 -20.70 8.21
CA PRO B 7 -32.86 -19.71 8.48
C PRO B 7 -32.68 -18.72 7.33
N VAL B 8 -32.54 -19.24 6.11
CA VAL B 8 -32.23 -18.47 4.91
C VAL B 8 -33.26 -18.81 3.84
N LEU B 9 -33.83 -17.79 3.20
CA LEU B 9 -34.73 -17.97 2.07
C LEU B 9 -34.09 -17.36 0.84
N ILE B 10 -33.98 -18.14 -0.22
CA ILE B 10 -33.35 -17.70 -1.46
C ILE B 10 -34.42 -17.64 -2.53
N VAL B 11 -34.56 -16.48 -3.15
CA VAL B 11 -35.52 -16.24 -4.22
C VAL B 11 -34.75 -16.24 -5.53
N GLY B 12 -34.91 -17.28 -6.33
CA GLY B 12 -34.25 -17.29 -7.64
C GLY B 12 -33.37 -18.49 -7.88
N ALA B 13 -33.58 -19.21 -8.97
CA ALA B 13 -32.76 -20.40 -9.19
C ALA B 13 -31.83 -20.25 -10.37
N GLY B 14 -31.08 -19.14 -10.45
CA GLY B 14 -30.00 -19.00 -11.39
C GLY B 14 -28.65 -19.25 -10.75
N TYR B 15 -27.59 -18.68 -11.35
CA TYR B 15 -26.24 -18.85 -10.82
C TYR B 15 -26.16 -18.38 -9.36
N ALA B 16 -26.57 -17.15 -9.07
CA ALA B 16 -26.52 -16.62 -7.72
C ALA B 16 -27.28 -17.52 -6.75
N GLY B 17 -28.59 -17.73 -6.99
CA GLY B 17 -29.41 -18.44 -6.03
C GLY B 17 -29.05 -19.91 -5.88
N LEU B 18 -28.66 -20.56 -6.98
CA LEU B 18 -28.35 -21.98 -6.89
C LEU B 18 -27.03 -22.20 -6.17
N SER B 19 -26.02 -21.37 -6.48
CA SER B 19 -24.78 -21.31 -5.71
C SER B 19 -25.03 -21.02 -4.23
N ALA B 20 -25.83 -19.97 -3.95
CA ALA B 20 -26.09 -19.67 -2.54
C ALA B 20 -26.64 -20.89 -1.81
N ALA B 21 -27.50 -21.67 -2.47
CA ALA B 21 -28.16 -22.79 -1.78
C ALA B 21 -27.20 -23.97 -1.59
N THR B 22 -26.36 -24.27 -2.59
CA THR B 22 -25.38 -25.34 -2.47
C THR B 22 -24.33 -25.04 -1.41
N LEU B 23 -23.88 -23.80 -1.35
CA LEU B 23 -22.86 -23.51 -0.36
C LEU B 23 -23.49 -23.37 1.02
N LEU B 24 -24.67 -22.76 1.12
CA LEU B 24 -25.31 -22.65 2.42
C LEU B 24 -25.72 -24.02 2.94
N ALA B 25 -26.17 -24.90 2.04
CA ALA B 25 -26.42 -26.29 2.41
C ALA B 25 -25.14 -26.93 2.91
N TRP B 26 -24.07 -26.87 2.10
CA TRP B 26 -22.85 -27.58 2.45
C TRP B 26 -22.28 -27.13 3.79
N ARG B 27 -22.37 -25.83 4.08
CA ARG B 27 -21.88 -25.27 5.34
C ARG B 27 -22.85 -25.46 6.49
N GLY B 28 -23.85 -26.32 6.32
CA GLY B 28 -24.75 -26.66 7.40
C GLY B 28 -25.91 -25.73 7.69
N VAL B 29 -26.31 -24.89 6.75
CA VAL B 29 -27.42 -23.97 7.01
C VAL B 29 -28.64 -24.44 6.23
N PRO B 30 -29.70 -24.93 6.88
CA PRO B 30 -30.96 -25.27 6.17
C PRO B 30 -31.52 -24.07 5.43
N CYS B 31 -31.73 -24.21 4.13
CA CYS B 31 -32.29 -23.13 3.36
C CYS B 31 -33.40 -23.69 2.46
N ARG B 32 -34.27 -22.78 1.99
CA ARG B 32 -35.23 -23.06 0.94
C ARG B 32 -35.03 -22.07 -0.20
N LEU B 33 -35.02 -22.59 -1.42
CA LEU B 33 -34.94 -21.81 -2.65
C LEU B 33 -36.27 -21.93 -3.37
N VAL B 34 -36.80 -20.81 -3.81
CA VAL B 34 -38.03 -20.76 -4.58
C VAL B 34 -37.70 -20.11 -5.92
N GLU B 35 -38.34 -20.61 -6.97
CA GLU B 35 -38.09 -20.21 -8.34
C GLU B 35 -39.42 -20.32 -9.07
N ARG B 36 -39.78 -19.25 -9.80
CA ARG B 36 -41.07 -19.18 -10.49
C ARG B 36 -41.15 -20.17 -11.63
N ARG B 37 -40.04 -20.38 -12.36
CA ARG B 37 -40.04 -21.36 -13.43
C ARG B 37 -40.25 -22.77 -12.88
N ALA B 38 -40.51 -23.71 -13.79
CA ALA B 38 -40.86 -25.05 -13.38
C ALA B 38 -39.66 -25.97 -13.34
N SER B 39 -38.56 -25.58 -13.96
CA SER B 39 -37.34 -26.38 -13.93
C SER B 39 -36.18 -25.49 -14.31
N THR B 40 -34.97 -26.01 -14.12
CA THR B 40 -33.82 -25.26 -14.62
C THR B 40 -33.82 -25.13 -16.13
N SER B 41 -34.72 -25.81 -16.84
CA SER B 41 -34.59 -25.99 -18.29
C SER B 41 -34.88 -24.67 -18.99
N ARG B 42 -33.82 -24.02 -19.44
CA ARG B 42 -33.99 -22.79 -20.20
C ARG B 42 -32.86 -22.70 -21.20
N LEU B 43 -32.94 -21.67 -22.02
CA LEU B 43 -31.90 -21.47 -23.01
C LEU B 43 -30.59 -21.15 -22.28
N PRO B 44 -29.45 -21.60 -22.78
CA PRO B 44 -28.19 -21.18 -22.18
C PRO B 44 -27.97 -19.69 -22.46
N LYS B 45 -27.45 -18.99 -21.47
CA LYS B 45 -27.02 -17.62 -21.66
C LYS B 45 -25.52 -17.49 -21.47
N ALA B 46 -25.01 -17.94 -20.33
CA ALA B 46 -23.60 -17.84 -19.97
C ALA B 46 -22.85 -19.12 -20.31
N HIS B 47 -21.55 -18.97 -20.53
CA HIS B 47 -20.70 -20.10 -20.89
C HIS B 47 -19.41 -19.97 -20.11
N GLY B 48 -19.11 -20.98 -19.30
CA GLY B 48 -17.82 -21.08 -18.64
C GLY B 48 -17.83 -20.64 -17.18
N ILE B 49 -17.00 -21.31 -16.39
CA ILE B 49 -16.78 -20.96 -14.98
C ILE B 49 -15.30 -20.60 -14.83
N ASN B 50 -15.02 -19.33 -14.51
CA ASN B 50 -13.65 -18.89 -14.38
C ASN B 50 -13.05 -19.44 -13.08
N ARG B 51 -11.76 -19.16 -12.89
CA ARG B 51 -10.96 -19.86 -11.90
C ARG B 51 -11.43 -19.56 -10.48
N ARG B 52 -11.75 -18.29 -10.20
CA ARG B 52 -12.22 -17.89 -8.88
C ARG B 52 -13.59 -18.46 -8.59
N SER B 53 -14.50 -18.44 -9.57
CA SER B 53 -15.80 -19.07 -9.34
C SER B 53 -15.61 -20.52 -8.95
N MET B 54 -14.67 -21.21 -9.58
CA MET B 54 -14.50 -22.61 -9.22
C MET B 54 -13.86 -22.75 -7.85
N GLU B 55 -13.03 -21.78 -7.44
CA GLU B 55 -12.39 -21.84 -6.13
C GLU B 55 -13.41 -21.77 -5.00
N VAL B 56 -14.45 -20.95 -5.16
CA VAL B 56 -15.46 -20.87 -4.11
C VAL B 56 -16.42 -22.06 -4.15
N LEU B 57 -16.56 -22.72 -5.30
CA LEU B 57 -17.48 -23.83 -5.47
C LEU B 57 -16.85 -25.18 -5.16
N ARG B 58 -15.52 -25.30 -5.31
CA ARG B 58 -14.82 -26.58 -5.14
C ARG B 58 -14.67 -26.99 -3.69
N VAL B 59 -14.99 -26.12 -2.74
CA VAL B 59 -15.07 -26.55 -1.34
C VAL B 59 -16.16 -27.59 -1.14
N VAL B 60 -17.16 -27.63 -2.03
CA VAL B 60 -18.24 -28.61 -1.97
C VAL B 60 -17.77 -29.92 -2.61
N PRO B 61 -17.66 -31.01 -1.85
CA PRO B 61 -17.11 -32.26 -2.40
C PRO B 61 -17.92 -32.76 -3.57
N GLY B 62 -17.22 -33.05 -4.67
CA GLY B 62 -17.82 -33.56 -5.87
C GLY B 62 -18.18 -32.49 -6.87
N LEU B 63 -18.37 -31.25 -6.43
CA LEU B 63 -18.96 -30.22 -7.28
C LEU B 63 -18.06 -29.91 -8.46
N GLU B 64 -16.74 -29.78 -8.25
CA GLU B 64 -15.85 -29.33 -9.33
C GLU B 64 -15.79 -30.37 -10.44
N ASP B 65 -15.46 -31.63 -10.11
CA ASP B 65 -15.40 -32.65 -11.14
C ASP B 65 -16.72 -32.74 -11.89
N ALA B 66 -17.85 -32.68 -11.18
CA ALA B 66 -19.14 -32.78 -11.84
C ALA B 66 -19.34 -31.61 -12.82
N LEU B 67 -18.92 -30.40 -12.44
CA LEU B 67 -19.01 -29.30 -13.39
C LEU B 67 -18.15 -29.55 -14.63
N PHE B 68 -16.94 -30.09 -14.46
CA PHE B 68 -16.11 -30.39 -15.64
C PHE B 68 -16.66 -31.57 -16.45
N ALA B 69 -17.24 -32.57 -15.79
CA ALA B 69 -17.81 -33.71 -16.51
C ALA B 69 -19.01 -33.26 -17.35
N ALA B 70 -19.81 -32.33 -16.84
CA ALA B 70 -20.95 -31.74 -17.53
C ALA B 70 -20.56 -30.87 -18.72
N SER B 71 -19.28 -30.70 -19.03
CA SER B 71 -18.91 -29.83 -20.12
C SER B 71 -18.51 -30.64 -21.34
N ARG B 72 -18.75 -30.07 -22.53
CA ARG B 72 -18.34 -30.75 -23.76
C ARG B 72 -16.84 -30.61 -24.00
N ALA B 73 -16.29 -29.41 -23.79
CA ALA B 73 -14.91 -29.11 -24.18
C ALA B 73 -13.87 -29.59 -23.17
N GLY B 74 -14.16 -29.57 -21.87
CA GLY B 74 -13.15 -29.99 -20.91
C GLY B 74 -12.12 -28.90 -20.60
N ALA B 75 -11.19 -29.26 -19.70
CA ALA B 75 -10.46 -28.26 -18.94
C ALA B 75 -9.50 -27.43 -19.81
N ASN B 76 -9.59 -26.10 -19.63
CA ASN B 76 -8.77 -25.08 -20.28
C ASN B 76 -8.90 -25.09 -21.79
N GLU B 77 -9.90 -25.78 -22.32
CA GLU B 77 -10.07 -25.97 -23.75
C GLU B 77 -10.96 -24.86 -24.32
N SER B 78 -10.44 -23.64 -24.29
CA SER B 78 -11.22 -22.45 -24.61
C SER B 78 -10.40 -21.53 -25.50
N THR B 79 -11.04 -21.01 -26.56
CA THR B 79 -10.42 -20.08 -27.50
C THR B 79 -11.29 -18.84 -27.62
N LEU B 80 -10.65 -17.68 -27.70
CA LEU B 80 -11.33 -16.41 -27.95
C LEU B 80 -10.68 -15.72 -29.14
N ILE B 81 -11.48 -15.37 -30.13
CA ILE B 81 -10.99 -14.78 -31.37
C ILE B 81 -11.89 -13.62 -31.76
N ILE B 82 -11.27 -12.54 -32.23
CA ILE B 82 -11.98 -11.44 -32.86
C ILE B 82 -11.75 -11.56 -34.36
N ALA B 83 -12.81 -11.46 -35.15
CA ALA B 83 -12.72 -11.56 -36.59
C ALA B 83 -13.97 -10.91 -37.18
N GLU B 84 -14.06 -10.93 -38.51
CA GLU B 84 -15.24 -10.42 -39.20
C GLU B 84 -16.31 -11.48 -39.38
N SER B 85 -15.90 -12.75 -39.32
CA SER B 85 -16.77 -13.92 -39.28
C SER B 85 -15.91 -15.08 -38.83
N VAL B 86 -16.56 -16.13 -38.31
CA VAL B 86 -15.81 -17.21 -37.69
C VAL B 86 -14.95 -18.00 -38.68
N THR B 87 -15.10 -17.79 -39.99
CA THR B 87 -14.20 -18.42 -40.94
C THR B 87 -13.23 -17.42 -41.57
N SER B 88 -13.23 -16.18 -41.10
CA SER B 88 -12.34 -15.14 -41.60
C SER B 88 -11.02 -15.15 -40.85
N PRO B 89 -9.96 -14.62 -41.45
CA PRO B 89 -8.68 -14.50 -40.75
C PRO B 89 -8.86 -13.77 -39.44
N PRO B 90 -8.33 -14.31 -38.35
CA PRO B 90 -8.48 -13.66 -37.04
C PRO B 90 -7.94 -12.23 -37.04
N ILE B 91 -8.76 -11.30 -36.57
CA ILE B 91 -8.25 -9.97 -36.31
C ILE B 91 -7.30 -9.99 -35.11
N GLU B 92 -7.60 -10.84 -34.12
CA GLU B 92 -6.79 -10.98 -32.92
C GLU B 92 -7.21 -12.28 -32.23
N THR B 93 -6.31 -12.86 -31.46
CA THR B 93 -6.60 -14.09 -30.72
C THR B 93 -6.36 -13.81 -29.24
N LEU B 94 -7.45 -13.75 -28.48
CA LEU B 94 -7.36 -13.31 -27.10
C LEU B 94 -6.98 -14.42 -26.11
N VAL B 95 -7.47 -15.64 -26.31
CA VAL B 95 -7.18 -16.72 -25.36
C VAL B 95 -7.08 -18.04 -26.12
N THR B 96 -6.22 -18.94 -25.61
CA THR B 96 -6.08 -20.30 -26.11
C THR B 96 -5.81 -21.25 -24.95
N LYS B 97 -5.89 -22.56 -25.23
CA LYS B 97 -5.50 -23.53 -24.21
C LYS B 97 -4.04 -23.38 -23.83
N ILE B 98 -3.19 -23.04 -24.79
CA ILE B 98 -1.78 -22.77 -24.48
C ILE B 98 -1.66 -21.65 -23.45
N SER B 99 -2.39 -20.55 -23.66
CA SER B 99 -2.30 -19.40 -22.76
C SER B 99 -2.93 -19.68 -21.40
N LEU B 100 -4.01 -20.47 -21.35
CA LEU B 100 -4.60 -20.79 -20.06
C LEU B 100 -3.74 -21.77 -19.28
N ASP B 101 -3.00 -22.63 -19.99
CA ASP B 101 -2.15 -23.62 -19.33
C ASP B 101 -0.89 -22.99 -18.75
N ALA B 102 -0.46 -21.85 -19.29
CA ALA B 102 0.76 -21.19 -18.86
C ALA B 102 0.53 -20.22 -17.71
N THR B 103 -0.68 -20.21 -17.14
CA THR B 103 -1.06 -19.33 -16.04
C THR B 103 -1.57 -20.18 -14.88
N PRO B 104 -0.71 -20.89 -14.23
CA PRO B 104 -1.13 -21.77 -13.12
C PRO B 104 -1.46 -20.98 -11.86
N VAL B 105 -2.42 -20.05 -11.98
CA VAL B 105 -2.67 -19.12 -10.88
C VAL B 105 -3.66 -19.69 -9.88
N SER B 106 -4.11 -20.92 -10.06
CA SER B 106 -5.23 -21.42 -9.29
C SER B 106 -5.12 -22.94 -9.19
N PRO B 107 -5.67 -23.55 -8.14
CA PRO B 107 -5.77 -25.01 -8.12
C PRO B 107 -6.67 -25.55 -9.20
N SER B 108 -7.57 -24.72 -9.72
CA SER B 108 -8.55 -25.10 -10.72
C SER B 108 -8.11 -24.61 -12.09
N ARG B 109 -8.53 -25.35 -13.12
CA ARG B 109 -8.48 -24.90 -14.50
C ARG B 109 -9.79 -24.21 -14.86
N ILE B 110 -9.89 -23.78 -16.12
CA ILE B 110 -11.11 -23.19 -16.66
C ILE B 110 -12.10 -24.28 -17.05
N CYS B 111 -13.34 -24.15 -16.60
CA CYS B 111 -14.46 -25.00 -17.03
C CYS B 111 -15.30 -24.24 -18.06
N THR B 112 -15.66 -24.92 -19.16
CA THR B 112 -16.29 -24.25 -20.31
C THR B 112 -17.81 -24.43 -20.39
N ALA B 113 -18.41 -25.18 -19.46
CA ALA B 113 -19.80 -25.59 -19.55
C ALA B 113 -20.77 -24.42 -19.60
N GLY B 114 -21.82 -24.56 -20.40
CA GLY B 114 -22.82 -23.53 -20.46
C GLY B 114 -23.75 -23.54 -19.27
N GLN B 115 -24.50 -22.44 -19.15
CA GLN B 115 -25.54 -22.30 -18.11
C GLN B 115 -26.54 -23.43 -18.17
N ASP B 116 -26.90 -23.89 -19.38
CA ASP B 116 -27.85 -24.98 -19.46
C ASP B 116 -27.30 -26.27 -18.86
N ARG B 117 -25.99 -26.38 -18.72
CA ARG B 117 -25.39 -27.54 -18.06
C ARG B 117 -25.03 -27.25 -16.62
N VAL B 118 -24.66 -26.01 -16.27
CA VAL B 118 -24.23 -25.70 -14.90
C VAL B 118 -25.41 -25.75 -13.93
N GLU B 119 -26.50 -25.01 -14.24
CA GLU B 119 -27.62 -24.90 -13.31
C GLU B 119 -28.18 -26.24 -12.85
N PRO B 120 -28.32 -27.28 -13.68
CA PRO B 120 -28.72 -28.59 -13.15
C PRO B 120 -27.70 -29.21 -12.19
N VAL B 121 -26.39 -29.01 -12.40
CA VAL B 121 -25.40 -29.59 -11.50
C VAL B 121 -25.45 -28.91 -10.13
N LEU B 122 -25.65 -27.58 -10.12
CA LEU B 122 -25.80 -26.89 -8.85
C LEU B 122 -27.06 -27.36 -8.14
N LEU B 123 -28.18 -27.41 -8.87
CA LEU B 123 -29.39 -28.01 -8.32
C LEU B 123 -29.09 -29.39 -7.75
N ARG B 124 -28.33 -30.20 -8.49
CA ARG B 124 -28.04 -31.54 -8.00
C ARG B 124 -27.34 -31.49 -6.66
N PHE B 125 -26.26 -30.71 -6.57
CA PHE B 125 -25.51 -30.65 -5.32
C PHE B 125 -26.21 -29.80 -4.26
N ALA B 126 -27.03 -28.83 -4.67
CA ALA B 126 -27.82 -28.09 -3.70
C ALA B 126 -28.71 -29.03 -2.92
N ARG B 127 -29.36 -29.98 -3.63
CA ARG B 127 -30.29 -30.91 -2.98
C ARG B 127 -29.55 -32.00 -2.22
N GLU B 128 -28.44 -32.50 -2.78
CA GLU B 128 -27.68 -33.55 -2.10
C GLU B 128 -27.22 -33.10 -0.72
N ASN B 129 -26.79 -31.84 -0.61
CA ASN B 129 -26.35 -31.31 0.67
C ASN B 129 -27.48 -30.75 1.52
N GLY B 130 -28.75 -31.00 1.19
CA GLY B 130 -29.83 -30.63 2.08
C GLY B 130 -30.69 -29.43 1.72
N ALA B 131 -30.44 -28.72 0.62
CA ALA B 131 -31.28 -27.55 0.33
C ALA B 131 -32.69 -27.98 -0.07
N ASP B 132 -33.65 -27.14 0.31
CA ASP B 132 -35.05 -27.28 -0.12
C ASP B 132 -35.28 -26.39 -1.33
N VAL B 133 -35.07 -26.94 -2.54
CA VAL B 133 -35.36 -26.23 -3.79
C VAL B 133 -36.75 -26.59 -4.26
N ARG B 134 -37.66 -25.59 -4.27
CA ARG B 134 -39.02 -25.73 -4.77
C ARG B 134 -39.20 -24.87 -6.03
N PHE B 135 -39.48 -25.51 -7.16
CA PHE B 135 -39.79 -24.79 -8.38
C PHE B 135 -41.28 -24.43 -8.41
N SER B 136 -41.69 -23.74 -9.48
CA SER B 136 -43.08 -23.33 -9.70
C SER B 136 -43.63 -22.59 -8.48
N THR B 137 -42.78 -21.85 -7.80
CA THR B 137 -43.08 -21.18 -6.54
C THR B 137 -42.56 -19.75 -6.62
N THR B 138 -43.38 -18.78 -6.26
CA THR B 138 -43.05 -17.38 -6.48
C THR B 138 -43.09 -16.64 -5.16
N LEU B 139 -42.08 -15.80 -4.92
CA LEU B 139 -42.19 -14.81 -3.85
C LEU B 139 -43.18 -13.78 -4.33
N GLU B 140 -44.33 -13.70 -3.68
CA GLU B 140 -45.32 -12.77 -4.15
C GLU B 140 -45.12 -11.40 -3.54
N ARG B 141 -44.80 -11.36 -2.24
CA ARG B 141 -44.63 -10.14 -1.46
C ARG B 141 -43.98 -10.50 -0.13
N PHE B 142 -43.39 -9.50 0.52
CA PHE B 142 -42.70 -9.72 1.78
C PHE B 142 -42.64 -8.42 2.58
N SER B 143 -42.32 -8.56 3.87
CA SER B 143 -42.03 -7.42 4.72
C SER B 143 -41.05 -7.88 5.78
N GLN B 144 -40.46 -6.94 6.52
CA GLN B 144 -39.40 -7.27 7.47
C GLN B 144 -39.78 -6.81 8.87
N ARG B 145 -39.92 -7.76 9.81
CA ARG B 145 -39.94 -7.41 11.23
C ARG B 145 -38.51 -7.39 11.76
N ASP B 146 -38.35 -6.99 13.03
CA ASP B 146 -37.00 -6.79 13.56
C ASP B 146 -36.20 -8.07 13.71
N ASP B 147 -36.84 -9.23 13.61
CA ASP B 147 -36.11 -10.47 13.83
C ASP B 147 -36.18 -11.44 12.65
N GLY B 148 -36.77 -11.04 11.54
CA GLY B 148 -36.82 -11.91 10.37
C GLY B 148 -37.61 -11.27 9.25
N VAL B 149 -37.75 -12.04 8.18
CA VAL B 149 -38.52 -11.64 7.01
C VAL B 149 -39.80 -12.47 6.94
N ASP B 150 -40.94 -11.83 6.67
CA ASP B 150 -42.20 -12.53 6.44
C ASP B 150 -42.45 -12.53 4.94
N ALA B 151 -42.40 -13.71 4.32
CA ALA B 151 -42.49 -13.85 2.87
C ALA B 151 -43.78 -14.57 2.50
N ILE B 152 -44.46 -14.10 1.46
CA ILE B 152 -45.64 -14.77 0.92
C ILE B 152 -45.21 -15.53 -0.34
N LEU B 153 -45.41 -16.85 -0.32
CA LEU B 153 -45.06 -17.72 -1.42
C LEU B 153 -46.35 -18.09 -2.15
N ARG B 154 -46.23 -18.30 -3.46
CA ARG B 154 -47.39 -18.53 -4.33
C ARG B 154 -47.10 -19.64 -5.33
N ASP B 155 -47.98 -20.65 -5.34
CA ASP B 155 -47.88 -21.76 -6.29
C ASP B 155 -48.38 -21.33 -7.67
N GLU B 156 -47.52 -21.49 -8.67
CA GLU B 156 -47.89 -21.11 -10.04
C GLU B 156 -48.98 -22.00 -10.65
N ALA B 157 -49.19 -23.22 -10.14
CA ALA B 157 -50.22 -24.09 -10.68
C ALA B 157 -51.61 -23.77 -10.13
N SER B 158 -51.70 -23.31 -8.90
CA SER B 158 -53.00 -23.04 -8.31
C SER B 158 -53.23 -21.59 -7.95
N GLY B 159 -52.19 -20.86 -7.52
CA GLY B 159 -52.36 -19.54 -6.94
C GLY B 159 -52.49 -19.57 -5.44
N GLN B 160 -52.42 -20.75 -4.82
CA GLN B 160 -52.50 -20.89 -3.38
C GLN B 160 -51.23 -20.37 -2.74
N GLU B 161 -51.40 -19.68 -1.63
CA GLU B 161 -50.35 -18.95 -0.97
C GLU B 161 -50.05 -19.55 0.40
N THR B 162 -48.80 -19.41 0.85
CA THR B 162 -48.40 -19.77 2.20
C THR B 162 -47.39 -18.74 2.70
N THR B 163 -47.17 -18.71 4.02
CA THR B 163 -46.23 -17.78 4.61
C THR B 163 -45.03 -18.53 5.17
N VAL B 164 -43.84 -18.05 4.83
CA VAL B 164 -42.59 -18.55 5.38
C VAL B 164 -41.86 -17.42 6.08
N LEU B 165 -41.40 -17.69 7.29
CA LEU B 165 -40.59 -16.75 8.06
C LEU B 165 -39.13 -17.15 7.96
N ALA B 166 -38.26 -16.19 7.65
CA ALA B 166 -36.83 -16.45 7.51
C ALA B 166 -36.03 -15.44 8.29
N ASP B 167 -34.92 -15.89 8.88
CA ASP B 167 -33.94 -14.96 9.46
C ASP B 167 -33.45 -13.97 8.40
N TYR B 168 -33.10 -14.49 7.23
CA TYR B 168 -32.52 -13.69 6.16
C TYR B 168 -33.14 -14.16 4.86
N MET B 169 -33.18 -13.26 3.87
CA MET B 169 -33.59 -13.60 2.52
C MET B 169 -32.56 -13.12 1.51
N ILE B 170 -32.12 -14.00 0.61
CA ILE B 170 -31.25 -13.60 -0.50
C ILE B 170 -32.13 -13.33 -1.72
N ALA B 171 -32.35 -12.05 -2.03
CA ALA B 171 -32.89 -11.65 -3.33
C ALA B 171 -31.90 -12.05 -4.42
N ALA B 172 -32.27 -13.03 -5.24
CA ALA B 172 -31.38 -13.50 -6.31
C ALA B 172 -32.15 -13.52 -7.61
N ASP B 173 -32.97 -12.48 -7.82
CA ASP B 173 -34.12 -12.56 -8.70
C ASP B 173 -33.90 -11.91 -10.06
N GLY B 174 -32.64 -11.63 -10.43
CA GLY B 174 -32.30 -11.29 -11.80
C GLY B 174 -32.25 -9.79 -12.09
N ALA B 175 -31.80 -9.50 -13.31
CA ALA B 175 -31.67 -8.12 -13.77
C ALA B 175 -32.95 -7.32 -13.57
N GLY B 176 -34.11 -7.93 -13.81
CA GLY B 176 -35.40 -7.30 -13.67
C GLY B 176 -36.08 -7.52 -12.34
N GLY B 177 -35.43 -8.28 -11.44
CA GLY B 177 -35.89 -8.52 -10.10
C GLY B 177 -36.44 -7.28 -9.39
N THR B 178 -37.55 -7.45 -8.68
CA THR B 178 -38.30 -6.36 -8.07
C THR B 178 -38.17 -6.36 -6.57
N ILE B 179 -37.48 -7.34 -5.98
CA ILE B 179 -37.24 -7.30 -4.55
C ILE B 179 -36.51 -6.03 -4.17
N ARG B 180 -35.52 -5.59 -4.97
CA ARG B 180 -34.76 -4.39 -4.61
C ARG B 180 -35.66 -3.15 -4.55
N ASP B 181 -36.70 -3.07 -5.39
CA ASP B 181 -37.58 -1.91 -5.32
C ASP B 181 -38.25 -1.80 -3.96
N VAL B 182 -38.48 -2.94 -3.29
CA VAL B 182 -39.08 -2.88 -1.96
C VAL B 182 -38.21 -2.05 -1.04
N GLY B 183 -36.89 -2.13 -1.19
CA GLY B 183 -35.93 -1.39 -0.42
C GLY B 183 -35.54 -0.04 -0.99
N GLY B 184 -36.12 0.37 -2.10
CA GLY B 184 -35.72 1.64 -2.68
C GLY B 184 -34.32 1.67 -3.26
N VAL B 185 -33.68 0.53 -3.50
CA VAL B 185 -32.38 0.61 -4.15
C VAL B 185 -32.58 1.14 -5.57
N LYS B 186 -31.63 1.92 -6.04
CA LYS B 186 -31.69 2.53 -7.35
C LYS B 186 -30.51 2.01 -8.16
N MET B 187 -30.80 1.44 -9.32
CA MET B 187 -29.77 1.06 -10.26
C MET B 187 -29.21 2.31 -10.94
N GLU B 188 -27.90 2.53 -10.81
CA GLU B 188 -27.23 3.69 -11.39
C GLU B 188 -26.22 3.21 -12.42
N GLY B 189 -25.95 4.06 -13.40
CA GLY B 189 -24.97 3.72 -14.41
C GLY B 189 -25.37 4.18 -15.80
N PRO B 190 -24.55 3.81 -16.80
CA PRO B 190 -24.90 4.16 -18.20
C PRO B 190 -26.28 3.69 -18.62
N GLY B 191 -26.73 2.56 -18.07
CA GLY B 191 -27.99 1.98 -18.50
C GLY B 191 -27.82 1.04 -19.67
N VAL B 192 -28.88 0.93 -20.48
CA VAL B 192 -28.89 0.07 -21.64
C VAL B 192 -28.04 0.71 -22.72
N LEU B 193 -27.09 -0.05 -23.24
CA LEU B 193 -26.13 0.45 -24.22
C LEU B 193 -26.38 -0.10 -25.61
N ALA B 194 -27.14 -1.18 -25.71
CA ALA B 194 -27.30 -1.87 -26.96
C ALA B 194 -28.54 -2.74 -26.88
N ASP B 195 -29.27 -2.78 -27.99
CA ASP B 195 -30.29 -3.79 -28.22
C ASP B 195 -29.66 -4.92 -28.99
N THR B 196 -29.99 -6.14 -28.58
CA THR B 196 -29.42 -7.31 -29.23
C THR B 196 -30.53 -8.30 -29.51
N ILE B 197 -30.22 -9.23 -30.39
CA ILE B 197 -31.12 -10.32 -30.69
C ILE B 197 -30.29 -11.59 -30.67
N SER B 198 -30.74 -12.58 -29.89
CA SER B 198 -30.03 -13.83 -29.64
C SER B 198 -30.68 -14.95 -30.42
N VAL B 199 -29.88 -15.73 -31.13
CA VAL B 199 -30.39 -16.78 -32.00
C VAL B 199 -29.74 -18.10 -31.62
N LEU B 200 -30.57 -19.10 -31.31
CA LEU B 200 -30.11 -20.46 -31.10
C LEU B 200 -30.39 -21.24 -32.38
N PHE B 201 -29.34 -21.87 -32.94
CA PHE B 201 -29.44 -22.58 -34.20
C PHE B 201 -28.67 -23.89 -34.11
N GLU B 202 -29.00 -24.80 -35.02
CA GLU B 202 -28.28 -26.07 -35.17
C GLU B 202 -27.71 -26.15 -36.58
N ALA B 203 -26.45 -26.57 -36.69
CA ALA B 203 -25.72 -26.54 -37.97
C ALA B 203 -24.43 -27.35 -37.84
N ASP B 204 -23.89 -27.74 -39.00
CA ASP B 204 -22.59 -28.44 -39.08
C ASP B 204 -21.47 -27.55 -38.55
N LEU B 205 -21.25 -27.58 -37.24
CA LEU B 205 -20.20 -26.77 -36.64
C LEU B 205 -18.87 -27.52 -36.55
N ASP B 206 -18.91 -28.85 -36.54
CA ASP B 206 -17.67 -29.61 -36.46
C ASP B 206 -16.72 -29.24 -37.60
N SER B 207 -17.26 -29.06 -38.81
CA SER B 207 -16.39 -28.82 -39.96
C SER B 207 -15.86 -27.38 -39.98
N ILE B 208 -16.72 -26.42 -39.64
CA ILE B 208 -16.32 -25.01 -39.67
C ILE B 208 -15.24 -24.75 -38.61
N LEU B 209 -15.38 -25.34 -37.42
CA LEU B 209 -14.47 -25.13 -36.31
C LEU B 209 -13.72 -26.43 -36.05
N PRO B 210 -12.63 -26.68 -36.76
CA PRO B 210 -12.06 -28.04 -36.79
C PRO B 210 -11.43 -28.49 -35.48
N GLY B 211 -10.70 -27.62 -34.81
CA GLY B 211 -9.90 -28.06 -33.69
C GLY B 211 -10.16 -27.37 -32.37
N GLY B 212 -11.19 -26.53 -32.29
CA GLY B 212 -11.53 -25.84 -31.06
C GLY B 212 -12.62 -26.58 -30.32
N GLY B 213 -12.35 -26.88 -29.06
CA GLY B 213 -13.35 -27.51 -28.21
C GLY B 213 -14.48 -26.54 -27.90
N PHE B 214 -14.20 -25.54 -27.07
CA PHE B 214 -15.08 -24.40 -26.89
C PHE B 214 -14.50 -23.17 -27.57
N ALA B 215 -15.37 -22.44 -28.27
CA ALA B 215 -14.95 -21.26 -29.01
C ALA B 215 -15.94 -20.13 -28.81
N LEU B 216 -15.41 -18.92 -28.72
CA LEU B 216 -16.21 -17.70 -28.69
C LEU B 216 -15.56 -16.69 -29.63
N TYR B 217 -16.33 -16.22 -30.60
CA TYR B 217 -15.83 -15.28 -31.60
C TYR B 217 -16.56 -13.95 -31.45
N TYR B 218 -15.79 -12.87 -31.27
CA TYR B 218 -16.34 -11.53 -31.32
C TYR B 218 -16.31 -11.05 -32.76
N LEU B 219 -17.48 -10.86 -33.34
CA LEU B 219 -17.62 -10.58 -34.76
C LEU B 219 -17.74 -9.07 -34.97
N ARG B 220 -16.69 -8.49 -35.54
CA ARG B 220 -16.61 -7.05 -35.77
C ARG B 220 -16.59 -6.88 -37.28
N ASN B 221 -17.77 -6.64 -37.90
CA ASN B 221 -17.77 -6.58 -39.35
C ASN B 221 -18.57 -5.34 -39.79
N PRO B 222 -18.59 -5.00 -41.09
CA PRO B 222 -19.29 -3.78 -41.50
C PRO B 222 -20.82 -3.85 -41.54
N ALA B 223 -21.43 -5.03 -41.60
CA ALA B 223 -22.90 -5.09 -41.55
C ALA B 223 -23.43 -4.91 -40.12
N PHE B 224 -22.78 -5.54 -39.15
CA PHE B 224 -23.29 -5.57 -37.78
C PHE B 224 -22.13 -5.91 -36.84
N SER B 225 -22.44 -5.90 -35.54
CA SER B 225 -21.52 -6.44 -34.55
C SER B 225 -22.27 -7.47 -33.71
N GLY B 226 -21.53 -8.48 -33.28
CA GLY B 226 -22.13 -9.52 -32.46
C GLY B 226 -21.09 -10.48 -31.91
N ALA B 227 -21.57 -11.67 -31.53
CA ALA B 227 -20.65 -12.73 -31.16
C ALA B 227 -21.32 -14.07 -31.44
N PHE B 228 -20.50 -15.10 -31.57
CA PHE B 228 -20.98 -16.47 -31.76
C PHE B 228 -20.34 -17.34 -30.70
N VAL B 229 -21.13 -18.22 -30.09
CA VAL B 229 -20.64 -19.11 -29.06
C VAL B 229 -21.00 -20.54 -29.43
N THR B 230 -20.12 -21.46 -29.09
CA THR B 230 -20.36 -22.89 -29.29
C THR B 230 -21.00 -23.45 -28.03
N CYS B 231 -22.16 -24.07 -28.18
CA CYS B 231 -22.90 -24.62 -27.05
C CYS B 231 -22.37 -26.01 -26.69
N ASP B 232 -22.86 -26.54 -25.57
CA ASP B 232 -22.39 -27.84 -25.12
C ASP B 232 -22.96 -28.97 -25.96
N GLU B 233 -24.22 -28.84 -26.35
CA GLU B 233 -24.78 -29.77 -27.33
C GLU B 233 -23.97 -29.64 -28.61
N PRO B 234 -23.35 -30.73 -29.09
CA PRO B 234 -22.53 -30.62 -30.31
C PRO B 234 -23.38 -30.25 -31.52
N ASN B 235 -22.79 -29.45 -32.40
CA ASN B 235 -23.47 -28.87 -33.56
C ASN B 235 -24.60 -27.92 -33.14
N HIS B 236 -24.49 -27.35 -31.95
CA HIS B 236 -25.37 -26.28 -31.48
C HIS B 236 -24.56 -25.02 -31.24
N GLY B 237 -25.14 -23.87 -31.55
CA GLY B 237 -24.44 -22.61 -31.37
C GLY B 237 -25.42 -21.46 -31.27
N GLN B 238 -24.93 -20.38 -30.68
CA GLN B 238 -25.76 -19.19 -30.52
C GLN B 238 -24.98 -17.98 -31.01
N ILE B 239 -25.67 -17.08 -31.70
CA ILE B 239 -25.11 -15.78 -32.03
C ILE B 239 -25.93 -14.72 -31.31
N ASN B 240 -25.25 -13.67 -30.88
CA ASN B 240 -25.89 -12.53 -30.22
C ASN B 240 -25.50 -11.30 -31.01
N ILE B 241 -26.36 -10.88 -31.92
CA ILE B 241 -26.06 -9.78 -32.82
C ILE B 241 -26.73 -8.52 -32.29
N GLU B 242 -25.99 -7.42 -32.31
CA GLU B 242 -26.55 -6.12 -31.99
C GLU B 242 -27.33 -5.57 -33.17
N TYR B 243 -28.49 -4.96 -32.89
CA TYR B 243 -29.28 -4.27 -33.91
C TYR B 243 -29.65 -2.88 -33.41
N ASP B 244 -29.84 -1.98 -34.36
CA ASP B 244 -30.21 -0.60 -34.07
C ASP B 244 -31.73 -0.52 -33.94
N SER B 245 -32.23 -0.03 -32.81
CA SER B 245 -33.68 -0.01 -32.55
C SER B 245 -34.41 1.05 -33.36
N THR B 246 -33.68 1.96 -34.00
CA THR B 246 -34.27 2.95 -34.90
C THR B 246 -34.39 2.45 -36.33
N ARG B 247 -33.48 1.56 -36.77
CA ARG B 247 -33.51 1.03 -38.13
C ARG B 247 -34.23 -0.31 -38.22
N ASP B 248 -34.27 -1.09 -37.14
CA ASP B 248 -34.97 -2.37 -37.12
C ASP B 248 -35.68 -2.53 -35.78
N GLN B 249 -36.46 -3.60 -35.69
CA GLN B 249 -37.22 -3.92 -34.49
C GLN B 249 -37.08 -5.40 -34.19
N ALA B 250 -37.28 -5.77 -32.93
CA ALA B 250 -37.12 -7.16 -32.54
C ALA B 250 -38.07 -8.06 -33.34
N SER B 251 -39.30 -7.59 -33.58
CA SER B 251 -40.26 -8.35 -34.38
C SER B 251 -39.74 -8.62 -35.79
N ASP B 252 -38.84 -7.78 -36.30
CA ASP B 252 -38.35 -7.95 -37.66
C ASP B 252 -37.43 -9.16 -37.83
N PHE B 253 -37.15 -9.96 -36.80
CA PHE B 253 -36.13 -11.00 -36.94
C PHE B 253 -36.80 -12.37 -36.91
N ASP B 254 -37.35 -12.75 -38.06
CA ASP B 254 -38.02 -14.04 -38.26
C ASP B 254 -37.00 -15.11 -38.65
N GLU B 255 -37.49 -16.34 -38.86
CA GLU B 255 -36.58 -17.44 -39.16
C GLU B 255 -35.79 -17.17 -40.43
N GLU B 256 -36.43 -16.61 -41.46
CA GLU B 256 -35.71 -16.36 -42.71
C GLU B 256 -34.56 -15.39 -42.47
N ARG B 257 -34.81 -14.29 -41.76
CA ARG B 257 -33.78 -13.28 -41.55
C ARG B 257 -32.65 -13.79 -40.65
N CYS B 258 -32.98 -14.62 -39.65
CA CYS B 258 -31.95 -15.07 -38.72
C CYS B 258 -31.01 -16.09 -39.37
N GLU B 259 -31.52 -16.91 -40.29
CA GLU B 259 -30.65 -17.85 -41.01
C GLU B 259 -29.61 -17.11 -41.83
N ALA B 260 -29.93 -15.92 -42.32
CA ALA B 260 -28.95 -15.10 -43.02
C ALA B 260 -27.94 -14.54 -42.04
N LEU B 261 -28.38 -14.14 -40.86
CA LEU B 261 -27.47 -13.67 -39.82
C LEU B 261 -26.54 -14.78 -39.36
N VAL B 262 -27.04 -16.03 -39.27
CA VAL B 262 -26.16 -17.12 -38.90
C VAL B 262 -25.11 -17.36 -40.00
N ARG B 263 -25.47 -17.13 -41.27
CA ARG B 263 -24.51 -17.35 -42.34
C ARG B 263 -23.53 -16.18 -42.47
N GLN B 264 -24.01 -14.95 -42.34
CA GLN B 264 -23.09 -13.81 -42.35
C GLN B 264 -22.10 -13.89 -41.20
N SER B 265 -22.58 -14.22 -40.00
CA SER B 265 -21.67 -14.20 -38.87
C SER B 265 -20.71 -15.39 -38.86
N LEU B 266 -20.99 -16.44 -39.64
CA LEU B 266 -20.10 -17.60 -39.72
C LEU B 266 -19.18 -17.56 -40.93
N GLY B 267 -19.36 -16.62 -41.86
CA GLY B 267 -18.51 -16.53 -43.02
C GLY B 267 -18.69 -17.67 -44.00
N VAL B 268 -19.94 -18.07 -44.23
CA VAL B 268 -20.29 -19.15 -45.15
C VAL B 268 -21.47 -18.68 -45.99
N ALA B 269 -21.37 -18.85 -47.31
CA ALA B 269 -22.39 -18.35 -48.23
C ALA B 269 -23.72 -19.07 -48.05
N ASP B 270 -23.73 -20.40 -48.19
CA ASP B 270 -24.91 -21.17 -47.82
C ASP B 270 -24.50 -22.35 -46.96
N LEU B 271 -25.26 -22.54 -45.88
CA LEU B 271 -25.05 -23.54 -44.85
C LEU B 271 -26.42 -23.85 -44.28
N ALA B 272 -26.75 -25.13 -44.15
CA ALA B 272 -28.04 -25.51 -43.61
C ALA B 272 -28.13 -25.09 -42.15
N VAL B 273 -29.12 -24.25 -41.83
CA VAL B 273 -29.26 -23.66 -40.50
C VAL B 273 -30.67 -23.95 -40.00
N LYS B 274 -30.76 -24.65 -38.88
CA LYS B 274 -32.03 -24.85 -38.18
C LYS B 274 -32.14 -23.77 -37.13
N ILE B 275 -33.16 -22.92 -37.22
CA ILE B 275 -33.39 -21.90 -36.22
C ILE B 275 -34.22 -22.52 -35.09
N LEU B 276 -33.61 -22.67 -33.92
CA LEU B 276 -34.22 -23.31 -32.76
C LEU B 276 -34.98 -22.31 -31.88
N ASP B 277 -34.41 -21.12 -31.65
CA ASP B 277 -35.10 -20.10 -30.87
C ASP B 277 -34.59 -18.73 -31.26
N ILE B 278 -35.44 -17.73 -31.05
CA ILE B 278 -35.11 -16.32 -31.30
C ILE B 278 -35.54 -15.50 -30.09
N ARG B 279 -34.61 -14.71 -29.56
CA ARG B 279 -34.90 -13.89 -28.38
C ARG B 279 -34.31 -12.49 -28.52
N PRO B 280 -35.11 -11.45 -28.31
CA PRO B 280 -34.54 -10.10 -28.22
C PRO B 280 -34.00 -9.85 -26.82
N TRP B 281 -32.83 -9.23 -26.73
CA TRP B 281 -32.30 -8.90 -25.41
C TRP B 281 -31.71 -7.50 -25.43
N GLN B 282 -31.25 -7.07 -24.26
CA GLN B 282 -30.57 -5.80 -24.13
C GLN B 282 -29.25 -6.01 -23.41
N MET B 283 -28.34 -5.08 -23.65
CA MET B 283 -27.01 -5.06 -23.05
C MET B 283 -26.93 -3.78 -22.23
N ALA B 284 -26.84 -3.91 -20.92
CA ALA B 284 -26.93 -2.75 -20.04
C ALA B 284 -25.81 -2.78 -19.00
N ALA B 285 -25.54 -1.61 -18.44
CA ALA B 285 -24.55 -1.47 -17.37
C ALA B 285 -25.21 -0.65 -16.25
N LEU B 286 -25.45 -1.30 -15.11
CA LEU B 286 -26.11 -0.65 -13.99
C LEU B 286 -25.66 -1.32 -12.71
N LEU B 287 -25.41 -0.49 -11.71
CA LEU B 287 -24.98 -0.92 -10.38
C LEU B 287 -26.00 -0.41 -9.37
N ALA B 288 -26.38 -1.26 -8.43
CA ALA B 288 -27.25 -0.82 -7.34
C ALA B 288 -26.50 0.15 -6.42
N ASP B 289 -27.25 1.07 -5.81
CA ASP B 289 -26.65 2.00 -4.86
C ASP B 289 -26.30 1.29 -3.55
N ARG B 290 -27.14 0.36 -3.10
CA ARG B 290 -26.79 -0.50 -1.97
C ARG B 290 -27.13 -1.94 -2.32
N MET B 291 -26.39 -2.88 -1.73
CA MET B 291 -26.57 -4.30 -2.03
C MET B 291 -27.20 -5.09 -0.89
N SER B 292 -27.73 -4.41 0.13
CA SER B 292 -28.51 -5.09 1.16
C SER B 292 -29.29 -4.05 1.95
N PHE B 293 -30.47 -4.46 2.45
CA PHE B 293 -31.32 -3.58 3.25
C PHE B 293 -31.99 -4.41 4.33
N GLY B 294 -31.74 -4.07 5.60
CA GLY B 294 -32.14 -4.92 6.72
C GLY B 294 -31.61 -6.32 6.52
N ARG B 295 -32.52 -7.30 6.51
CA ARG B 295 -32.13 -8.70 6.38
C ARG B 295 -32.27 -9.24 4.95
N VAL B 296 -32.35 -8.35 3.96
CA VAL B 296 -32.46 -8.73 2.55
C VAL B 296 -31.12 -8.43 1.87
N PHE B 297 -30.62 -9.39 1.10
CA PHE B 297 -29.31 -9.27 0.47
C PHE B 297 -29.46 -9.49 -1.03
N LEU B 298 -29.07 -8.49 -1.82
CA LEU B 298 -29.08 -8.58 -3.27
C LEU B 298 -27.81 -9.30 -3.74
N ALA B 299 -27.98 -10.35 -4.54
CA ALA B 299 -26.89 -11.16 -5.07
C ALA B 299 -27.09 -11.35 -6.57
N GLY B 300 -26.02 -11.13 -7.34
CA GLY B 300 -26.08 -11.40 -8.76
C GLY B 300 -26.64 -10.25 -9.57
N ASP B 301 -27.28 -10.61 -10.68
CA ASP B 301 -27.78 -9.68 -11.68
C ASP B 301 -28.77 -8.66 -11.16
N CYS B 302 -29.44 -8.91 -10.01
CA CYS B 302 -30.33 -7.88 -9.49
C CYS B 302 -29.59 -6.75 -8.83
N ALA B 303 -28.31 -6.96 -8.53
CA ALA B 303 -27.49 -5.96 -7.87
C ALA B 303 -26.59 -5.24 -8.85
N HIS B 304 -26.27 -5.89 -9.97
CA HIS B 304 -25.28 -5.37 -10.92
C HIS B 304 -25.51 -6.02 -12.30
N ILE B 305 -25.98 -5.23 -13.24
CA ILE B 305 -26.14 -5.68 -14.63
C ILE B 305 -24.86 -5.31 -15.38
N THR B 306 -24.20 -6.31 -15.97
CA THR B 306 -23.00 -5.93 -16.70
C THR B 306 -23.18 -6.24 -18.18
N PRO B 307 -22.51 -5.50 -19.06
CA PRO B 307 -22.52 -5.86 -20.48
C PRO B 307 -21.94 -7.23 -20.68
N PRO B 308 -22.65 -8.13 -21.36
CA PRO B 308 -22.22 -9.54 -21.44
C PRO B 308 -21.01 -9.81 -22.33
N VAL B 309 -20.12 -8.83 -22.46
CA VAL B 309 -18.96 -8.98 -23.34
C VAL B 309 -17.79 -9.63 -22.61
N GLY B 310 -17.48 -9.21 -21.39
CA GLY B 310 -16.41 -9.86 -20.63
C GLY B 310 -16.72 -11.22 -20.03
N GLY B 311 -17.99 -11.65 -20.01
CA GLY B 311 -18.30 -12.90 -19.35
C GLY B 311 -17.90 -12.86 -17.89
N LEU B 312 -18.36 -11.81 -17.20
CA LEU B 312 -18.14 -11.59 -15.79
C LEU B 312 -19.42 -11.64 -14.97
N GLY B 313 -20.58 -11.53 -15.62
CA GLY B 313 -21.84 -11.43 -14.91
C GLY B 313 -22.17 -12.64 -14.07
N GLY B 314 -22.14 -13.83 -14.68
CA GLY B 314 -22.42 -15.03 -13.93
C GLY B 314 -21.37 -15.30 -12.87
N GLN B 315 -20.13 -14.91 -13.11
CA GLN B 315 -19.06 -15.17 -12.13
C GLN B 315 -19.19 -14.25 -10.91
N THR B 316 -19.51 -12.98 -11.11
CA THR B 316 -19.79 -12.14 -9.95
C THR B 316 -21.00 -12.66 -9.17
N ALA B 317 -22.03 -13.16 -9.86
CA ALA B 317 -23.16 -13.80 -9.19
C ALA B 317 -22.74 -14.98 -8.31
N ILE B 318 -21.90 -15.88 -8.84
CA ILE B 318 -21.45 -17.02 -8.05
C ILE B 318 -20.69 -16.56 -6.82
N GLN B 319 -19.76 -15.62 -7.02
CA GLN B 319 -18.91 -15.14 -5.93
C GLN B 319 -19.71 -14.26 -4.96
N ASP B 320 -20.70 -13.51 -5.46
CA ASP B 320 -21.64 -12.89 -4.55
C ASP B 320 -22.23 -13.93 -3.61
N ALA B 321 -22.70 -15.04 -4.19
CA ALA B 321 -23.43 -16.04 -3.42
C ALA B 321 -22.50 -16.80 -2.50
N ALA B 322 -21.23 -16.89 -2.89
CA ALA B 322 -20.21 -17.51 -2.05
C ALA B 322 -19.93 -16.65 -0.81
N ASP B 323 -19.79 -15.32 -1.01
CA ASP B 323 -19.58 -14.42 0.12
C ASP B 323 -20.74 -14.47 1.10
N LEU B 324 -21.98 -14.42 0.60
CA LEU B 324 -23.13 -14.58 1.49
C LEU B 324 -23.14 -15.92 2.22
N ALA B 325 -22.80 -17.02 1.54
CA ALA B 325 -22.97 -18.35 2.14
C ALA B 325 -22.12 -18.51 3.41
N TRP B 326 -20.80 -18.20 3.32
CA TRP B 326 -19.94 -18.34 4.48
C TRP B 326 -20.29 -17.33 5.57
N LYS B 327 -20.57 -16.09 5.21
CA LYS B 327 -20.89 -15.11 6.25
C LYS B 327 -22.21 -15.44 6.97
N LEU B 328 -23.28 -15.73 6.19
CA LEU B 328 -24.57 -16.06 6.80
C LEU B 328 -24.46 -17.34 7.62
N ALA B 329 -23.70 -18.33 7.14
CA ALA B 329 -23.52 -19.56 7.91
C ALA B 329 -22.90 -19.29 9.28
N LEU B 330 -22.02 -18.29 9.39
CA LEU B 330 -21.45 -17.96 10.70
C LEU B 330 -22.45 -17.21 11.57
N VAL B 331 -23.25 -16.32 10.97
CA VAL B 331 -24.19 -15.55 11.76
C VAL B 331 -25.30 -16.45 12.30
N VAL B 332 -25.84 -17.34 11.47
CA VAL B 332 -26.93 -18.12 12.01
C VAL B 332 -26.39 -19.13 13.00
N LYS B 333 -25.13 -19.55 12.88
CA LYS B 333 -24.61 -20.44 13.92
C LYS B 333 -24.11 -19.71 15.17
N GLY B 334 -24.06 -18.38 15.15
CA GLY B 334 -23.61 -17.61 16.29
C GLY B 334 -22.11 -17.50 16.42
N GLN B 335 -21.35 -17.85 15.38
CA GLN B 335 -19.90 -17.71 15.33
C GLN B 335 -19.45 -16.36 14.79
N ALA B 336 -20.38 -15.50 14.40
CA ALA B 336 -20.07 -14.15 13.95
C ALA B 336 -21.18 -13.22 14.40
N ALA B 337 -20.86 -11.97 14.53
CA ALA B 337 -21.94 -11.05 14.86
C ALA B 337 -22.75 -10.75 13.59
N PRO B 338 -24.05 -10.48 13.73
CA PRO B 338 -24.80 -9.94 12.59
C PRO B 338 -24.09 -8.79 11.87
N THR B 339 -23.20 -8.07 12.57
CA THR B 339 -22.44 -6.99 11.94
C THR B 339 -21.62 -7.49 10.78
N LEU B 340 -21.18 -8.74 10.84
CA LEU B 340 -20.41 -9.27 9.72
C LEU B 340 -21.17 -9.10 8.40
N LEU B 341 -22.49 -9.08 8.43
CA LEU B 341 -23.23 -8.98 7.18
C LEU B 341 -23.22 -7.56 6.61
N ASP B 342 -22.88 -6.57 7.43
CA ASP B 342 -22.60 -5.24 6.90
C ASP B 342 -21.45 -5.26 5.90
N SER B 343 -20.52 -6.22 6.02
CA SER B 343 -19.35 -6.18 5.14
C SER B 343 -19.65 -6.68 3.74
N TYR B 344 -20.89 -7.10 3.48
CA TYR B 344 -21.22 -7.76 2.22
C TYR B 344 -21.24 -6.76 1.07
N GLU B 345 -22.04 -5.69 1.19
CA GLU B 345 -22.01 -4.69 0.14
C GLU B 345 -20.71 -3.90 0.15
N ILE B 346 -20.05 -3.79 1.31
CA ILE B 346 -18.78 -3.07 1.37
C ILE B 346 -17.72 -3.79 0.55
N GLU B 347 -17.62 -5.11 0.72
CA GLU B 347 -16.64 -5.87 -0.04
C GLU B 347 -17.10 -6.15 -1.47
N ARG B 348 -18.39 -6.48 -1.67
CA ARG B 348 -18.82 -7.00 -2.96
C ARG B 348 -19.24 -5.92 -3.95
N ARG B 349 -19.77 -4.79 -3.50
CA ARG B 349 -20.14 -3.74 -4.45
C ARG B 349 -18.98 -3.21 -5.28
N PRO B 350 -17.81 -2.83 -4.72
CA PRO B 350 -16.74 -2.29 -5.58
C PRO B 350 -16.22 -3.31 -6.58
N VAL B 351 -16.16 -4.58 -6.18
CA VAL B 351 -15.93 -5.67 -7.13
C VAL B 351 -16.89 -5.56 -8.32
N ALA B 352 -18.17 -5.26 -8.07
CA ALA B 352 -19.11 -5.16 -9.18
C ALA B 352 -18.85 -3.91 -10.02
N ARG B 353 -18.45 -2.81 -9.39
CA ARG B 353 -18.06 -1.63 -10.13
C ARG B 353 -16.91 -1.92 -11.11
N ILE B 354 -15.99 -2.81 -10.76
CA ILE B 354 -14.84 -3.06 -11.64
C ILE B 354 -15.21 -4.00 -12.77
N ALA B 355 -16.10 -4.94 -12.50
CA ALA B 355 -16.65 -5.84 -13.53
C ALA B 355 -17.41 -5.06 -14.59
N ILE B 356 -18.29 -4.17 -14.15
CA ILE B 356 -19.03 -3.36 -15.12
C ILE B 356 -18.06 -2.59 -16.00
N ALA B 357 -17.09 -1.92 -15.37
CA ALA B 357 -16.10 -1.14 -16.13
C ALA B 357 -15.26 -2.02 -17.05
N ARG B 358 -14.72 -3.12 -16.49
CA ARG B 358 -13.99 -4.09 -17.32
C ARG B 358 -14.83 -4.53 -18.52
N SER B 359 -16.14 -4.75 -18.30
CA SER B 359 -17.03 -5.29 -19.33
C SER B 359 -17.30 -4.28 -20.43
N ILE B 360 -17.59 -3.03 -20.04
CA ILE B 360 -17.68 -1.93 -21.01
C ILE B 360 -16.40 -1.82 -21.82
N ALA B 361 -15.23 -1.90 -21.16
CA ALA B 361 -13.96 -1.76 -21.87
C ALA B 361 -13.76 -2.90 -22.87
N ASN B 362 -14.14 -4.12 -22.50
CA ASN B 362 -14.05 -5.23 -23.44
C ASN B 362 -14.98 -5.03 -24.65
N TYR B 363 -16.12 -4.36 -24.43
CA TYR B 363 -17.10 -4.18 -25.49
C TYR B 363 -16.57 -3.18 -26.53
N VAL B 364 -16.02 -2.07 -26.06
CA VAL B 364 -15.40 -1.11 -26.97
C VAL B 364 -14.22 -1.74 -27.70
N GLU B 365 -13.29 -2.35 -26.95
CA GLU B 365 -12.04 -2.80 -27.56
C GLU B 365 -12.28 -3.93 -28.55
N ARG B 366 -13.21 -4.82 -28.26
CA ARG B 366 -13.42 -5.98 -29.13
C ARG B 366 -14.51 -5.80 -30.17
N LEU B 367 -15.52 -4.95 -29.94
CA LEU B 367 -16.65 -4.90 -30.86
C LEU B 367 -16.90 -3.54 -31.50
N LEU B 368 -16.83 -2.46 -30.72
CA LEU B 368 -17.06 -1.11 -31.23
C LEU B 368 -15.92 -0.21 -30.79
N PRO B 369 -14.75 -0.32 -31.41
CA PRO B 369 -13.59 0.48 -30.97
C PRO B 369 -13.79 1.98 -31.09
N ASP B 370 -14.72 2.44 -31.93
CA ASP B 370 -14.98 3.87 -32.05
C ASP B 370 -15.62 4.45 -30.79
N ARG B 371 -16.49 3.68 -30.13
CA ARG B 371 -17.28 4.15 -29.00
C ARG B 371 -16.48 4.28 -27.69
N GLN B 372 -15.35 5.00 -27.72
CA GLN B 372 -14.56 5.15 -26.50
C GLN B 372 -15.22 6.04 -25.47
N ASP B 373 -16.23 6.83 -25.87
CA ASP B 373 -16.86 7.75 -24.94
C ASP B 373 -17.54 7.03 -23.78
N ILE B 374 -18.00 5.79 -23.98
CA ILE B 374 -18.85 5.19 -22.96
C ILE B 374 -18.06 4.54 -21.83
N ARG B 375 -16.72 4.54 -21.92
CA ARG B 375 -15.89 3.80 -20.99
C ARG B 375 -15.77 4.53 -19.66
N ILE B 376 -15.41 3.76 -18.63
CA ILE B 376 -15.19 4.29 -17.29
C ILE B 376 -13.74 3.98 -16.90
N ARG B 377 -12.79 4.69 -17.53
CA ARG B 377 -11.38 4.34 -17.39
C ARG B 377 -10.87 4.51 -15.97
N GLU B 378 -11.57 5.27 -15.13
CA GLU B 378 -11.26 5.27 -13.69
C GLU B 378 -11.16 3.85 -13.17
N ASP B 379 -12.20 3.04 -13.39
CA ASP B 379 -12.39 1.73 -12.75
C ASP B 379 -11.89 0.56 -13.59
N GLU B 380 -11.22 0.81 -14.71
CA GLU B 380 -10.74 -0.29 -15.53
C GLU B 380 -9.46 -0.86 -14.94
N TYR B 381 -9.33 -2.18 -14.97
CA TYR B 381 -8.13 -2.87 -14.53
C TYR B 381 -7.90 -4.03 -15.47
N GLY B 382 -6.86 -4.81 -15.18
CA GLY B 382 -6.49 -5.90 -16.05
C GLY B 382 -7.49 -7.04 -16.00
N LEU B 383 -7.45 -7.89 -17.02
CA LEU B 383 -8.43 -8.97 -17.10
C LEU B 383 -8.28 -9.96 -15.95
N LEU B 384 -7.07 -10.43 -15.67
CA LEU B 384 -6.93 -11.39 -14.58
C LEU B 384 -7.03 -10.70 -13.23
N GLU B 385 -6.49 -9.49 -13.12
CA GLU B 385 -6.65 -8.69 -11.90
C GLU B 385 -8.13 -8.50 -11.57
N THR B 386 -8.96 -8.21 -12.59
CA THR B 386 -10.37 -7.98 -12.38
C THR B 386 -11.10 -9.25 -11.96
N ALA B 387 -10.88 -10.36 -12.67
CA ALA B 387 -11.60 -11.58 -12.31
C ALA B 387 -11.20 -12.11 -10.92
N MET B 388 -9.93 -11.91 -10.51
CA MET B 388 -9.26 -12.75 -9.52
C MET B 388 -8.34 -12.02 -8.55
N GLY B 389 -7.89 -10.81 -8.87
CA GLY B 389 -7.09 -10.07 -7.91
C GLY B 389 -7.81 -8.92 -7.23
N TYR B 390 -9.13 -8.95 -7.20
CA TYR B 390 -9.84 -7.85 -6.55
C TYR B 390 -9.65 -7.93 -5.04
N ARG B 391 -9.60 -6.75 -4.41
CA ARG B 391 -9.26 -6.62 -3.00
C ARG B 391 -10.48 -6.22 -2.19
N TYR B 392 -10.49 -6.59 -0.91
CA TYR B 392 -11.58 -6.27 0.00
C TYR B 392 -11.05 -5.35 1.08
N ARG B 393 -11.89 -4.41 1.53
CA ARG B 393 -11.53 -3.51 2.62
C ARG B 393 -12.80 -3.23 3.38
N SER B 394 -12.94 -3.83 4.55
CA SER B 394 -14.11 -3.69 5.39
C SER B 394 -13.66 -3.90 6.83
N ASP B 395 -14.60 -3.86 7.75
CA ASP B 395 -14.29 -4.31 9.10
C ASP B 395 -14.21 -5.82 9.21
N ALA B 396 -14.34 -6.55 8.12
CA ALA B 396 -14.16 -7.99 8.14
C ALA B 396 -12.71 -8.36 7.90
N ILE B 397 -11.82 -7.35 7.94
CA ILE B 397 -10.41 -7.45 7.55
C ILE B 397 -9.59 -6.48 8.40
N ILE B 398 -8.43 -6.95 8.89
CA ILE B 398 -7.47 -6.10 9.62
C ILE B 398 -6.42 -5.64 8.61
N ALA B 399 -6.59 -4.42 8.08
CA ALA B 399 -5.72 -3.93 7.02
C ALA B 399 -4.26 -3.81 7.48
N ASP B 400 -3.34 -3.86 6.51
CA ASP B 400 -1.94 -3.52 6.77
C ASP B 400 -1.81 -2.04 7.09
N GLU B 401 -0.94 -1.73 8.03
CA GLU B 401 -0.68 -0.34 8.38
C GLU B 401 -0.36 0.50 7.16
N PHE B 402 0.40 -0.03 6.22
CA PHE B 402 0.82 0.72 5.05
C PHE B 402 0.02 0.24 3.84
N ASP B 403 -1.26 0.58 3.87
CA ASP B 403 -2.19 0.24 2.80
C ASP B 403 -2.20 1.37 1.78
N ASP B 404 -1.93 1.04 0.52
CA ASP B 404 -1.91 2.01 -0.58
C ASP B 404 -3.29 2.25 -1.19
N GLY B 405 -4.30 1.47 -0.82
CA GLY B 405 -5.64 1.70 -1.32
C GLY B 405 -5.91 1.18 -2.73
N ALA B 406 -5.02 0.34 -3.28
CA ALA B 406 -5.27 -0.24 -4.59
C ALA B 406 -6.53 -1.10 -4.59
N CYS B 407 -7.29 -1.00 -5.69
CA CYS B 407 -8.49 -1.80 -5.85
C CYS B 407 -8.19 -3.24 -6.21
N VAL B 408 -7.07 -3.48 -6.92
CA VAL B 408 -6.70 -4.81 -7.37
C VAL B 408 -5.24 -5.07 -7.02
N GLU B 409 -4.87 -6.34 -7.11
CA GLU B 409 -3.48 -6.71 -6.97
C GLU B 409 -3.20 -7.80 -7.97
N ASP B 410 -2.06 -7.71 -8.64
CA ASP B 410 -1.66 -8.74 -9.58
C ASP B 410 -1.65 -10.10 -8.89
N PRO B 411 -2.53 -11.03 -9.28
CA PRO B 411 -2.42 -12.40 -8.74
C PRO B 411 -1.06 -13.03 -8.99
N LEU B 412 -0.30 -12.52 -9.96
CA LEU B 412 1.03 -13.05 -10.24
C LEU B 412 2.08 -12.52 -9.26
N ARG B 413 1.79 -11.44 -8.55
CA ARG B 413 2.73 -10.86 -7.60
C ARG B 413 2.01 -10.64 -6.25
N PRO B 414 1.69 -11.72 -5.54
CA PRO B 414 1.07 -11.58 -4.22
C PRO B 414 2.00 -10.94 -3.19
N SER B 415 1.42 -10.06 -2.37
CA SER B 415 2.13 -9.47 -1.24
C SER B 415 1.70 -10.03 0.11
N GLY B 416 0.59 -10.78 0.16
CA GLY B 416 0.07 -11.28 1.43
C GLY B 416 -0.64 -10.25 2.27
N ALA B 417 -1.03 -9.11 1.69
CA ALA B 417 -1.77 -8.10 2.41
C ALA B 417 -3.16 -8.58 2.79
N PRO B 418 -3.64 -8.23 3.96
CA PRO B 418 -5.04 -8.53 4.30
C PRO B 418 -5.99 -7.86 3.29
N GLY B 419 -7.04 -8.56 2.93
CA GLY B 419 -7.94 -8.08 1.90
C GLY B 419 -7.66 -8.63 0.51
N THR B 420 -6.66 -9.49 0.38
CA THR B 420 -6.28 -10.08 -0.89
C THR B 420 -6.52 -11.58 -0.84
N ARG B 421 -6.72 -12.14 -2.02
CA ARG B 421 -6.94 -13.57 -2.14
C ARG B 421 -5.65 -14.34 -1.88
N LEU B 422 -5.69 -15.24 -0.90
CA LEU B 422 -4.55 -16.11 -0.59
C LEU B 422 -4.01 -16.74 -1.87
N ALA B 423 -2.69 -16.64 -2.04
CA ALA B 423 -2.03 -17.14 -3.23
C ALA B 423 -2.12 -18.65 -3.32
N HIS B 424 -2.23 -19.13 -4.55
CA HIS B 424 -2.08 -20.55 -4.83
C HIS B 424 -0.60 -20.91 -4.90
N VAL B 425 -0.21 -21.91 -4.14
CA VAL B 425 1.14 -22.47 -4.21
C VAL B 425 1.03 -23.95 -3.86
N TRP B 426 1.76 -24.79 -4.59
CA TRP B 426 1.79 -26.21 -4.22
C TRP B 426 2.56 -26.35 -2.92
N LEU B 427 2.16 -27.34 -2.12
CA LEU B 427 2.80 -27.65 -0.86
C LEU B 427 2.92 -29.16 -0.76
N ARG B 428 3.60 -29.63 0.29
CA ARG B 428 3.83 -31.05 0.43
C ARG B 428 3.26 -31.50 1.76
N ARG B 429 2.50 -32.60 1.71
CA ARG B 429 1.87 -33.24 2.85
C ARG B 429 2.34 -34.69 2.79
N GLY B 430 3.59 -34.90 3.18
CA GLY B 430 4.19 -36.20 3.00
C GLY B 430 4.63 -36.39 1.57
N GLU B 431 4.37 -37.55 1.02
CA GLU B 431 4.75 -37.81 -0.37
C GLU B 431 3.73 -37.26 -1.35
N GLU B 432 2.59 -36.75 -0.87
CA GLU B 432 1.58 -36.16 -1.73
C GLU B 432 1.68 -34.64 -1.71
N THR B 433 1.33 -34.03 -2.84
CA THR B 433 1.34 -32.58 -3.00
C THR B 433 -0.08 -32.07 -3.10
N ILE B 434 -0.34 -30.96 -2.40
CA ILE B 434 -1.67 -30.36 -2.37
C ILE B 434 -1.53 -28.85 -2.46
N SER B 435 -2.54 -28.20 -3.03
CA SER B 435 -2.50 -26.75 -3.11
C SER B 435 -2.70 -26.13 -1.73
N SER B 436 -2.22 -24.90 -1.56
CA SER B 436 -2.57 -24.19 -0.34
C SER B 436 -4.09 -24.06 -0.23
N HIS B 437 -4.77 -23.95 -1.37
CA HIS B 437 -6.21 -23.82 -1.32
C HIS B 437 -6.90 -25.10 -0.83
N ASP B 438 -6.26 -26.28 -0.99
CA ASP B 438 -6.85 -27.49 -0.40
C ASP B 438 -6.84 -27.48 1.12
N LEU B 439 -6.13 -26.56 1.76
CA LEU B 439 -6.13 -26.42 3.20
C LEU B 439 -7.07 -25.32 3.70
N ILE B 440 -7.88 -24.72 2.84
CA ILE B 440 -8.78 -23.65 3.26
C ILE B 440 -10.16 -23.84 2.64
N GLY B 441 -11.12 -23.10 3.18
CA GLY B 441 -12.48 -23.07 2.65
C GLY B 441 -13.55 -23.52 3.61
N ARG B 442 -13.22 -24.37 4.59
CA ARG B 442 -14.24 -24.74 5.57
C ARG B 442 -14.34 -23.64 6.61
N ASP B 443 -13.49 -23.69 7.63
CA ASP B 443 -13.45 -22.68 8.69
C ASP B 443 -12.37 -21.63 8.38
N PHE B 444 -12.19 -20.67 9.29
CA PHE B 444 -10.98 -19.87 9.24
C PHE B 444 -9.78 -20.76 9.40
N MET B 445 -8.65 -20.30 8.88
CA MET B 445 -7.40 -21.05 8.99
C MET B 445 -6.28 -20.10 9.39
N LEU B 446 -5.46 -20.56 10.33
CA LEU B 446 -4.31 -19.81 10.82
C LEU B 446 -3.04 -20.56 10.44
N PHE B 447 -2.29 -20.00 9.49
CA PHE B 447 -0.99 -20.52 9.10
C PHE B 447 0.09 -19.83 9.93
N THR B 448 1.05 -20.61 10.45
CA THR B 448 2.21 -20.04 11.11
C THR B 448 3.48 -20.66 10.52
N GLY B 449 4.56 -19.87 10.54
CA GLY B 449 5.88 -20.37 10.23
C GLY B 449 6.33 -21.42 11.24
N PRO B 450 7.38 -22.18 10.90
CA PRO B 450 7.80 -23.28 11.78
C PRO B 450 8.14 -22.85 13.20
N ASP B 451 8.56 -21.60 13.40
CA ASP B 451 8.78 -21.06 14.73
C ASP B 451 7.53 -20.39 15.29
N GLY B 452 6.37 -20.67 14.70
CA GLY B 452 5.15 -20.00 15.04
C GLY B 452 4.36 -20.70 16.13
N GLY B 453 5.04 -21.44 17.01
CA GLY B 453 4.37 -22.22 18.03
C GLY B 453 3.63 -21.40 19.06
N ASP B 454 4.10 -20.19 19.36
CA ASP B 454 3.33 -19.35 20.28
C ASP B 454 1.99 -18.98 19.67
N TRP B 455 1.92 -18.82 18.34
CA TRP B 455 0.65 -18.55 17.68
C TRP B 455 -0.25 -19.78 17.68
N ILE B 456 0.32 -20.93 17.30
CA ILE B 456 -0.39 -22.20 17.32
C ILE B 456 -1.07 -22.44 18.65
N GLU B 457 -0.32 -22.36 19.75
CA GLU B 457 -0.96 -22.56 21.04
C GLU B 457 -2.06 -21.51 21.26
N ALA B 458 -1.78 -20.24 20.91
CA ALA B 458 -2.81 -19.22 21.05
C ALA B 458 -4.06 -19.58 20.23
N ALA B 459 -3.88 -20.00 18.98
CA ALA B 459 -5.02 -20.39 18.16
C ALA B 459 -5.74 -21.60 18.76
N ARG B 460 -5.00 -22.53 19.36
CA ARG B 460 -5.67 -23.69 19.91
C ARG B 460 -6.46 -23.35 21.17
N ARG B 461 -6.11 -22.28 21.87
CA ARG B 461 -6.95 -21.86 22.99
C ARG B 461 -8.23 -21.22 22.50
N ILE B 462 -8.17 -20.48 21.39
CA ILE B 462 -9.37 -19.92 20.79
C ILE B 462 -10.24 -21.04 20.20
N ALA B 463 -9.63 -21.91 19.39
CA ALA B 463 -10.41 -22.95 18.73
C ALA B 463 -11.05 -23.90 19.71
N LEU B 464 -10.70 -23.83 20.99
CA LEU B 464 -11.38 -24.70 21.95
C LEU B 464 -12.86 -24.36 22.02
N ARG B 465 -13.19 -23.11 21.76
CA ARG B 465 -14.54 -22.62 21.88
C ARG B 465 -15.38 -23.00 20.66
N SER B 466 -16.64 -23.42 20.92
CA SER B 466 -17.53 -23.82 19.83
C SER B 466 -17.87 -22.64 18.95
N LYS B 467 -18.05 -21.46 19.56
CA LYS B 467 -18.21 -20.20 18.84
C LYS B 467 -17.07 -19.92 17.87
N ALA B 468 -15.87 -20.48 18.10
CA ALA B 468 -14.67 -20.11 17.36
C ALA B 468 -14.38 -21.12 16.23
N PRO B 469 -14.74 -20.83 14.99
CA PRO B 469 -14.38 -21.72 13.87
C PRO B 469 -12.99 -21.40 13.34
N LEU B 470 -11.99 -22.10 13.86
CA LEU B 470 -10.60 -21.82 13.51
C LEU B 470 -9.80 -23.11 13.54
N GLY B 471 -9.01 -23.36 12.49
CA GLY B 471 -8.02 -24.40 12.48
C GLY B 471 -6.63 -23.81 12.28
N VAL B 472 -5.60 -24.63 12.50
CA VAL B 472 -4.20 -24.19 12.46
C VAL B 472 -3.41 -25.06 11.50
N CYS B 473 -2.44 -24.45 10.84
CA CYS B 473 -1.47 -25.23 10.06
CA CYS B 473 -1.45 -25.26 10.14
C CYS B 473 -0.08 -24.63 10.28
N ARG B 474 0.82 -25.42 10.84
CA ARG B 474 2.20 -25.01 11.08
C ARG B 474 3.06 -25.48 9.91
N LEU B 475 3.71 -24.53 9.25
CA LEU B 475 4.52 -24.88 8.09
C LEU B 475 5.76 -25.65 8.53
N GLY B 476 6.17 -26.62 7.70
CA GLY B 476 7.26 -27.52 8.05
C GLY B 476 6.92 -28.58 9.07
N PHE B 477 5.72 -28.55 9.66
CA PHE B 477 5.25 -29.57 10.59
C PHE B 477 4.05 -30.31 10.03
N ASP B 478 3.00 -29.58 9.63
CA ASP B 478 1.77 -30.11 9.04
C ASP B 478 1.86 -30.17 7.52
N VAL B 479 2.31 -29.10 6.86
CA VAL B 479 2.72 -29.16 5.47
C VAL B 479 4.06 -28.44 5.31
N ASP B 480 4.79 -28.83 4.28
CA ASP B 480 6.07 -28.21 3.98
C ASP B 480 5.99 -27.42 2.69
N ASP B 481 6.57 -26.21 2.72
CA ASP B 481 6.80 -25.36 1.56
C ASP B 481 8.27 -25.43 1.20
N PRO B 482 8.69 -26.42 0.41
CA PRO B 482 10.11 -26.50 0.04
C PRO B 482 10.62 -25.26 -0.70
N GLU B 483 9.86 -24.75 -1.67
CA GLU B 483 10.33 -23.67 -2.52
C GLU B 483 10.29 -22.29 -1.86
N GLY B 484 9.75 -22.16 -0.64
CA GLY B 484 9.62 -20.85 -0.03
C GLY B 484 8.61 -19.92 -0.67
N LEU B 485 7.66 -20.44 -1.45
CA LEU B 485 6.72 -19.60 -2.18
C LEU B 485 5.44 -19.30 -1.41
N PHE B 486 5.22 -19.90 -0.24
CA PHE B 486 4.05 -19.55 0.54
C PHE B 486 4.41 -18.44 1.53
N LEU B 487 4.70 -18.78 2.78
CA LEU B 487 4.80 -17.77 3.83
C LEU B 487 5.93 -16.78 3.62
N PRO B 488 7.11 -17.18 3.13
CA PRO B 488 8.13 -16.20 2.74
C PRO B 488 7.65 -15.17 1.70
N ARG B 489 6.95 -15.61 0.66
CA ARG B 489 6.52 -14.69 -0.38
C ARG B 489 5.37 -13.80 0.11
N LEU B 490 4.51 -14.33 0.98
CA LEU B 490 3.47 -13.53 1.61
C LEU B 490 4.03 -12.65 2.75
N ARG B 491 5.37 -12.61 2.88
CA ARG B 491 6.09 -11.68 3.75
C ARG B 491 5.83 -12.02 5.24
N ILE B 492 5.77 -13.33 5.52
CA ILE B 492 5.59 -13.88 6.86
C ILE B 492 6.90 -14.56 7.25
N SER B 493 7.56 -14.05 8.29
CA SER B 493 8.77 -14.64 8.85
C SER B 493 8.47 -15.97 9.52
N PRO B 494 9.48 -16.78 9.84
CA PRO B 494 9.20 -18.10 10.44
C PRO B 494 8.56 -18.06 11.83
N GLU B 495 8.53 -16.88 12.47
CA GLU B 495 7.84 -16.66 13.73
C GLU B 495 6.50 -15.97 13.54
N GLY B 496 6.05 -15.80 12.30
CA GLY B 496 4.85 -15.05 12.00
C GLY B 496 3.62 -15.94 11.84
N ALA B 497 2.48 -15.29 11.60
CA ALA B 497 1.24 -16.01 11.41
C ALA B 497 0.35 -15.30 10.39
N LEU B 498 -0.52 -16.09 9.75
CA LEU B 498 -1.38 -15.66 8.64
C LEU B 498 -2.79 -16.22 8.86
N LEU B 499 -3.79 -15.33 8.99
CA LEU B 499 -5.20 -15.73 9.14
C LEU B 499 -5.96 -15.55 7.81
N VAL B 500 -6.60 -16.62 7.36
CA VAL B 500 -7.36 -16.59 6.10
C VAL B 500 -8.82 -16.97 6.38
N ARG B 501 -9.74 -16.26 5.71
CA ARG B 501 -11.18 -16.42 5.87
C ARG B 501 -11.65 -17.69 5.20
N PRO B 502 -12.88 -18.13 5.50
CA PRO B 502 -13.44 -19.26 4.75
C PRO B 502 -13.61 -19.01 3.25
N ASP B 503 -13.63 -17.76 2.78
CA ASP B 503 -13.63 -17.49 1.34
C ASP B 503 -12.23 -17.46 0.75
N GLY B 504 -11.19 -17.75 1.55
CA GLY B 504 -9.83 -17.72 1.09
C GLY B 504 -9.14 -16.36 1.06
N TYR B 505 -9.81 -15.29 1.48
CA TYR B 505 -9.16 -13.98 1.51
C TYR B 505 -8.39 -13.81 2.82
N ILE B 506 -7.18 -13.24 2.73
CA ILE B 506 -6.39 -12.97 3.94
C ILE B 506 -7.13 -11.94 4.78
N ALA B 507 -7.27 -12.21 6.09
CA ALA B 507 -7.91 -11.27 7.01
C ALA B 507 -6.95 -10.53 7.94
N TRP B 508 -5.73 -11.06 8.12
CA TRP B 508 -4.82 -10.60 9.14
C TRP B 508 -3.52 -11.36 9.06
N ARG B 509 -2.41 -10.65 9.23
CA ARG B 509 -1.11 -11.30 9.26
C ARG B 509 -0.24 -10.63 10.30
N SER B 510 0.73 -11.40 10.77
CA SER B 510 1.78 -10.93 11.67
C SER B 510 3.11 -11.32 11.05
N ARG B 511 3.85 -10.34 10.53
CA ARG B 511 5.22 -10.58 10.06
C ARG B 511 5.98 -11.46 11.05
N GLY B 512 5.95 -11.11 12.34
CA GLY B 512 6.64 -11.95 13.33
C GLY B 512 5.97 -12.21 14.67
N ARG B 513 6.76 -12.22 15.74
CA ARG B 513 6.29 -12.47 17.10
C ARG B 513 5.52 -11.27 17.65
N SER B 514 4.74 -11.54 18.69
CA SER B 514 3.91 -10.59 19.42
C SER B 514 4.19 -10.69 20.92
N PRO B 515 4.19 -9.56 21.63
CA PRO B 515 4.34 -9.61 23.10
C PRO B 515 3.31 -10.47 23.79
N ASP B 516 2.12 -10.64 23.20
CA ASP B 516 1.09 -11.49 23.75
C ASP B 516 0.32 -12.05 22.58
N PRO B 517 0.78 -13.17 22.02
CA PRO B 517 0.14 -13.71 20.79
C PRO B 517 -1.35 -14.03 20.96
N PHE B 518 -1.76 -14.53 22.13
CA PHE B 518 -3.16 -14.84 22.38
C PHE B 518 -4.03 -13.60 22.30
N ALA B 519 -3.66 -12.54 23.03
CA ALA B 519 -4.45 -11.32 23.01
C ALA B 519 -4.50 -10.71 21.61
N THR B 520 -3.37 -10.72 20.89
CA THR B 520 -3.37 -10.21 19.52
C THR B 520 -4.35 -10.98 18.66
N LEU B 521 -4.28 -12.30 18.72
CA LEU B 521 -5.06 -13.17 17.85
C LEU B 521 -6.52 -13.18 18.26
N GLU B 522 -6.78 -13.33 19.56
CA GLU B 522 -8.16 -13.27 20.02
C GLU B 522 -8.84 -11.97 19.61
N ALA B 523 -8.12 -10.86 19.65
CA ALA B 523 -8.71 -9.58 19.24
C ALA B 523 -8.88 -9.51 17.72
N SER B 524 -7.88 -9.98 16.95
CA SER B 524 -8.04 -10.10 15.50
C SER B 524 -9.25 -10.95 15.16
N PHE B 525 -9.31 -12.17 15.71
CA PHE B 525 -10.40 -13.07 15.39
C PHE B 525 -11.75 -12.48 15.77
N ALA B 526 -11.87 -11.88 16.97
CA ALA B 526 -13.14 -11.26 17.35
C ALA B 526 -13.54 -10.17 16.37
N ARG B 527 -12.63 -9.24 16.10
CA ARG B 527 -12.94 -8.07 15.27
C ARG B 527 -13.46 -8.50 13.89
N VAL B 528 -12.80 -9.47 13.26
CA VAL B 528 -13.13 -9.80 11.88
C VAL B 528 -14.39 -10.61 11.78
N ARG B 529 -14.90 -11.11 12.90
CA ARG B 529 -16.19 -11.77 12.94
C ARG B 529 -17.29 -10.85 13.49
N GLY B 530 -17.03 -9.55 13.55
CA GLY B 530 -18.03 -8.57 13.91
C GLY B 530 -18.14 -8.28 15.38
N PHE B 531 -17.45 -9.02 16.23
CA PHE B 531 -17.48 -8.70 17.65
C PHE B 531 -16.55 -7.51 17.93
N ASP B 532 -16.64 -6.96 19.14
CA ASP B 532 -15.80 -5.79 19.52
C ASP B 532 -14.82 -6.16 20.60
N SER C 2 10.00 52.30 30.67
CA SER C 2 8.82 51.44 30.79
C SER C 2 9.21 50.09 31.35
N VAL C 3 8.23 49.35 31.87
CA VAL C 3 8.48 48.00 32.35
C VAL C 3 8.23 47.01 31.21
N GLU C 4 8.97 45.91 31.23
CA GLU C 4 8.64 44.80 30.34
C GLU C 4 7.21 44.34 30.61
N ARG C 5 6.38 44.43 29.57
CA ARG C 5 4.97 44.08 29.62
C ARG C 5 4.71 42.92 28.66
N VAL C 6 4.02 41.89 29.15
CA VAL C 6 3.71 40.71 28.33
C VAL C 6 2.29 40.24 28.68
N PRO C 7 1.54 39.75 27.70
CA PRO C 7 0.14 39.37 27.97
C PRO C 7 -0.03 38.20 28.95
N VAL C 8 0.64 37.07 28.72
CA VAL C 8 0.53 35.92 29.62
C VAL C 8 1.94 35.44 29.96
N LEU C 9 2.25 35.34 31.25
CA LEU C 9 3.51 34.77 31.73
C LEU C 9 3.26 33.35 32.21
N ILE C 10 4.01 32.41 31.63
CA ILE C 10 3.90 30.99 31.98
C ILE C 10 5.13 30.62 32.79
N VAL C 11 4.93 29.89 33.88
CA VAL C 11 6.02 29.55 34.80
C VAL C 11 6.16 28.03 34.82
N GLY C 12 7.31 27.51 34.38
CA GLY C 12 7.45 26.06 34.28
C GLY C 12 7.34 25.54 32.86
N ALA C 13 8.29 24.69 32.45
CA ALA C 13 8.26 24.10 31.12
C ALA C 13 8.14 22.57 31.16
N GLY C 14 7.07 22.07 31.77
CA GLY C 14 6.66 20.70 31.63
C GLY C 14 5.57 20.59 30.60
N TYR C 15 4.76 19.53 30.69
CA TYR C 15 3.65 19.36 29.76
C TYR C 15 2.70 20.55 29.80
N ALA C 16 2.20 20.89 30.99
CA ALA C 16 1.29 22.01 31.13
C ALA C 16 1.89 23.29 30.53
N GLY C 17 3.06 23.69 31.00
CA GLY C 17 3.61 24.97 30.60
C GLY C 17 4.00 25.04 29.13
N LEU C 18 4.57 23.97 28.59
CA LEU C 18 4.97 24.03 27.18
C LEU C 18 3.76 23.92 26.24
N SER C 19 2.69 23.22 26.66
CA SER C 19 1.45 23.20 25.90
C SER C 19 0.78 24.56 25.90
N ALA C 20 0.78 25.23 27.05
CA ALA C 20 0.20 26.57 27.13
C ALA C 20 0.93 27.53 26.20
N ALA C 21 2.28 27.44 26.20
CA ALA C 21 3.08 28.32 25.35
C ALA C 21 2.86 28.02 23.87
N THR C 22 2.83 26.74 23.50
CA THR C 22 2.63 26.40 22.09
C THR C 22 1.27 26.90 21.61
N LEU C 23 0.21 26.62 22.39
CA LEU C 23 -1.13 26.97 21.95
C LEU C 23 -1.36 28.47 22.01
N LEU C 24 -0.88 29.15 23.06
CA LEU C 24 -1.03 30.59 23.12
C LEU C 24 -0.33 31.25 21.95
N ALA C 25 0.87 30.81 21.63
CA ALA C 25 1.62 31.45 20.55
C ALA C 25 0.95 31.16 19.21
N TRP C 26 0.49 29.93 19.01
CA TRP C 26 -0.22 29.61 17.78
C TRP C 26 -1.52 30.38 17.64
N ARG C 27 -2.18 30.72 18.76
CA ARG C 27 -3.39 31.52 18.74
C ARG C 27 -3.09 33.01 18.69
N GLY C 28 -1.83 33.39 18.47
CA GLY C 28 -1.45 34.77 18.28
C GLY C 28 -1.08 35.56 19.54
N VAL C 29 -1.05 34.95 20.71
CA VAL C 29 -0.76 35.67 21.96
C VAL C 29 0.74 35.60 22.19
N PRO C 30 1.45 36.74 22.15
CA PRO C 30 2.81 36.77 22.67
C PRO C 30 2.80 36.37 24.14
N CYS C 31 3.73 35.49 24.51
CA CYS C 31 3.80 35.07 25.89
C CYS C 31 5.27 34.82 26.25
N ARG C 32 5.54 34.79 27.54
CA ARG C 32 6.86 34.42 28.01
C ARG C 32 6.72 33.20 28.92
N LEU C 33 7.48 32.16 28.61
CA LEU C 33 7.66 31.03 29.51
C LEU C 33 9.03 31.16 30.17
N VAL C 34 9.08 30.98 31.49
CA VAL C 34 10.35 30.84 32.20
C VAL C 34 10.41 29.46 32.82
N GLU C 35 11.61 28.86 32.80
CA GLU C 35 11.87 27.57 33.40
C GLU C 35 13.21 27.61 34.15
N ARG C 36 13.20 27.14 35.40
CA ARG C 36 14.38 27.16 36.24
C ARG C 36 15.51 26.31 35.65
N ARG C 37 15.19 25.10 35.21
CA ARG C 37 16.20 24.24 34.58
C ARG C 37 16.78 24.90 33.33
N ALA C 38 17.91 24.37 32.87
CA ALA C 38 18.66 24.98 31.77
C ALA C 38 18.26 24.46 30.39
N SER C 39 17.70 23.25 30.30
CA SER C 39 17.22 22.77 29.02
C SER C 39 16.00 21.89 29.29
N THR C 40 15.36 21.44 28.22
CA THR C 40 14.31 20.44 28.41
C THR C 40 14.86 19.08 28.83
N SER C 41 16.17 18.84 28.67
CA SER C 41 16.77 17.55 28.99
C SER C 41 16.50 17.12 30.42
N ARG C 42 15.59 16.16 30.60
CA ARG C 42 15.47 15.51 31.89
C ARG C 42 15.29 14.01 31.69
N LEU C 43 15.06 13.29 32.76
CA LEU C 43 14.76 11.87 32.59
C LEU C 43 13.32 11.72 32.11
N PRO C 44 13.04 10.74 31.25
CA PRO C 44 11.64 10.51 30.84
C PRO C 44 10.80 10.02 31.99
N LYS C 45 9.69 10.71 32.25
CA LYS C 45 8.72 10.27 33.24
C LYS C 45 7.47 9.74 32.55
N ALA C 46 6.65 10.61 31.98
CA ALA C 46 5.48 10.20 31.23
C ALA C 46 5.86 9.50 29.93
N HIS C 47 4.96 8.63 29.46
CA HIS C 47 5.01 8.03 28.13
C HIS C 47 3.61 8.03 27.55
N GLY C 48 3.49 8.41 26.28
CA GLY C 48 2.20 8.40 25.63
C GLY C 48 1.51 9.75 25.66
N ILE C 49 0.87 10.09 24.54
CA ILE C 49 -0.12 11.16 24.48
C ILE C 49 -1.44 10.52 24.04
N ASN C 50 -2.48 10.62 24.88
CA ASN C 50 -3.73 9.97 24.55
C ASN C 50 -4.50 10.79 23.52
N ARG C 51 -5.61 10.21 23.04
CA ARG C 51 -6.34 10.76 21.89
C ARG C 51 -6.82 12.19 22.15
N ARG C 52 -7.37 12.45 23.34
CA ARG C 52 -7.94 13.76 23.62
C ARG C 52 -6.85 14.83 23.67
N SER C 53 -5.74 14.54 24.35
CA SER C 53 -4.58 15.41 24.34
C SER C 53 -4.13 15.73 22.92
N MET C 54 -4.16 14.73 22.02
CA MET C 54 -3.71 14.96 20.66
C MET C 54 -4.70 15.78 19.86
N GLU C 55 -6.00 15.72 20.18
CA GLU C 55 -6.95 16.60 19.52
C GLU C 55 -6.67 18.08 19.85
N VAL C 56 -6.33 18.37 21.10
CA VAL C 56 -6.17 19.78 21.47
C VAL C 56 -4.81 20.30 21.03
N LEU C 57 -3.87 19.41 20.78
CA LEU C 57 -2.55 19.72 20.28
C LEU C 57 -2.47 19.76 18.76
N ARG C 58 -3.36 19.06 18.05
CA ARG C 58 -3.22 18.94 16.60
C ARG C 58 -3.60 20.22 15.85
N VAL C 59 -4.32 21.15 16.49
CA VAL C 59 -4.73 22.37 15.82
C VAL C 59 -3.53 23.08 15.24
N VAL C 60 -2.39 23.04 15.95
CA VAL C 60 -1.12 23.63 15.55
C VAL C 60 -0.56 22.84 14.38
N PRO C 61 -0.41 23.45 13.20
CA PRO C 61 0.07 22.71 12.03
C PRO C 61 1.43 22.07 12.30
N GLY C 62 1.59 20.83 11.85
CA GLY C 62 2.83 20.10 11.97
C GLY C 62 3.08 19.46 13.32
N LEU C 63 2.36 19.88 14.36
CA LEU C 63 2.69 19.40 15.70
C LEU C 63 2.41 17.91 15.83
N GLU C 64 1.25 17.46 15.37
CA GLU C 64 0.88 16.05 15.49
C GLU C 64 1.85 15.16 14.71
N ASP C 65 2.16 15.53 13.48
CA ASP C 65 3.11 14.73 12.71
C ASP C 65 4.46 14.70 13.39
N ALA C 66 4.85 15.81 14.04
CA ALA C 66 6.15 15.82 14.69
C ALA C 66 6.16 14.94 15.94
N LEU C 67 5.03 14.82 16.64
CA LEU C 67 5.03 14.00 17.87
C LEU C 67 5.14 12.51 17.54
N PHE C 68 4.46 12.08 16.49
CA PHE C 68 4.61 10.71 16.04
C PHE C 68 6.00 10.48 15.45
N ALA C 69 6.54 11.50 14.79
CA ALA C 69 7.85 11.37 14.16
C ALA C 69 8.94 11.17 15.20
N ALA C 70 8.81 11.81 16.36
CA ALA C 70 9.79 11.76 17.43
C ALA C 70 9.69 10.51 18.31
N SER C 71 8.72 9.64 18.05
CA SER C 71 8.47 8.49 18.92
C SER C 71 9.08 7.24 18.31
N ARG C 72 9.56 6.35 19.15
CA ARG C 72 10.18 5.15 18.60
C ARG C 72 9.16 4.19 18.00
N ALA C 73 7.95 4.11 18.58
CA ALA C 73 7.01 3.03 18.31
C ALA C 73 6.00 3.31 17.20
N GLY C 74 5.62 4.56 16.95
CA GLY C 74 4.63 4.81 15.91
C GLY C 74 3.21 4.40 16.29
N ALA C 75 2.24 5.07 15.65
CA ALA C 75 0.87 5.20 16.14
C ALA C 75 0.24 3.87 16.55
N ASN C 76 -0.36 3.88 17.75
CA ASN C 76 -1.23 2.83 18.27
C ASN C 76 -0.48 1.56 18.61
N GLU C 77 0.85 1.63 18.57
CA GLU C 77 1.71 0.46 18.74
C GLU C 77 2.06 0.29 20.22
N SER C 78 1.02 0.06 21.01
CA SER C 78 1.11 0.07 22.46
C SER C 78 0.53 -1.21 23.01
N THR C 79 1.25 -1.82 23.94
CA THR C 79 0.79 -3.01 24.64
C THR C 79 0.91 -2.75 26.14
N LEU C 80 -0.19 -2.87 26.86
CA LEU C 80 -0.18 -2.88 28.31
C LEU C 80 -0.42 -4.31 28.78
N ILE C 81 0.35 -4.75 29.75
CA ILE C 81 0.33 -6.13 30.19
C ILE C 81 0.52 -6.16 31.71
N ILE C 82 -0.22 -7.02 32.39
CA ILE C 82 -0.01 -7.29 33.80
C ILE C 82 0.60 -8.68 33.93
N ALA C 83 1.74 -8.78 34.59
CA ALA C 83 2.49 -10.04 34.69
C ALA C 83 3.39 -9.96 35.90
N GLU C 84 4.07 -11.08 36.18
CA GLU C 84 4.99 -11.08 37.32
C GLU C 84 6.33 -10.48 36.93
N SER C 85 6.76 -10.74 35.70
CA SER C 85 7.91 -10.07 35.10
C SER C 85 7.60 -9.93 33.62
N VAL C 86 8.49 -9.23 32.89
CA VAL C 86 8.18 -8.92 31.50
C VAL C 86 8.42 -10.16 30.65
N THR C 87 8.94 -11.22 31.27
CA THR C 87 9.03 -12.53 30.61
C THR C 87 8.07 -13.56 31.22
N SER C 88 7.29 -13.16 32.21
CA SER C 88 6.29 -14.10 32.71
C SER C 88 5.08 -14.13 31.77
N PRO C 89 4.36 -15.26 31.73
CA PRO C 89 3.11 -15.31 30.99
C PRO C 89 2.15 -14.25 31.48
N PRO C 90 1.57 -13.44 30.59
CA PRO C 90 0.74 -12.33 31.03
C PRO C 90 -0.37 -12.83 31.94
N ILE C 91 -0.65 -12.04 32.99
CA ILE C 91 -1.82 -12.25 33.81
C ILE C 91 -3.06 -11.71 33.12
N GLU C 92 -2.93 -10.53 32.52
CA GLU C 92 -3.94 -9.89 31.71
C GLU C 92 -3.23 -8.92 30.79
N THR C 93 -3.72 -8.80 29.57
CA THR C 93 -3.25 -7.81 28.64
C THR C 93 -4.38 -6.80 28.51
N LEU C 94 -4.09 -5.54 28.82
CA LEU C 94 -5.15 -4.53 28.81
C LEU C 94 -5.33 -3.87 27.45
N VAL C 95 -4.28 -3.76 26.64
CA VAL C 95 -4.34 -2.96 25.42
C VAL C 95 -3.47 -3.64 24.36
N THR C 96 -3.94 -3.60 23.11
CA THR C 96 -3.11 -3.92 21.96
C THR C 96 -3.42 -2.94 20.84
N LYS C 97 -2.57 -2.97 19.81
CA LYS C 97 -2.77 -2.13 18.64
C LYS C 97 -4.07 -2.51 17.95
N ILE C 98 -4.39 -3.81 17.93
CA ILE C 98 -5.69 -4.26 17.43
C ILE C 98 -6.82 -3.58 18.20
N SER C 99 -6.72 -3.59 19.53
CA SER C 99 -7.77 -2.99 20.35
C SER C 99 -7.88 -1.48 20.10
N LEU C 100 -6.73 -0.81 19.93
CA LEU C 100 -6.69 0.65 19.72
C LEU C 100 -7.20 1.05 18.35
N ASP C 101 -6.76 0.36 17.29
CA ASP C 101 -7.28 0.61 15.94
C ASP C 101 -8.79 0.39 15.85
N ALA C 102 -9.35 -0.53 16.66
CA ALA C 102 -10.77 -0.82 16.55
C ALA C 102 -11.65 0.12 17.34
N THR C 103 -11.14 1.32 17.67
CA THR C 103 -11.88 2.34 18.40
C THR C 103 -11.73 3.67 17.66
N PRO C 104 -12.55 3.92 16.67
CA PRO C 104 -12.38 5.13 15.85
C PRO C 104 -13.07 6.33 16.49
N VAL C 105 -12.74 6.60 17.76
CA VAL C 105 -13.44 7.66 18.49
C VAL C 105 -12.88 9.03 18.20
N SER C 106 -11.77 9.12 17.47
CA SER C 106 -11.02 10.36 17.38
C SER C 106 -10.31 10.44 16.04
N PRO C 107 -10.10 11.65 15.50
CA PRO C 107 -9.22 11.77 14.32
C PRO C 107 -7.83 11.23 14.55
N SER C 108 -7.33 11.32 15.77
CA SER C 108 -5.95 11.00 16.08
C SER C 108 -5.83 9.59 16.62
N ARG C 109 -4.63 9.04 16.53
CA ARG C 109 -4.33 7.76 17.14
C ARG C 109 -3.47 8.02 18.38
N ILE C 110 -2.97 6.96 18.98
CA ILE C 110 -2.16 7.06 20.19
C ILE C 110 -0.70 7.26 19.81
N CYS C 111 -0.11 8.35 20.28
CA CYS C 111 1.34 8.55 20.18
C CYS C 111 2.01 8.01 21.44
N THR C 112 3.07 7.21 21.25
CA THR C 112 3.72 6.54 22.37
C THR C 112 4.95 7.29 22.87
N ALA C 113 5.24 8.48 22.34
CA ALA C 113 6.47 9.19 22.69
C ALA C 113 6.52 9.49 24.19
N GLY C 114 7.71 9.29 24.77
CA GLY C 114 7.98 9.66 26.15
C GLY C 114 8.30 11.14 26.34
N GLN C 115 8.23 11.53 27.62
CA GLN C 115 8.41 12.93 28.02
C GLN C 115 9.72 13.52 27.48
N ASP C 116 10.81 12.74 27.52
CA ASP C 116 12.10 13.21 27.01
C ASP C 116 12.08 13.48 25.51
N ARG C 117 11.16 12.86 24.77
CA ARG C 117 10.93 13.18 23.37
C ARG C 117 9.86 14.26 23.22
N VAL C 118 8.78 14.20 24.02
CA VAL C 118 7.63 15.09 23.80
C VAL C 118 7.98 16.54 24.13
N GLU C 119 8.76 16.78 25.19
CA GLU C 119 9.04 18.14 25.61
C GLU C 119 9.91 18.91 24.62
N PRO C 120 10.90 18.32 23.94
CA PRO C 120 11.61 19.09 22.91
C PRO C 120 10.73 19.44 21.71
N VAL C 121 9.80 18.55 21.32
CA VAL C 121 8.90 18.87 20.22
C VAL C 121 8.00 20.06 20.56
N LEU C 122 7.50 20.11 21.80
CA LEU C 122 6.65 21.24 22.19
C LEU C 122 7.44 22.54 22.21
N LEU C 123 8.63 22.52 22.81
CA LEU C 123 9.46 23.70 22.82
C LEU C 123 9.76 24.20 21.41
N ARG C 124 10.05 23.28 20.48
CA ARG C 124 10.30 23.65 19.10
C ARG C 124 9.11 24.35 18.47
N PHE C 125 7.89 23.82 18.70
CA PHE C 125 6.70 24.39 18.09
C PHE C 125 6.20 25.62 18.82
N ALA C 126 6.46 25.71 20.12
CA ALA C 126 6.19 26.96 20.80
C ALA C 126 7.01 28.08 20.18
N ARG C 127 8.29 27.80 19.89
CA ARG C 127 9.15 28.88 19.42
C ARG C 127 8.83 29.22 17.97
N GLU C 128 8.57 28.20 17.14
CA GLU C 128 8.20 28.49 15.74
C GLU C 128 7.00 29.41 15.65
N ASN C 129 6.10 29.34 16.62
CA ASN C 129 4.87 30.11 16.66
C ASN C 129 4.98 31.41 17.43
N GLY C 130 6.18 31.82 17.84
CA GLY C 130 6.39 33.12 18.46
C GLY C 130 6.55 33.15 19.98
N ALA C 131 6.56 31.99 20.65
CA ALA C 131 6.67 31.97 22.10
C ALA C 131 8.09 32.29 22.56
N ASP C 132 8.18 33.00 23.69
CA ASP C 132 9.43 33.52 24.25
C ASP C 132 9.83 32.65 25.44
N VAL C 133 10.53 31.54 25.18
CA VAL C 133 10.87 30.56 26.21
C VAL C 133 12.28 30.84 26.70
N ARG C 134 12.42 31.16 27.99
CA ARG C 134 13.73 31.47 28.60
C ARG C 134 14.08 30.46 29.70
N PHE C 135 15.01 29.56 29.41
CA PHE C 135 15.47 28.63 30.43
C PHE C 135 16.43 29.32 31.41
N SER C 136 16.89 28.56 32.42
CA SER C 136 17.76 29.08 33.50
C SER C 136 17.21 30.38 34.08
N THR C 137 15.88 30.48 34.16
CA THR C 137 15.15 31.64 34.66
C THR C 137 14.11 31.19 35.68
N THR C 138 14.04 31.87 36.82
CA THR C 138 13.10 31.53 37.87
C THR C 138 12.16 32.70 38.15
N LEU C 139 10.89 32.38 38.38
CA LEU C 139 10.03 33.32 39.09
C LEU C 139 10.50 33.37 40.54
N GLU C 140 10.95 34.53 40.98
CA GLU C 140 11.38 34.59 42.37
C GLU C 140 10.22 34.93 43.30
N ARG C 141 9.41 35.90 42.91
CA ARG C 141 8.28 36.33 43.72
C ARG C 141 7.36 37.13 42.81
N PHE C 142 6.09 37.28 43.23
CA PHE C 142 5.12 37.99 42.41
C PHE C 142 4.04 38.59 43.28
N SER C 143 3.30 39.52 42.69
CA SER C 143 2.15 40.14 43.34
C SER C 143 1.14 40.47 42.26
N GLN C 144 -0.12 40.66 42.66
CA GLN C 144 -1.20 40.93 41.74
C GLN C 144 -1.70 42.34 41.92
N ARG C 145 -1.99 43.00 40.81
CA ARG C 145 -2.61 44.30 40.81
C ARG C 145 -4.01 44.15 40.25
N ASP C 146 -4.67 45.28 40.04
CA ASP C 146 -5.95 45.25 39.36
C ASP C 146 -5.80 45.14 37.84
N ASP C 147 -4.61 45.40 37.32
CA ASP C 147 -4.36 45.37 35.89
C ASP C 147 -3.31 44.34 35.47
N GLY C 148 -2.82 43.51 36.37
CA GLY C 148 -1.90 42.47 35.99
C GLY C 148 -1.19 41.89 37.18
N VAL C 149 -0.29 40.95 36.87
CA VAL C 149 0.67 40.40 37.81
C VAL C 149 2.04 41.01 37.48
N ASP C 150 2.66 41.66 38.46
CA ASP C 150 4.06 42.07 38.33
C ASP C 150 4.94 40.98 38.93
N ALA C 151 5.82 40.43 38.10
CA ALA C 151 6.64 39.27 38.42
C ALA C 151 8.11 39.67 38.53
N ILE C 152 8.80 39.07 39.49
CA ILE C 152 10.25 39.18 39.60
C ILE C 152 10.87 37.91 39.00
N LEU C 153 11.63 38.08 37.92
CA LEU C 153 12.35 36.99 37.28
C LEU C 153 13.81 37.06 37.69
N ARG C 154 14.48 35.90 37.76
CA ARG C 154 15.83 35.88 38.31
C ARG C 154 16.70 34.94 37.48
N ASP C 155 17.90 35.40 37.12
CA ASP C 155 18.78 34.63 36.25
C ASP C 155 19.58 33.63 37.09
N GLU C 156 19.55 32.37 36.69
CA GLU C 156 20.23 31.34 37.46
C GLU C 156 21.74 31.43 37.32
N ALA C 157 22.26 31.95 36.21
CA ALA C 157 23.70 32.07 36.06
C ALA C 157 24.28 33.11 37.02
N SER C 158 23.50 34.13 37.36
CA SER C 158 24.00 35.32 38.02
C SER C 158 23.19 35.78 39.22
N GLY C 159 21.91 35.43 39.31
CA GLY C 159 21.04 35.99 40.31
C GLY C 159 20.59 37.41 40.01
N GLN C 160 20.91 37.94 38.82
CA GLN C 160 20.33 39.19 38.36
C GLN C 160 18.82 39.04 38.21
N GLU C 161 18.08 40.04 38.66
CA GLU C 161 16.62 39.99 38.70
C GLU C 161 16.01 41.01 37.74
N THR C 162 14.73 40.79 37.44
CA THR C 162 14.03 41.49 36.37
C THR C 162 12.55 41.54 36.70
N THR C 163 11.91 42.67 36.42
CA THR C 163 10.48 42.80 36.62
C THR C 163 9.76 42.68 35.28
N VAL C 164 8.64 41.97 35.28
CA VAL C 164 7.76 41.92 34.12
C VAL C 164 6.33 42.04 34.63
N LEU C 165 5.56 42.92 34.02
CA LEU C 165 4.14 43.03 34.31
C LEU C 165 3.38 42.26 33.24
N ALA C 166 2.44 41.44 33.68
CA ALA C 166 1.76 40.52 32.80
C ALA C 166 0.27 40.60 33.05
N ASP C 167 -0.52 40.61 31.98
CA ASP C 167 -1.97 40.53 32.15
C ASP C 167 -2.35 39.31 32.98
N TYR C 168 -1.87 38.13 32.58
CA TYR C 168 -2.19 36.90 33.29
C TYR C 168 -0.92 36.08 33.49
N MET C 169 -0.94 35.22 34.49
CA MET C 169 0.18 34.33 34.76
C MET C 169 -0.33 32.90 34.87
N ILE C 170 0.17 32.02 34.01
CA ILE C 170 -0.13 30.59 34.08
C ILE C 170 0.86 29.95 35.03
N ALA C 171 0.34 29.40 36.12
CA ALA C 171 1.15 28.72 37.13
C ALA C 171 1.28 27.25 36.75
N ALA C 172 2.40 26.86 36.14
CA ALA C 172 2.58 25.48 35.66
C ALA C 172 3.80 24.81 36.29
N ASP C 173 4.01 25.04 37.58
CA ASP C 173 5.28 24.76 38.25
C ASP C 173 5.30 23.41 38.98
N GLY C 174 4.43 22.46 38.60
CA GLY C 174 4.56 21.08 39.03
C GLY C 174 4.03 20.79 40.43
N ALA C 175 4.12 19.49 40.79
CA ALA C 175 3.55 18.99 42.04
C ALA C 175 4.15 19.68 43.25
N GLY C 176 5.41 20.11 43.16
CA GLY C 176 6.05 20.78 44.27
C GLY C 176 5.83 22.26 44.30
N GLY C 177 5.32 22.80 43.22
CA GLY C 177 5.14 24.22 43.01
C GLY C 177 4.57 24.97 44.19
N THR C 178 5.07 26.19 44.39
CA THR C 178 4.69 27.03 45.50
C THR C 178 3.89 28.24 45.09
N ILE C 179 3.58 28.39 43.79
CA ILE C 179 2.78 29.54 43.39
C ILE C 179 1.42 29.46 44.05
N ARG C 180 0.85 28.25 44.14
CA ARG C 180 -0.48 28.07 44.72
C ARG C 180 -0.53 28.52 46.17
N ASP C 181 0.60 28.40 46.90
CA ASP C 181 0.61 28.80 48.30
C ASP C 181 0.44 30.30 48.45
N VAL C 182 0.86 31.08 47.43
CA VAL C 182 0.61 32.51 47.50
C VAL C 182 -0.89 32.78 47.49
N GLY C 183 -1.63 31.97 46.74
CA GLY C 183 -3.07 32.01 46.78
C GLY C 183 -3.71 31.35 47.97
N GLY C 184 -2.94 30.81 48.91
CA GLY C 184 -3.53 30.00 49.96
C GLY C 184 -4.33 28.82 49.44
N VAL C 185 -3.91 28.26 48.31
CA VAL C 185 -4.57 27.08 47.77
C VAL C 185 -4.16 25.85 48.60
N LYS C 186 -5.17 25.20 49.19
CA LYS C 186 -5.01 23.92 49.88
C LYS C 186 -5.02 22.75 48.90
N MET C 187 -4.17 21.77 49.13
CA MET C 187 -4.23 20.51 48.40
C MET C 187 -4.95 19.50 49.29
N GLU C 188 -5.92 18.79 48.73
CA GLU C 188 -6.79 17.96 49.54
C GLU C 188 -6.84 16.57 48.96
N GLY C 189 -7.01 15.57 49.82
CA GLY C 189 -7.11 14.21 49.34
C GLY C 189 -6.24 13.20 50.07
N PRO C 190 -6.15 11.99 49.51
CA PRO C 190 -5.42 10.91 50.17
C PRO C 190 -3.98 11.22 50.53
N GLY C 191 -3.31 12.12 49.82
CA GLY C 191 -1.91 12.40 50.11
C GLY C 191 -1.00 11.40 49.45
N VAL C 192 0.16 11.12 50.04
CA VAL C 192 1.12 10.18 49.48
C VAL C 192 0.65 8.76 49.74
N LEU C 193 0.64 7.94 48.70
CA LEU C 193 0.18 6.55 48.77
C LEU C 193 1.30 5.52 48.69
N ALA C 194 2.46 5.90 48.19
CA ALA C 194 3.52 4.94 47.95
C ALA C 194 4.83 5.69 47.77
N ASP C 195 5.91 5.10 48.29
CA ASP C 195 7.26 5.53 47.96
C ASP C 195 7.79 4.61 46.90
N THR C 196 8.47 5.18 45.90
CA THR C 196 8.92 4.45 44.73
C THR C 196 10.34 4.87 44.41
N ILE C 197 11.09 3.97 43.78
CA ILE C 197 12.38 4.33 43.19
C ILE C 197 12.35 4.00 41.71
N SER C 198 12.92 4.90 40.89
CA SER C 198 12.85 4.83 39.44
C SER C 198 14.25 4.58 38.90
N VAL C 199 14.42 3.49 38.16
CA VAL C 199 15.73 3.14 37.64
C VAL C 199 15.69 3.26 36.13
N LEU C 200 16.58 4.06 35.58
CA LEU C 200 16.80 4.14 34.15
C LEU C 200 18.02 3.31 33.82
N PHE C 201 17.85 2.29 32.98
CA PHE C 201 18.92 1.36 32.68
C PHE C 201 19.00 1.16 31.17
N GLU C 202 20.06 0.45 30.79
CA GLU C 202 20.31 0.09 29.40
C GLU C 202 20.68 -1.39 29.42
N ALA C 203 20.10 -2.14 28.49
CA ALA C 203 20.26 -3.60 28.44
C ALA C 203 19.73 -4.06 27.09
N ASP C 204 20.15 -5.24 26.67
CA ASP C 204 19.69 -5.76 25.38
C ASP C 204 18.23 -6.20 25.47
N LEU C 205 17.34 -5.20 25.46
CA LEU C 205 15.90 -5.44 25.44
C LEU C 205 15.41 -6.00 24.10
N ASP C 206 16.20 -5.86 23.03
CA ASP C 206 15.77 -6.41 21.75
C ASP C 206 15.60 -7.91 21.84
N SER C 207 16.59 -8.61 22.38
CA SER C 207 16.53 -10.07 22.49
C SER C 207 15.64 -10.55 23.63
N ILE C 208 14.91 -9.65 24.31
CA ILE C 208 13.94 -10.02 25.34
C ILE C 208 12.52 -9.67 24.92
N LEU C 209 12.32 -8.45 24.49
CA LEU C 209 10.97 -8.09 24.10
C LEU C 209 10.71 -8.52 22.66
N PRO C 210 9.59 -9.23 22.38
CA PRO C 210 9.30 -9.65 21.02
C PRO C 210 8.93 -8.47 20.14
N GLY C 211 7.72 -7.95 20.31
CA GLY C 211 7.29 -6.82 19.50
C GLY C 211 8.20 -5.61 19.68
N GLY C 212 8.30 -4.81 18.63
CA GLY C 212 9.28 -3.74 18.62
C GLY C 212 8.67 -2.38 18.90
N GLY C 213 7.47 -2.40 19.47
CA GLY C 213 6.72 -1.19 19.72
C GLY C 213 6.82 -0.73 21.16
N PHE C 214 5.83 0.00 21.61
CA PHE C 214 5.83 0.49 22.96
C PHE C 214 5.20 -0.55 23.89
N ALA C 215 5.76 -0.69 25.09
CA ALA C 215 5.27 -1.69 26.03
C ALA C 215 5.38 -1.17 27.45
N LEU C 216 4.26 -1.23 28.18
CA LEU C 216 4.23 -0.94 29.61
C LEU C 216 3.72 -2.17 30.33
N TYR C 217 4.53 -2.67 31.28
CA TYR C 217 4.19 -3.85 32.07
C TYR C 217 3.92 -3.44 33.51
N TYR C 218 2.73 -3.78 34.02
CA TYR C 218 2.46 -3.67 35.45
C TYR C 218 2.88 -4.96 36.14
N LEU C 219 3.84 -4.87 37.04
CA LEU C 219 4.48 -6.04 37.63
C LEU C 219 3.81 -6.41 38.93
N ARG C 220 3.11 -7.54 38.93
CA ARG C 220 2.61 -8.12 40.17
C ARG C 220 3.58 -9.20 40.65
N ASN C 221 4.80 -8.76 40.92
CA ASN C 221 5.85 -9.64 41.39
C ASN C 221 5.59 -9.99 42.85
N PRO C 222 5.87 -11.22 43.27
CA PRO C 222 5.73 -11.54 44.71
C PRO C 222 6.64 -10.70 45.56
N ALA C 223 7.82 -10.36 45.03
CA ALA C 223 8.80 -9.61 45.80
C ALA C 223 8.42 -8.13 45.87
N PHE C 224 7.76 -7.60 44.84
CA PHE C 224 7.50 -6.17 44.78
C PHE C 224 6.44 -5.89 43.74
N SER C 225 5.87 -4.69 43.84
CA SER C 225 4.96 -4.16 42.84
C SER C 225 5.61 -2.97 42.14
N GLY C 226 5.59 -2.97 40.83
CA GLY C 226 6.02 -1.82 40.07
C GLY C 226 5.54 -1.83 38.64
N ALA C 227 6.43 -1.43 37.74
CA ALA C 227 6.13 -1.26 36.33
C ALA C 227 7.42 -1.08 35.55
N PHE C 228 7.53 -1.74 34.41
CA PHE C 228 8.60 -1.53 33.44
C PHE C 228 8.04 -0.81 32.22
N VAL C 229 8.85 0.05 31.59
CA VAL C 229 8.44 0.79 30.40
C VAL C 229 9.58 0.80 29.41
N THR C 230 9.26 0.58 28.14
CA THR C 230 10.25 0.75 27.08
C THR C 230 10.42 2.24 26.78
N CYS C 231 11.66 2.67 26.63
CA CYS C 231 12.01 4.05 26.32
C CYS C 231 12.28 4.21 24.83
N ASP C 232 12.15 5.45 24.34
CA ASP C 232 12.29 5.71 22.91
C ASP C 232 13.71 5.44 22.40
N GLU C 233 14.72 5.62 23.26
CA GLU C 233 16.09 5.24 22.90
C GLU C 233 16.23 3.72 22.92
N PRO C 234 16.56 3.09 21.80
CA PRO C 234 16.53 1.62 21.74
C PRO C 234 17.44 1.00 22.78
N ASN C 235 16.97 -0.12 23.33
CA ASN C 235 17.60 -0.84 24.44
C ASN C 235 17.65 -0.01 25.72
N HIS C 236 16.75 0.95 25.89
CA HIS C 236 16.60 1.65 27.16
C HIS C 236 15.22 1.39 27.76
N GLY C 237 15.20 1.03 29.03
CA GLY C 237 13.96 0.85 29.77
C GLY C 237 14.04 1.53 31.13
N GLN C 238 12.96 1.40 31.86
CA GLN C 238 12.74 2.20 33.06
C GLN C 238 11.77 1.44 33.94
N ILE C 239 12.12 1.28 35.21
CA ILE C 239 11.29 0.53 36.14
C ILE C 239 10.91 1.45 37.30
N ASN C 240 9.65 1.43 37.68
CA ASN C 240 9.16 2.23 38.81
C ASN C 240 8.72 1.23 39.86
N ILE C 241 9.62 0.98 40.81
CA ILE C 241 9.42 -0.06 41.82
C ILE C 241 9.00 0.60 43.13
N GLU C 242 7.90 0.13 43.70
CA GLU C 242 7.42 0.59 45.00
C GLU C 242 8.19 -0.14 46.11
N TYR C 243 8.72 0.60 47.07
CA TYR C 243 9.40 0.03 48.23
C TYR C 243 8.77 0.54 49.51
N ASP C 244 8.83 -0.29 50.56
CA ASP C 244 8.26 0.07 51.86
C ASP C 244 9.24 0.97 52.61
N SER C 245 8.86 2.24 52.79
CA SER C 245 9.73 3.23 53.44
C SER C 245 10.12 2.83 54.86
N THR C 246 9.32 1.99 55.53
CA THR C 246 9.67 1.60 56.90
C THR C 246 10.68 0.45 56.94
N ARG C 247 10.67 -0.43 55.94
CA ARG C 247 11.64 -1.52 55.83
C ARG C 247 12.92 -1.11 55.13
N ASP C 248 12.82 -0.33 54.04
CA ASP C 248 13.96 0.17 53.28
C ASP C 248 13.85 1.68 53.15
N GLN C 249 14.94 2.30 52.74
CA GLN C 249 14.96 3.74 52.50
C GLN C 249 15.60 4.02 51.14
N ALA C 250 15.34 5.22 50.62
CA ALA C 250 15.75 5.56 49.26
C ALA C 250 17.25 5.37 49.04
N SER C 251 18.07 5.67 50.05
CA SER C 251 19.52 5.57 49.86
C SER C 251 20.03 4.13 49.80
N ASP C 252 19.18 3.14 50.09
CA ASP C 252 19.61 1.75 50.07
C ASP C 252 19.63 1.14 48.67
N PHE C 253 19.24 1.87 47.64
CA PHE C 253 19.15 1.31 46.30
C PHE C 253 20.34 1.75 45.47
N ASP C 254 21.50 1.16 45.77
CA ASP C 254 22.71 1.48 45.03
C ASP C 254 22.71 0.73 43.69
N GLU C 255 23.78 0.89 42.93
CA GLU C 255 23.84 0.29 41.61
C GLU C 255 23.67 -1.23 41.66
N GLU C 256 24.25 -1.88 42.67
CA GLU C 256 24.16 -3.33 42.76
C GLU C 256 22.72 -3.78 42.98
N ARG C 257 21.97 -3.07 43.81
CA ARG C 257 20.62 -3.49 44.14
C ARG C 257 19.65 -3.19 42.99
N CYS C 258 19.84 -2.07 42.30
CA CYS C 258 18.95 -1.77 41.17
C CYS C 258 19.19 -2.72 40.02
N GLU C 259 20.45 -3.14 39.81
CA GLU C 259 20.71 -4.16 38.81
C GLU C 259 19.93 -5.44 39.13
N ALA C 260 19.89 -5.81 40.41
CA ALA C 260 19.08 -6.95 40.84
C ALA C 260 17.61 -6.70 40.56
N LEU C 261 17.13 -5.48 40.81
CA LEU C 261 15.73 -5.19 40.53
C LEU C 261 15.45 -5.28 39.04
N VAL C 262 16.35 -4.76 38.20
CA VAL C 262 16.13 -4.79 36.75
C VAL C 262 16.09 -6.23 36.24
N ARG C 263 16.77 -7.14 36.93
CA ARG C 263 16.72 -8.53 36.51
C ARG C 263 15.47 -9.23 37.02
N GLN C 264 15.05 -8.96 38.26
CA GLN C 264 13.81 -9.55 38.76
C GLN C 264 12.61 -9.09 37.95
N SER C 265 12.43 -7.78 37.80
CA SER C 265 11.26 -7.27 37.11
C SER C 265 11.31 -7.58 35.61
N LEU C 266 12.46 -7.96 35.07
CA LEU C 266 12.56 -8.49 33.72
C LEU C 266 12.41 -10.00 33.65
N GLY C 267 12.56 -10.71 34.76
CA GLY C 267 12.55 -12.16 34.77
C GLY C 267 13.78 -12.83 34.19
N VAL C 268 14.82 -12.09 33.84
CA VAL C 268 16.00 -12.67 33.20
C VAL C 268 17.13 -12.72 34.22
N ALA C 269 17.56 -13.93 34.60
CA ALA C 269 18.54 -14.06 35.68
C ALA C 269 19.93 -13.58 35.27
N ASP C 270 20.42 -14.01 34.12
CA ASP C 270 21.76 -13.66 33.67
C ASP C 270 21.67 -12.63 32.54
N LEU C 271 21.56 -11.36 32.90
CA LEU C 271 21.36 -10.29 31.94
C LEU C 271 22.20 -9.08 32.32
N ALA C 272 22.82 -8.45 31.32
CA ALA C 272 23.71 -7.32 31.57
C ALA C 272 22.90 -6.03 31.68
N VAL C 273 22.89 -5.46 32.89
CA VAL C 273 22.15 -4.25 33.22
C VAL C 273 23.14 -3.14 33.47
N LYS C 274 23.00 -2.03 32.74
CA LYS C 274 23.83 -0.84 32.92
C LYS C 274 22.94 0.24 33.51
N ILE C 275 23.11 0.54 34.79
CA ILE C 275 22.25 1.50 35.47
C ILE C 275 22.64 2.92 35.06
N LEU C 276 21.71 3.64 34.46
CA LEU C 276 22.01 5.00 34.00
C LEU C 276 21.54 6.06 34.98
N ASP C 277 20.52 5.80 35.79
CA ASP C 277 20.12 6.75 36.83
C ASP C 277 19.17 6.08 37.81
N ILE C 278 19.18 6.58 39.05
CA ILE C 278 18.31 6.09 40.13
C ILE C 278 17.70 7.27 40.84
N ARG C 279 16.38 7.29 40.93
CA ARG C 279 15.62 8.43 41.43
C ARG C 279 14.54 7.96 42.39
N PRO C 280 14.51 8.47 43.63
CA PRO C 280 13.40 8.17 44.53
C PRO C 280 12.22 9.06 44.19
N TRP C 281 11.03 8.49 44.22
CA TRP C 281 9.88 9.33 43.95
C TRP C 281 8.73 8.90 44.85
N GLN C 282 7.61 9.59 44.68
CA GLN C 282 6.41 9.30 45.44
C GLN C 282 5.25 9.21 44.46
N MET C 283 4.12 8.78 45.00
CA MET C 283 2.93 8.45 44.24
C MET C 283 1.81 9.00 45.12
N ALA C 284 1.27 10.17 44.75
CA ALA C 284 0.33 10.88 45.62
C ALA C 284 -0.98 11.15 44.88
N ALA C 285 -2.01 11.48 45.66
CA ALA C 285 -3.32 11.87 45.13
C ALA C 285 -3.81 13.12 45.89
N LEU C 286 -3.78 14.27 45.21
CA LEU C 286 -4.06 15.54 45.86
C LEU C 286 -4.71 16.48 44.84
N LEU C 287 -5.78 17.13 45.25
CA LEU C 287 -6.49 18.06 44.40
C LEU C 287 -6.58 19.42 45.07
N ALA C 288 -6.39 20.46 44.26
CA ALA C 288 -6.36 21.83 44.74
C ALA C 288 -7.76 22.34 45.10
N ASP C 289 -7.84 23.02 46.23
CA ASP C 289 -8.93 23.88 46.69
C ASP C 289 -9.50 24.68 45.54
N ARG C 290 -8.70 25.61 45.04
CA ARG C 290 -9.01 26.45 43.89
C ARG C 290 -8.02 26.12 42.78
N MET C 291 -8.40 26.40 41.54
CA MET C 291 -7.50 26.27 40.40
C MET C 291 -7.27 27.59 39.69
N SER C 292 -7.68 28.70 40.29
CA SER C 292 -7.27 30.03 39.86
C SER C 292 -7.49 30.95 41.05
N PHE C 293 -6.70 32.02 41.10
CA PHE C 293 -6.91 33.08 42.09
C PHE C 293 -6.46 34.39 41.46
N GLY C 294 -7.40 35.32 41.31
CA GLY C 294 -7.14 36.54 40.59
C GLY C 294 -6.80 36.30 39.14
N ARG C 295 -5.61 36.74 38.76
CA ARG C 295 -5.06 36.58 37.41
C ARG C 295 -4.10 35.40 37.31
N VAL C 296 -4.12 34.49 38.29
CA VAL C 296 -3.22 33.35 38.34
C VAL C 296 -4.02 32.07 38.19
N PHE C 297 -3.62 31.24 37.21
CA PHE C 297 -4.32 30.02 36.87
C PHE C 297 -3.40 28.82 37.10
N LEU C 298 -3.85 27.88 37.94
CA LEU C 298 -3.08 26.67 38.27
C LEU C 298 -3.31 25.61 37.19
N ALA C 299 -2.28 25.32 36.40
CA ALA C 299 -2.36 24.30 35.36
C ALA C 299 -1.34 23.20 35.61
N GLY C 300 -1.77 21.96 35.46
CA GLY C 300 -0.87 20.82 35.53
C GLY C 300 -0.85 20.17 36.90
N ASP C 301 0.23 19.46 37.21
CA ASP C 301 0.37 18.79 38.50
C ASP C 301 0.29 19.74 39.67
N CYS C 302 0.56 21.03 39.50
CA CYS C 302 0.48 21.91 40.66
C CYS C 302 -0.94 22.06 41.17
N ALA C 303 -1.94 21.76 40.34
CA ALA C 303 -3.34 21.80 40.72
C ALA C 303 -3.92 20.42 41.00
N HIS C 304 -3.24 19.36 40.57
CA HIS C 304 -3.77 18.01 40.75
C HIS C 304 -2.62 17.02 40.61
N ILE C 305 -2.29 16.35 41.71
CA ILE C 305 -1.29 15.29 41.69
C ILE C 305 -2.04 13.97 41.52
N THR C 306 -1.73 13.23 40.46
CA THR C 306 -2.41 11.97 40.28
C THR C 306 -1.44 10.81 40.40
N PRO C 307 -1.87 9.68 40.96
CA PRO C 307 -1.03 8.46 40.98
C PRO C 307 -0.69 8.04 39.56
N PRO C 308 0.56 7.73 39.28
CA PRO C 308 0.96 7.56 37.87
C PRO C 308 0.62 6.21 37.27
N VAL C 309 -0.54 5.64 37.59
CA VAL C 309 -0.98 4.39 36.99
C VAL C 309 -2.03 4.62 35.92
N GLY C 310 -3.03 5.46 36.20
CA GLY C 310 -3.91 5.91 35.13
C GLY C 310 -3.13 6.48 33.96
N GLY C 311 -2.05 7.20 34.25
CA GLY C 311 -1.35 7.91 33.20
C GLY C 311 -2.15 9.09 32.72
N LEU C 312 -2.84 9.79 33.64
CA LEU C 312 -3.73 10.87 33.25
C LEU C 312 -3.22 12.23 33.66
N GLY C 313 -2.13 12.30 34.43
CA GLY C 313 -1.65 13.59 34.91
C GLY C 313 -1.02 14.43 33.81
N GLY C 314 -0.12 13.82 33.04
CA GLY C 314 0.41 14.50 31.87
C GLY C 314 -0.67 14.87 30.87
N GLN C 315 -1.74 14.07 30.80
CA GLN C 315 -2.85 14.33 29.89
C GLN C 315 -3.74 15.45 30.38
N THR C 316 -4.02 15.46 31.68
CA THR C 316 -4.82 16.53 32.27
C THR C 316 -4.08 17.86 32.19
N ALA C 317 -2.76 17.84 32.39
CA ALA C 317 -1.94 19.05 32.23
C ALA C 317 -2.11 19.64 30.84
N ILE C 318 -1.95 18.83 29.79
CA ILE C 318 -2.06 19.32 28.42
C ILE C 318 -3.42 19.97 28.21
N GLN C 319 -4.49 19.26 28.60
CA GLN C 319 -5.84 19.75 28.38
C GLN C 319 -6.13 20.96 29.25
N ASP C 320 -5.60 21.01 30.48
CA ASP C 320 -5.60 22.26 31.22
C ASP C 320 -5.03 23.38 30.37
N ALA C 321 -3.85 23.14 29.80
CA ALA C 321 -3.17 24.22 29.09
C ALA C 321 -4.00 24.69 27.91
N ALA C 322 -4.61 23.75 27.18
CA ALA C 322 -5.37 24.10 26.00
C ALA C 322 -6.58 24.93 26.38
N ASP C 323 -7.28 24.52 27.44
CA ASP C 323 -8.42 25.29 27.91
C ASP C 323 -8.02 26.73 28.19
N LEU C 324 -6.94 26.92 28.96
CA LEU C 324 -6.50 28.27 29.27
C LEU C 324 -6.07 29.02 28.02
N ALA C 325 -5.54 28.31 27.02
CA ALA C 325 -4.96 29.03 25.89
C ALA C 325 -6.05 29.67 25.01
N TRP C 326 -7.13 28.95 24.69
CA TRP C 326 -8.16 29.58 23.85
C TRP C 326 -8.94 30.65 24.61
N LYS C 327 -9.02 30.53 25.93
CA LYS C 327 -9.83 31.48 26.72
C LYS C 327 -9.06 32.75 26.99
N LEU C 328 -7.79 32.63 27.39
CA LEU C 328 -6.94 33.80 27.51
C LEU C 328 -6.81 34.51 26.17
N ALA C 329 -6.77 33.74 25.07
CA ALA C 329 -6.53 34.34 23.76
C ALA C 329 -7.69 35.23 23.36
N LEU C 330 -8.92 34.85 23.73
CA LEU C 330 -10.06 35.71 23.49
C LEU C 330 -10.04 36.92 24.40
N VAL C 331 -9.78 36.72 25.71
CA VAL C 331 -9.81 37.83 26.66
C VAL C 331 -8.76 38.88 26.35
N VAL C 332 -7.53 38.45 26.02
CA VAL C 332 -6.48 39.44 25.77
C VAL C 332 -6.68 40.12 24.43
N LYS C 333 -7.38 39.49 23.50
CA LYS C 333 -7.72 40.12 22.24
C LYS C 333 -8.98 40.96 22.36
N GLY C 334 -9.55 41.06 23.56
CA GLY C 334 -10.79 41.77 23.74
C GLY C 334 -11.98 41.18 23.02
N GLN C 335 -11.95 39.88 22.70
CA GLN C 335 -13.09 39.22 22.07
C GLN C 335 -13.93 38.41 23.05
N ALA C 336 -13.69 38.51 24.35
CA ALA C 336 -14.48 37.80 25.35
C ALA C 336 -14.30 38.50 26.69
N ALA C 337 -15.37 38.54 27.48
CA ALA C 337 -15.29 39.18 28.79
C ALA C 337 -14.33 38.41 29.68
N PRO C 338 -13.64 39.10 30.60
CA PRO C 338 -12.80 38.39 31.58
C PRO C 338 -13.57 37.33 32.36
N THR C 339 -14.88 37.53 32.52
CA THR C 339 -15.73 36.53 33.16
C THR C 339 -15.45 35.12 32.63
N LEU C 340 -15.24 35.00 31.30
CA LEU C 340 -15.04 33.70 30.68
C LEU C 340 -14.00 32.88 31.43
N LEU C 341 -13.02 33.55 32.05
CA LEU C 341 -11.93 32.85 32.74
C LEU C 341 -12.37 32.21 34.04
N ASP C 342 -13.45 32.70 34.67
CA ASP C 342 -13.99 32.05 35.85
C ASP C 342 -14.40 30.62 35.55
N SER C 343 -14.72 30.33 34.29
CA SER C 343 -15.13 28.99 33.90
C SER C 343 -13.99 28.00 33.91
N TYR C 344 -12.74 28.47 33.88
CA TYR C 344 -11.58 27.57 33.82
C TYR C 344 -11.66 26.53 34.94
N GLU C 345 -11.60 26.96 36.21
CA GLU C 345 -11.59 25.99 37.30
C GLU C 345 -12.96 25.32 37.46
N ILE C 346 -14.06 26.01 37.12
CA ILE C 346 -15.39 25.41 37.14
C ILE C 346 -15.43 24.16 36.25
N GLU C 347 -14.87 24.26 35.04
CA GLU C 347 -14.88 23.16 34.08
C GLU C 347 -13.72 22.17 34.28
N ARG C 348 -12.52 22.67 34.61
CA ARG C 348 -11.37 21.78 34.70
C ARG C 348 -11.23 21.05 36.04
N ARG C 349 -11.68 21.65 37.15
CA ARG C 349 -11.50 20.98 38.44
C ARG C 349 -12.24 19.65 38.53
N PRO C 350 -13.53 19.52 38.17
CA PRO C 350 -14.16 18.20 38.24
C PRO C 350 -13.49 17.16 37.36
N VAL C 351 -12.91 17.58 36.23
CA VAL C 351 -12.20 16.66 35.34
C VAL C 351 -10.96 16.10 36.03
N ALA C 352 -10.29 16.91 36.85
CA ALA C 352 -9.16 16.38 37.62
C ALA C 352 -9.63 15.45 38.72
N ARG C 353 -10.78 15.76 39.33
CA ARG C 353 -11.33 14.93 40.41
C ARG C 353 -11.55 13.50 39.95
N ILE C 354 -12.09 13.31 38.75
CA ILE C 354 -12.29 11.93 38.27
C ILE C 354 -10.99 11.31 37.79
N ALA C 355 -10.07 12.10 37.20
CA ALA C 355 -8.76 11.57 36.83
C ALA C 355 -8.04 11.00 38.04
N ILE C 356 -8.10 11.70 39.16
CA ILE C 356 -7.54 11.16 40.39
C ILE C 356 -8.25 9.87 40.77
N ALA C 357 -9.59 9.88 40.77
CA ALA C 357 -10.33 8.67 41.15
C ALA C 357 -10.07 7.53 40.17
N ARG C 358 -10.04 7.83 38.87
CA ARG C 358 -9.67 6.82 37.88
C ARG C 358 -8.26 6.29 38.13
N SER C 359 -7.30 7.18 38.44
CA SER C 359 -5.91 6.75 38.60
C SER C 359 -5.73 5.89 39.86
N ILE C 360 -6.37 6.28 40.97
CA ILE C 360 -6.37 5.43 42.17
C ILE C 360 -6.97 4.06 41.88
N ALA C 361 -8.09 4.02 41.12
CA ALA C 361 -8.74 2.76 40.80
C ALA C 361 -7.87 1.85 39.93
N ASN C 362 -7.11 2.44 38.99
CA ASN C 362 -6.17 1.66 38.18
C ASN C 362 -5.02 1.12 39.03
N TYR C 363 -4.45 1.95 39.90
CA TYR C 363 -3.35 1.47 40.73
C TYR C 363 -3.79 0.28 41.58
N VAL C 364 -5.01 0.32 42.11
CA VAL C 364 -5.54 -0.78 42.91
C VAL C 364 -5.84 -2.00 42.03
N GLU C 365 -6.53 -1.81 40.90
CA GLU C 365 -6.91 -2.96 40.07
C GLU C 365 -5.71 -3.67 39.48
N ARG C 366 -4.73 -2.89 39.00
CA ARG C 366 -3.60 -3.42 38.24
C ARG C 366 -2.48 -3.92 39.12
N LEU C 367 -2.20 -3.24 40.25
CA LEU C 367 -0.99 -3.52 41.02
C LEU C 367 -1.26 -4.02 42.43
N LEU C 368 -2.15 -3.38 43.19
CA LEU C 368 -2.40 -3.75 44.59
C LEU C 368 -3.88 -4.01 44.81
N PRO C 369 -4.41 -5.13 44.29
CA PRO C 369 -5.84 -5.42 44.47
C PRO C 369 -6.26 -5.65 45.91
N ASP C 370 -5.31 -5.75 46.86
CA ASP C 370 -5.61 -6.18 48.22
C ASP C 370 -6.44 -5.18 49.02
N ARG C 371 -6.26 -3.87 48.78
CA ARG C 371 -6.87 -2.85 49.62
C ARG C 371 -7.60 -1.82 48.76
N GLN C 372 -8.90 -2.04 48.59
CA GLN C 372 -9.80 -1.13 47.88
C GLN C 372 -10.24 0.04 48.76
N ASP C 373 -9.75 0.10 50.00
CA ASP C 373 -10.17 1.17 50.90
C ASP C 373 -9.74 2.55 50.40
N ILE C 374 -8.76 2.62 49.49
CA ILE C 374 -8.27 3.91 49.04
C ILE C 374 -9.04 4.43 47.83
N ARG C 375 -10.00 3.66 47.33
CA ARG C 375 -10.71 4.05 46.14
C ARG C 375 -11.70 5.17 46.44
N ILE C 376 -11.88 6.06 45.48
CA ILE C 376 -12.93 7.07 45.55
C ILE C 376 -13.99 6.68 44.53
N ARG C 377 -14.75 5.61 44.84
CA ARG C 377 -15.74 5.05 43.93
C ARG C 377 -16.80 6.05 43.50
N GLU C 378 -17.10 7.03 44.34
CA GLU C 378 -18.06 8.06 43.99
C GLU C 378 -17.68 8.75 42.68
N ASP C 379 -16.39 8.84 42.36
CA ASP C 379 -15.93 9.56 41.18
C ASP C 379 -15.23 8.66 40.16
N GLU C 380 -15.45 7.34 40.23
CA GLU C 380 -14.89 6.44 39.24
C GLU C 380 -15.84 6.34 38.05
N TYR C 381 -15.26 6.36 36.85
CA TYR C 381 -15.97 6.21 35.60
C TYR C 381 -15.11 5.34 34.70
N GLY C 382 -15.56 5.13 33.47
CA GLY C 382 -14.83 4.27 32.56
C GLY C 382 -13.59 4.93 32.01
N LEU C 383 -12.70 4.10 31.47
CA LEU C 383 -11.40 4.59 31.03
C LEU C 383 -11.54 5.60 29.91
N LEU C 384 -12.21 5.22 28.83
CA LEU C 384 -12.45 6.18 27.75
C LEU C 384 -13.39 7.30 28.18
N GLU C 385 -14.35 7.02 29.08
CA GLU C 385 -15.22 8.07 29.57
C GLU C 385 -14.43 9.11 30.35
N THR C 386 -13.49 8.65 31.20
CA THR C 386 -12.68 9.56 32.00
C THR C 386 -11.75 10.39 31.11
N ALA C 387 -11.03 9.72 30.21
CA ALA C 387 -10.07 10.41 29.37
C ALA C 387 -10.75 11.41 28.46
N MET C 388 -11.95 11.09 27.98
CA MET C 388 -12.45 11.66 26.74
C MET C 388 -13.90 12.14 26.83
N GLY C 389 -14.71 11.45 27.62
CA GLY C 389 -16.11 11.77 27.74
C GLY C 389 -16.50 12.65 28.91
N TYR C 390 -15.56 13.40 29.47
CA TYR C 390 -15.91 14.26 30.58
C TYR C 390 -16.75 15.43 30.08
N ARG C 391 -17.58 15.97 30.97
CA ARG C 391 -18.52 16.99 30.58
C ARG C 391 -18.21 18.29 31.30
N TYR C 392 -18.45 19.41 30.61
CA TYR C 392 -18.28 20.72 31.21
C TYR C 392 -19.64 21.35 31.54
N ARG C 393 -19.77 21.91 32.74
CA ARG C 393 -20.94 22.68 33.14
C ARG C 393 -20.45 23.99 33.72
N SER C 394 -20.85 25.12 33.11
CA SER C 394 -20.44 26.43 33.57
C SER C 394 -21.19 27.49 32.76
N ASP C 395 -21.09 28.73 33.21
CA ASP C 395 -21.67 29.89 32.53
C ASP C 395 -21.01 30.16 31.16
N ALA C 396 -20.20 29.24 30.64
CA ALA C 396 -19.68 29.30 29.28
C ALA C 396 -20.36 28.31 28.34
N ILE C 397 -21.36 27.56 28.81
CA ILE C 397 -22.07 26.58 27.98
C ILE C 397 -23.56 26.73 28.23
N ILE C 398 -24.32 26.97 27.17
CA ILE C 398 -25.76 27.18 27.33
C ILE C 398 -26.46 25.84 27.51
N ALA C 399 -26.62 25.41 28.76
CA ALA C 399 -27.12 24.07 29.06
C ALA C 399 -28.50 23.86 28.46
N ASP C 400 -28.69 22.71 27.80
CA ASP C 400 -29.99 22.36 27.24
C ASP C 400 -30.95 21.97 28.37
N GLU C 401 -32.25 22.04 28.04
CA GLU C 401 -33.26 21.71 29.03
C GLU C 401 -33.20 20.24 29.40
N PHE C 402 -33.47 19.96 30.68
CA PHE C 402 -33.28 18.64 31.27
C PHE C 402 -31.80 18.23 31.16
N ASP C 403 -30.99 18.91 31.97
CA ASP C 403 -29.66 18.42 32.24
C ASP C 403 -29.76 17.19 33.13
N ASP C 404 -29.14 16.09 32.68
CA ASP C 404 -29.06 14.89 33.50
C ASP C 404 -28.28 15.16 34.78
N GLY C 405 -27.13 15.82 34.67
CA GLY C 405 -26.19 15.93 35.77
C GLY C 405 -25.00 15.02 35.67
N ALA C 406 -24.92 14.20 34.61
CA ALA C 406 -23.86 13.22 34.49
C ALA C 406 -22.48 13.88 34.34
N CYS C 407 -21.49 13.37 35.07
CA CYS C 407 -20.13 13.89 34.92
C CYS C 407 -19.53 13.49 33.57
N VAL C 408 -19.91 12.34 33.02
CA VAL C 408 -19.33 11.84 31.79
C VAL C 408 -20.43 11.42 30.82
N GLU C 409 -20.03 11.25 29.56
CA GLU C 409 -20.88 10.68 28.53
C GLU C 409 -20.02 9.70 27.74
N ASP C 410 -20.61 8.58 27.34
CA ASP C 410 -19.90 7.62 26.51
C ASP C 410 -19.54 8.28 25.18
N PRO C 411 -18.25 8.39 24.84
CA PRO C 411 -17.89 8.92 23.51
C PRO C 411 -18.43 8.09 22.35
N LEU C 412 -18.72 6.82 22.57
CA LEU C 412 -19.27 5.93 21.54
C LEU C 412 -20.75 6.17 21.28
N ARG C 413 -21.48 6.72 22.25
CA ARG C 413 -22.91 7.00 22.12
C ARG C 413 -23.14 8.50 22.35
N PRO C 414 -22.70 9.35 21.42
CA PRO C 414 -22.84 10.80 21.61
C PRO C 414 -24.29 11.26 21.53
N SER C 415 -24.58 12.32 22.28
CA SER C 415 -25.92 12.90 22.33
C SER C 415 -26.00 14.33 21.82
N GLY C 416 -24.89 15.03 21.65
CA GLY C 416 -24.96 16.41 21.25
C GLY C 416 -25.34 17.38 22.34
N ALA C 417 -25.34 16.96 23.61
CA ALA C 417 -25.73 17.88 24.67
C ALA C 417 -24.70 19.02 24.76
N PRO C 418 -25.15 20.25 25.01
CA PRO C 418 -24.18 21.30 25.36
C PRO C 418 -23.38 20.87 26.57
N GLY C 419 -22.06 21.07 26.49
CA GLY C 419 -21.13 20.57 27.47
C GLY C 419 -20.43 19.26 27.16
N THR C 420 -20.63 18.69 25.98
CA THR C 420 -19.94 17.47 25.61
C THR C 420 -19.05 17.72 24.39
N ARG C 421 -18.10 16.81 24.20
CA ARG C 421 -17.16 16.87 23.09
C ARG C 421 -17.84 16.52 21.78
N LEU C 422 -17.57 17.31 20.74
CA LEU C 422 -18.19 17.10 19.43
C LEU C 422 -17.75 15.77 18.83
N ALA C 423 -18.71 14.97 18.37
CA ALA C 423 -18.37 13.60 17.99
C ALA C 423 -17.47 13.59 16.77
N HIS C 424 -16.57 12.61 16.73
CA HIS C 424 -15.70 12.41 15.56
C HIS C 424 -16.51 11.68 14.49
N VAL C 425 -16.79 12.36 13.40
CA VAL C 425 -17.57 11.80 12.30
C VAL C 425 -16.76 11.99 11.03
N TRP C 426 -16.61 10.92 10.23
CA TRP C 426 -15.97 11.06 8.94
C TRP C 426 -16.91 11.76 7.97
N LEU C 427 -16.51 12.93 7.48
CA LEU C 427 -17.30 13.72 6.57
C LEU C 427 -16.65 13.75 5.19
N ARG C 428 -17.36 14.30 4.22
CA ARG C 428 -16.85 14.41 2.85
C ARG C 428 -16.86 15.87 2.43
N ARG C 429 -15.70 16.39 2.07
CA ARG C 429 -15.59 17.71 1.45
C ARG C 429 -15.18 17.46 0.02
N GLY C 430 -16.16 17.36 -0.87
CA GLY C 430 -15.85 17.02 -2.24
C GLY C 430 -15.39 15.58 -2.33
N GLU C 431 -14.22 15.38 -2.93
CA GLU C 431 -13.69 14.03 -3.05
C GLU C 431 -13.02 13.57 -1.76
N GLU C 432 -12.29 14.47 -1.10
CA GLU C 432 -11.54 14.12 0.11
C GLU C 432 -12.49 13.81 1.26
N THR C 433 -12.06 12.88 2.11
CA THR C 433 -12.76 12.52 3.31
C THR C 433 -12.03 13.15 4.51
N ILE C 434 -12.76 13.92 5.32
CA ILE C 434 -12.17 14.61 6.45
C ILE C 434 -12.96 14.25 7.71
N SER C 435 -12.44 14.67 8.84
CA SER C 435 -13.13 14.50 10.11
C SER C 435 -13.94 15.75 10.43
N SER C 436 -15.00 15.56 11.23
CA SER C 436 -15.67 16.74 11.78
C SER C 436 -14.68 17.62 12.54
N HIS C 437 -13.73 16.99 13.25
CA HIS C 437 -12.76 17.74 14.04
C HIS C 437 -11.81 18.57 13.18
N ASP C 438 -11.48 18.13 11.96
CA ASP C 438 -10.70 18.95 11.04
C ASP C 438 -11.35 20.31 10.78
N LEU C 439 -12.65 20.45 11.07
CA LEU C 439 -13.39 21.68 10.82
C LEU C 439 -13.52 22.57 12.05
N ILE C 440 -12.95 22.17 13.18
CA ILE C 440 -13.03 22.92 14.43
C ILE C 440 -11.62 23.13 14.98
N GLY C 441 -11.52 24.00 15.98
CA GLY C 441 -10.25 24.20 16.65
C GLY C 441 -9.73 25.61 16.66
N ARG C 442 -9.88 26.35 15.56
CA ARG C 442 -9.41 27.72 15.48
C ARG C 442 -10.42 28.61 16.20
N ASP C 443 -11.51 29.02 15.54
CA ASP C 443 -12.47 29.94 16.13
C ASP C 443 -13.71 29.18 16.62
N PHE C 444 -14.71 29.92 17.10
CA PHE C 444 -16.04 29.33 17.29
C PHE C 444 -16.60 28.91 15.95
N MET C 445 -17.24 27.74 15.93
CA MET C 445 -17.81 27.17 14.71
C MET C 445 -19.31 26.97 14.90
N LEU C 446 -20.10 27.40 13.91
CA LEU C 446 -21.53 27.16 13.86
C LEU C 446 -21.85 26.14 12.76
N PHE C 447 -22.35 24.98 13.18
CA PHE C 447 -22.86 23.99 12.25
C PHE C 447 -24.36 24.17 12.10
N THR C 448 -24.84 24.19 10.87
CA THR C 448 -26.28 24.18 10.61
C THR C 448 -26.60 22.99 9.71
N GLY C 449 -27.88 22.60 9.75
CA GLY C 449 -28.37 21.60 8.84
C GLY C 449 -28.45 22.16 7.44
N PRO C 450 -28.91 21.32 6.50
CA PRO C 450 -29.03 21.80 5.11
C PRO C 450 -30.05 22.91 4.95
N ASP C 451 -31.11 22.89 5.76
CA ASP C 451 -32.16 23.90 5.73
C ASP C 451 -31.97 24.96 6.81
N GLY C 452 -30.72 25.26 7.15
CA GLY C 452 -30.43 26.20 8.20
C GLY C 452 -29.78 27.46 7.69
N GLY C 453 -30.23 27.94 6.53
CA GLY C 453 -29.74 29.20 6.02
C GLY C 453 -30.09 30.38 6.91
N ASP C 454 -31.23 30.31 7.60
CA ASP C 454 -31.61 31.38 8.52
C ASP C 454 -30.56 31.57 9.61
N TRP C 455 -29.96 30.47 10.10
CA TRP C 455 -28.88 30.58 11.08
C TRP C 455 -27.63 31.17 10.45
N ILE C 456 -27.22 30.62 9.30
CA ILE C 456 -26.02 31.09 8.59
C ILE C 456 -26.10 32.58 8.32
N GLU C 457 -27.29 33.07 7.95
CA GLU C 457 -27.46 34.48 7.69
C GLU C 457 -27.36 35.28 8.98
N ALA C 458 -27.94 34.78 10.07
CA ALA C 458 -27.74 35.40 11.38
C ALA C 458 -26.27 35.41 11.75
N ALA C 459 -25.59 34.27 11.59
CA ALA C 459 -24.20 34.13 12.01
C ALA C 459 -23.27 35.03 11.22
N ARG C 460 -23.48 35.19 9.91
CA ARG C 460 -22.59 36.04 9.14
C ARG C 460 -22.74 37.50 9.52
N ARG C 461 -23.91 37.91 10.01
CA ARG C 461 -24.10 39.29 10.41
C ARG C 461 -23.59 39.53 11.83
N ILE C 462 -23.77 38.54 12.70
CA ILE C 462 -23.10 38.55 14.01
C ILE C 462 -21.60 38.75 13.83
N ALA C 463 -20.93 37.77 13.20
CA ALA C 463 -19.50 37.82 12.97
C ALA C 463 -19.04 39.17 12.41
N LEU C 464 -19.88 39.83 11.61
CA LEU C 464 -19.49 41.07 10.96
C LEU C 464 -19.03 42.13 11.95
N ARG C 465 -19.58 42.13 13.18
CA ARG C 465 -19.13 43.12 14.15
C ARG C 465 -18.84 42.58 15.55
N SER C 466 -19.16 41.33 15.87
CA SER C 466 -18.74 40.77 17.14
C SER C 466 -17.22 40.75 17.20
N LYS C 467 -16.66 41.07 18.37
CA LYS C 467 -15.21 41.10 18.46
C LYS C 467 -14.60 39.72 18.21
N ALA C 468 -15.36 38.64 18.42
CA ALA C 468 -14.76 37.34 18.13
C ALA C 468 -15.20 36.83 16.76
N PRO C 469 -14.30 36.14 16.07
CA PRO C 469 -14.69 35.48 14.82
C PRO C 469 -15.61 34.31 15.08
N LEU C 470 -16.49 34.08 14.11
CA LEU C 470 -17.43 32.96 14.13
C LEU C 470 -17.40 32.35 12.73
N GLY C 471 -17.01 31.09 12.65
CA GLY C 471 -17.11 30.37 11.42
C GLY C 471 -18.44 29.67 11.32
N VAL C 472 -18.85 29.38 10.08
CA VAL C 472 -20.09 28.65 9.82
C VAL C 472 -19.78 27.53 8.83
N CYS C 473 -20.49 26.41 8.99
CA CYS C 473 -20.37 25.31 8.04
C CYS C 473 -21.72 24.61 7.90
N ARG C 474 -22.24 24.51 6.67
CA ARG C 474 -23.55 23.93 6.40
C ARG C 474 -23.44 22.50 5.91
N LEU C 475 -24.26 21.62 6.49
CA LEU C 475 -24.17 20.19 6.21
C LEU C 475 -24.79 19.77 4.88
N GLY C 476 -25.31 20.68 4.08
CA GLY C 476 -25.66 20.20 2.77
C GLY C 476 -24.61 20.59 1.76
N PHE C 477 -23.89 21.65 2.06
CA PHE C 477 -23.14 22.38 1.05
C PHE C 477 -21.64 22.31 1.27
N ASP C 478 -21.15 22.75 2.42
CA ASP C 478 -19.69 22.83 2.61
C ASP C 478 -19.09 21.44 2.78
N VAL C 479 -19.72 20.58 3.58
CA VAL C 479 -19.33 19.20 3.72
C VAL C 479 -20.58 18.32 3.74
N ASP C 480 -20.38 17.06 3.38
CA ASP C 480 -21.45 16.09 3.24
C ASP C 480 -21.32 15.00 4.30
N ASP C 481 -22.48 14.58 4.82
CA ASP C 481 -22.60 13.56 5.86
C ASP C 481 -23.48 12.44 5.32
N PRO C 482 -22.92 11.57 4.48
CA PRO C 482 -23.77 10.60 3.75
C PRO C 482 -24.50 9.65 4.65
N GLU C 483 -23.81 9.08 5.64
CA GLU C 483 -24.40 8.12 6.57
C GLU C 483 -25.06 8.78 7.77
N GLY C 484 -25.55 10.02 7.63
CA GLY C 484 -26.32 10.70 8.66
C GLY C 484 -25.87 10.52 10.10
N LEU C 485 -24.55 10.46 10.31
CA LEU C 485 -23.95 10.13 11.59
C LEU C 485 -23.56 11.35 12.42
N PHE C 486 -23.65 12.54 11.85
CA PHE C 486 -23.24 13.75 12.57
C PHE C 486 -24.49 14.42 13.12
N LEU C 487 -25.02 15.40 12.38
CA LEU C 487 -26.16 16.19 12.86
C LEU C 487 -27.41 15.38 13.21
N PRO C 488 -27.78 14.33 12.46
CA PRO C 488 -28.89 13.49 12.95
C PRO C 488 -28.62 12.85 14.30
N ARG C 489 -27.40 12.32 14.48
CA ARG C 489 -27.10 11.58 15.70
C ARG C 489 -26.91 12.51 16.90
N LEU C 490 -26.49 13.76 16.66
CA LEU C 490 -26.43 14.77 17.70
C LEU C 490 -27.78 15.46 17.91
N ARG C 491 -28.87 14.88 17.38
CA ARG C 491 -30.26 15.32 17.57
C ARG C 491 -30.50 16.72 17.04
N ILE C 492 -29.96 17.02 15.86
CA ILE C 492 -30.13 18.30 15.21
C ILE C 492 -30.89 18.09 13.91
N SER C 493 -32.07 18.71 13.80
CA SER C 493 -32.91 18.64 12.60
C SER C 493 -32.24 19.44 11.48
N PRO C 494 -32.74 19.32 10.25
CA PRO C 494 -32.12 20.10 9.16
C PRO C 494 -32.33 21.59 9.27
N GLU C 495 -33.20 22.06 10.17
CA GLU C 495 -33.34 23.49 10.40
C GLU C 495 -32.70 23.93 11.71
N GLY C 496 -31.82 23.09 12.26
CA GLY C 496 -31.11 23.36 13.49
C GLY C 496 -29.67 23.84 13.30
N ALA C 497 -29.09 24.22 14.43
CA ALA C 497 -27.71 24.69 14.46
C ALA C 497 -27.05 24.28 15.77
N LEU C 498 -25.72 24.24 15.72
CA LEU C 498 -24.88 23.74 16.81
C LEU C 498 -23.67 24.67 16.92
N LEU C 499 -23.43 25.20 18.12
CA LEU C 499 -22.31 26.11 18.36
C LEU C 499 -21.19 25.40 19.14
N VAL C 500 -20.01 25.31 18.52
CA VAL C 500 -18.88 24.58 19.07
C VAL C 500 -17.74 25.54 19.37
N ARG C 501 -17.13 25.39 20.55
CA ARG C 501 -16.08 26.27 21.07
C ARG C 501 -14.73 25.97 20.42
N PRO C 502 -13.72 26.82 20.64
CA PRO C 502 -12.37 26.51 20.16
C PRO C 502 -11.77 25.20 20.70
N ASP C 503 -12.16 24.75 21.89
CA ASP C 503 -11.72 23.46 22.41
C ASP C 503 -12.55 22.30 21.91
N GLY C 504 -13.56 22.53 21.08
CA GLY C 504 -14.32 21.47 20.48
C GLY C 504 -15.51 20.99 21.28
N TYR C 505 -15.72 21.50 22.48
CA TYR C 505 -16.93 21.19 23.24
C TYR C 505 -18.10 22.01 22.74
N ILE C 506 -19.29 21.37 22.69
CA ILE C 506 -20.52 22.04 22.24
C ILE C 506 -20.94 23.06 23.30
N ALA C 507 -21.21 24.30 22.86
CA ALA C 507 -21.61 25.35 23.78
C ALA C 507 -23.11 25.63 23.82
N TRP C 508 -23.86 25.29 22.76
CA TRP C 508 -25.25 25.67 22.57
C TRP C 508 -25.81 24.89 21.37
N ARG C 509 -27.08 24.48 21.44
CA ARG C 509 -27.74 23.86 20.29
C ARG C 509 -29.21 24.27 20.21
N SER C 510 -29.70 24.35 18.99
CA SER C 510 -31.13 24.51 18.72
C SER C 510 -31.52 23.41 17.75
N ARG C 511 -32.39 22.50 18.17
CA ARG C 511 -32.67 21.36 17.29
C ARG C 511 -33.53 21.75 16.10
N GLY C 512 -34.31 22.82 16.21
CA GLY C 512 -35.11 23.24 15.08
C GLY C 512 -34.91 24.70 14.77
N ARG C 513 -35.86 25.31 14.08
CA ARG C 513 -35.76 26.73 13.76
C ARG C 513 -36.00 27.57 15.01
N SER C 514 -35.67 28.85 14.90
CA SER C 514 -35.96 29.81 15.95
C SER C 514 -36.87 30.91 15.39
N PRO C 515 -37.81 31.41 16.20
CA PRO C 515 -38.63 32.55 15.76
C PRO C 515 -37.82 33.80 15.46
N ASP C 516 -36.66 33.98 16.10
CA ASP C 516 -35.77 35.10 15.83
C ASP C 516 -34.34 34.56 15.86
N PRO C 517 -33.89 33.98 14.74
CA PRO C 517 -32.58 33.32 14.74
C PRO C 517 -31.40 34.26 15.00
N PHE C 518 -31.51 35.53 14.60
CA PHE C 518 -30.47 36.49 14.97
C PHE C 518 -30.46 36.73 16.47
N ALA C 519 -31.62 36.93 17.10
CA ALA C 519 -31.65 37.26 18.52
C ALA C 519 -31.06 36.16 19.37
N THR C 520 -31.46 34.90 19.12
CA THR C 520 -31.00 33.81 19.95
C THR C 520 -29.52 33.49 19.70
N LEU C 521 -29.06 33.58 18.45
CA LEU C 521 -27.65 33.32 18.21
C LEU C 521 -26.79 34.43 18.80
N GLU C 522 -27.24 35.68 18.72
CA GLU C 522 -26.47 36.78 19.28
C GLU C 522 -26.34 36.64 20.80
N ALA C 523 -27.46 36.46 21.50
CA ALA C 523 -27.40 36.35 22.96
C ALA C 523 -26.63 35.11 23.39
N SER C 524 -26.71 34.02 22.61
CA SER C 524 -25.95 32.81 22.93
C SER C 524 -24.45 33.04 22.75
N PHE C 525 -24.06 33.53 21.57
CA PHE C 525 -22.66 33.83 21.29
C PHE C 525 -22.08 34.77 22.34
N ALA C 526 -22.88 35.72 22.81
CA ALA C 526 -22.37 36.68 23.78
C ALA C 526 -22.20 36.03 25.15
N ARG C 527 -23.19 35.22 25.57
CA ARG C 527 -23.13 34.63 26.91
C ARG C 527 -21.95 33.67 27.02
N VAL C 528 -21.80 32.77 26.05
CA VAL C 528 -20.74 31.77 26.13
C VAL C 528 -19.34 32.40 26.13
N ARG C 529 -19.25 33.70 25.85
CA ARG C 529 -18.03 34.48 25.92
C ARG C 529 -17.99 35.40 27.12
N GLY C 530 -18.79 35.11 28.14
CA GLY C 530 -18.69 35.82 29.39
C GLY C 530 -19.46 37.13 29.47
N PHE C 531 -20.12 37.58 28.39
CA PHE C 531 -20.93 38.77 28.44
C PHE C 531 -22.31 38.43 28.99
N ASP C 532 -22.86 39.33 29.83
CA ASP C 532 -24.06 39.05 30.62
C ASP C 532 -25.34 39.45 29.89
N THR C 533 -26.46 38.89 30.37
CA THR C 533 -27.79 38.95 29.73
C THR C 533 -27.69 38.75 28.22
#